data_9IP3
#
_entry.id   9IP3
#
_cell.length_a   1.00
_cell.length_b   1.00
_cell.length_c   1.00
_cell.angle_alpha   90.00
_cell.angle_beta   90.00
_cell.angle_gamma   90.00
#
_symmetry.space_group_name_H-M   'P 1'
#
loop_
_entity.id
_entity.type
_entity.pdbx_description
1 polymer 'Maltose/maltodextrin-binding periplasmic protein,RNA-directed RNA polymerase L'
2 polymer 'Maltose/maltodextrin-binding periplasmic protein,Polymerase cofactor VP35'
3 non-polymer 'ZINC ION'
#
loop_
_entity_poly.entity_id
_entity_poly.type
_entity_poly.pdbx_seq_one_letter_code
_entity_poly.pdbx_strand_id
1 'polypeptide(L)'
;MGSGWSHPQFEKGGGSGGGSGGSAWSHPQFEKGSASHHHHHHGTKTEEGKLVIWINGDKGYNGLAEVGKKFEKDTGIKVT
VEHPDKLEEKFPQVAATGDGPDIIFWAHDRFGGYAQSGLLAEITPDKAFQDKLYPFTWDAVRYNGKLIAYPIAVEALSLI
YNKDLLPNPPKTWEEIPALDKELKAKGKSALMFNLQEPYFTWPLIAADGGYAFKYENGKYDIKDVGVDNAGAKAGLTFLV
DLIKNKHMNADTDYSIAEAAFNKGETAMTINGPWAWSNIDTSKVNYGVTVLPTFKGQPSKPFVGVLSAGINAASPNKELA
KEFLENYLLTDEGLEAVNKDKPLGAVALKSYEEELAKDPRIAATMENAQKGEIMPNIPQMSAFWYAVRTAVINAASGRQT
VDEALKDAQTGTDYDIPTTLEVLFQGPGSMATQHTQYPDARLSSPIVLDQCDLVTRACGLYSSYSLNPQLRNCKLPKHIY
RLKYDVTVTKFLSDVPVATLPIDFIVPVLLKALSGNGFCPVEPRCQQFLDEIIKYTMQDALFLKYYLKNVGAQEDCVDEH
FQEKILSSIQGNEFLHQMFFWYDLAILTRRGRLNRGNSRSTWFVHDDLIDILGYGDYVFWKIPISMLPLNTQGIPHAAMD
WYQASVFKEAVQGHTHIVSVSTADVLIMCKDLITCRFNTTLISKIAEIEDPVCSDYPNFKIVSMLYQSGDYLLSILGSDG
YKIIKFLEPLCLAKIQLCSKYTERKGRFLTQMHLAVNHTLEEITEMRALKPSQAQKIREFHRTLIRLEMTPQQLCELFSI
QKHWGHPVLHSETAIQKVKKHATVLKALRPIVIFETYCVFKYSIAKHYFDSQGSWYSVTSDRNLTPGLNSYIKRNQFPPL
PMIKELLWEFYHLDHPPLFSTKIISDLSIFIKDRATAVERTCWDAVFEPNVLGYNPPHKFSTKRVPEQFLEQENFSIENV
LSYAQKLEYLLPQYRNFSFSLKEKELNVGRTFGKLPYPTRNVQTLCEALLADGLAKAFPSNMMVVTEREQKESLLHQASW
HHTSDDFGEHATVRGSSFVTDLEKYNLAFRYEFTAPFIEYCNRCYGVKNVFNWMHYTIPQCYMHVSDYYNPPHNLTLENR
DNPPEGPSSYRGHMGGIEGLQQKLWTSISCAQISLVEIKTGFKLRSAVMGDNQCITVLSVFPLETDADEQEQSAEDNAAR
VAASLAKVTSACGIFLKPDETFVHSGFIYFGKKQYLNGVQLPQSLKTATRMAPLSDAIFDDLQGTLASIGTAFERSISET
RHIFPCRITAAFHTFFSVRILQYHHLGFNKGFDLGQLTLGKPLDFGTISLALAVPQVLGGLSFLNPEKCFYRNLGDPVTS
GLFQLKTYLRMIEMDDLFLPLIAKNPGNCTAIDFVLNPSGLNVPGSQDLTSFLRQIVRRTITLSAKNKLINTLFHASADF
EDEMVCKWLLSSTPVMSRFAADIFSRTPSGKRLQILGYLEGTRTLLASKIINNNTETPVLDRLRKITLQRWSLWFSYLDH
CDNILAEALTQITCTVDLAQILREYSWAHILEGRPLIGATLPCMIEQFKVFWLKPYEQCPQCSNAKQPGGKPFVSVAVKK
HIVSAWPNASRISWTIGDGIPYIGSRTEDKIGQPAIKPKCPSAALREAIELASRLTWVTQGSSNSDLLIKPFLEARVNLS
VQEILQMTPSHYSGNIVHRYNDQYSPHSFMANRMSNSATRLIVSTNTLGEFSGGGQSARDSNIIFQNVINYAVALFDIKF
RNTEATDIQYNRAHLHLTKCCTREVPAQYLTYTSTLDLDLTRYRENELIYDSNPLKGGLNCNISFDNPFSRDYKDDDDK
;
A
2 'polypeptide(L)'
;MGSSHHHHHHGTKTEEGKLVIWINGDKGYNGLAEVGKKFEKDTGIKVTVEHPDKLEEKFPQVAATGDGPDIIFWAHDRFG
GYAQSGLLAEITPDKAFQDKLYPFTWDAVRYNGKLIAYPIAVEALSLIYNKDLLPNPPKTWEEIPALDKELKAKGKSALM
FNLQEPYFTWPLIAADGGYAFKYENGKYDIKDVGVDNAGAKAGLTFLVDLIKNKHMNADTDYSIAEAAFNKGETAMTING
PWAWSNIDTSKVNYGVTVLPTFKGQPSKPFVGVLSAGINAASPNKELAKEFLENYLLTDEGLEAVNKDKPLGAVALKSYE
EELAKDPRIAATMENAQKGEIMPNIPQMSAFWYAVRTAVINAASGRQTVDEALKDAQTGTDYDIPTTENLYFQGGSNHSF
EEVVQTLASLATVVQQQTIASESLEQRITSLENGLKPVYDMAKTISSLNRVCAEMVAKYDLLVMTTGRATATAAATEAYW
AEHGQPPPGPSLYEESAIRGKIESRDETVPQSVREAFNNLNSTTSLTEENFGKPDISAKDLRNIMYDHLPGFGTAFHQLV
QVICKLGKDSNSLDIIHAEFQASLAEGDSPQCALIQITKRVPIFQDAAPPVIHIRSRGDIPRACQKSLRPVPPSPKIDRG
WVCVFQLQDGKTLGLKI
;
B,C,D,E
#
# COMPACT_ATOMS: atom_id res chain seq x y z
N THR A 435 -2.84 9.65 32.24
CA THR A 435 -3.23 10.04 30.88
C THR A 435 -2.67 9.06 29.86
N GLN A 436 -3.38 7.94 29.67
CA GLN A 436 -2.89 6.91 28.77
C GLN A 436 -4.04 6.03 28.32
N TYR A 437 -3.80 5.31 27.25
CA TYR A 437 -4.83 4.47 26.72
C TYR A 437 -4.23 3.36 25.89
N PRO A 438 -4.21 2.13 26.39
CA PRO A 438 -3.66 1.01 25.60
C PRO A 438 -4.50 0.72 24.36
N ASP A 439 -3.82 0.61 23.23
CA ASP A 439 -4.49 0.35 21.97
C ASP A 439 -5.12 -1.05 21.98
N ALA A 440 -6.24 -1.18 21.29
CA ALA A 440 -6.97 -2.44 21.27
C ALA A 440 -6.29 -3.48 20.40
N ARG A 441 -5.83 -3.08 19.20
CA ARG A 441 -5.20 -3.98 18.24
C ARG A 441 -3.69 -3.76 18.23
N LEU A 442 -2.99 -4.70 17.62
CA LEU A 442 -1.55 -4.57 17.48
C LEU A 442 -1.25 -3.41 16.55
N SER A 443 -0.51 -2.39 17.02
CA SER A 443 -0.12 -1.28 16.15
C SER A 443 1.34 -0.87 16.28
N SER A 444 2.14 -1.58 17.06
CA SER A 444 3.54 -1.26 17.26
C SER A 444 4.39 -2.47 16.91
N PRO A 445 5.64 -2.26 16.53
CA PRO A 445 6.44 -3.40 16.13
C PRO A 445 6.75 -4.21 17.36
N ILE A 446 6.77 -5.53 17.17
CA ILE A 446 7.01 -6.40 18.30
C ILE A 446 8.49 -6.23 18.61
N VAL A 447 8.81 -5.41 19.58
CA VAL A 447 10.18 -5.27 19.99
C VAL A 447 10.25 -5.68 21.45
N LEU A 448 11.07 -6.68 21.74
CA LEU A 448 11.07 -7.25 23.08
C LEU A 448 12.31 -6.87 23.87
N ASP A 449 13.05 -5.84 23.46
CA ASP A 449 14.25 -5.51 24.23
C ASP A 449 13.90 -5.12 25.66
N GLN A 450 12.74 -4.50 25.87
CA GLN A 450 12.37 -4.11 27.22
C GLN A 450 12.17 -5.32 28.11
N CYS A 451 11.67 -6.42 27.54
CA CYS A 451 11.46 -7.58 28.41
C CYS A 451 12.74 -8.04 29.03
N ASP A 452 13.87 -7.76 28.40
CA ASP A 452 15.14 -8.17 28.97
C ASP A 452 15.39 -7.54 30.35
N LEU A 453 14.91 -6.31 30.59
CA LEU A 453 15.06 -5.77 31.95
C LEU A 453 14.09 -6.44 32.91
N VAL A 454 12.86 -6.71 32.45
CA VAL A 454 11.89 -7.33 33.35
C VAL A 454 12.46 -8.60 33.93
N THR A 455 12.99 -9.47 33.09
CA THR A 455 13.49 -10.73 33.63
C THR A 455 14.61 -10.50 34.63
N ARG A 456 15.40 -9.44 34.45
CA ARG A 456 16.49 -9.21 35.38
C ARG A 456 15.98 -8.74 36.73
N ALA A 457 14.87 -8.02 36.73
CA ALA A 457 14.30 -7.59 37.99
C ALA A 457 13.64 -8.76 38.71
N CYS A 458 12.95 -9.62 37.98
CA CYS A 458 12.28 -10.72 38.63
C CYS A 458 13.24 -11.79 39.13
N GLY A 459 14.53 -11.71 38.79
CA GLY A 459 15.43 -12.80 39.07
C GLY A 459 15.58 -13.79 37.94
N LEU A 460 14.76 -13.67 36.89
CA LEU A 460 14.86 -14.54 35.72
C LEU A 460 16.08 -14.18 34.87
N TYR A 461 16.20 -14.81 33.69
CA TYR A 461 17.24 -14.54 32.71
C TYR A 461 16.64 -14.65 31.32
N SER A 462 16.96 -13.70 30.45
CA SER A 462 16.53 -13.75 29.05
C SER A 462 17.52 -12.95 28.22
N SER A 463 17.56 -13.22 26.93
CA SER A 463 18.50 -12.47 26.10
C SER A 463 17.85 -12.03 24.80
N TYR A 464 16.65 -11.45 24.90
CA TYR A 464 15.97 -10.92 23.73
C TYR A 464 16.85 -9.94 22.99
N SER A 465 17.47 -9.01 23.71
CA SER A 465 18.11 -7.89 23.06
C SER A 465 19.53 -8.26 22.67
N LEU A 466 19.92 -7.86 21.46
CA LEU A 466 21.29 -8.02 21.00
C LEU A 466 22.19 -6.95 21.55
N ASN A 467 21.72 -6.19 22.50
CA ASN A 467 22.49 -5.07 22.94
C ASN A 467 23.11 -5.42 24.26
N PRO A 468 24.43 -5.44 24.41
CA PRO A 468 25.00 -5.80 25.71
C PRO A 468 24.68 -4.81 26.77
N GLN A 469 24.25 -3.61 26.41
CA GLN A 469 23.90 -2.61 27.41
C GLN A 469 22.74 -3.10 28.27
N LEU A 470 21.77 -3.80 27.69
CA LEU A 470 20.63 -4.17 28.51
C LEU A 470 20.94 -5.26 29.52
N ARG A 471 22.10 -5.90 29.45
CA ARG A 471 22.47 -6.87 30.47
C ARG A 471 22.77 -6.20 31.79
N ASN A 472 23.54 -5.11 31.77
CA ASN A 472 24.08 -4.51 32.99
C ASN A 472 23.68 -3.04 33.15
N CYS A 473 22.60 -2.62 32.52
CA CYS A 473 22.16 -1.25 32.71
C CYS A 473 21.38 -1.14 34.02
N LYS A 474 21.19 0.08 34.47
CA LYS A 474 20.43 0.29 35.70
C LYS A 474 18.95 0.07 35.43
N LEU A 475 18.30 -0.70 36.29
CA LEU A 475 16.91 -1.05 36.09
C LEU A 475 16.02 0.18 36.20
N PRO A 476 15.05 0.33 35.31
CA PRO A 476 14.09 1.43 35.47
C PRO A 476 13.36 1.26 36.78
N LYS A 477 13.09 2.38 37.45
CA LYS A 477 12.41 2.32 38.75
C LYS A 477 10.99 1.80 38.62
N HIS A 478 10.40 1.92 37.44
CA HIS A 478 9.08 1.37 37.24
C HIS A 478 9.05 -0.14 37.48
N ILE A 479 10.04 -0.86 36.93
CA ILE A 479 10.05 -2.32 37.01
C ILE A 479 11.04 -2.85 38.01
N TYR A 480 11.85 -2.00 38.62
CA TYR A 480 12.65 -2.49 39.71
C TYR A 480 11.78 -2.96 40.84
N ARG A 481 10.55 -2.49 40.92
CA ARG A 481 9.72 -2.84 42.05
C ARG A 481 9.18 -4.26 41.95
N LEU A 482 9.32 -4.93 40.81
CA LEU A 482 8.82 -6.29 40.71
C LEU A 482 9.42 -7.18 41.78
N LYS A 483 10.65 -6.89 42.21
CA LYS A 483 11.22 -7.70 43.26
C LYS A 483 10.51 -7.48 44.58
N TYR A 484 9.87 -6.33 44.78
CA TYR A 484 9.09 -6.13 45.99
C TYR A 484 7.69 -6.67 45.86
N ASP A 485 7.28 -7.04 44.66
CA ASP A 485 5.96 -7.59 44.48
C ASP A 485 5.89 -8.97 45.13
N VAL A 486 4.77 -9.27 45.78
CA VAL A 486 4.53 -10.61 46.30
C VAL A 486 3.90 -11.53 45.25
N THR A 487 2.97 -11.00 44.44
CA THR A 487 2.30 -11.82 43.46
C THR A 487 3.30 -12.37 42.44
N VAL A 488 4.26 -11.56 42.01
CA VAL A 488 5.24 -12.02 41.03
C VAL A 488 6.18 -13.07 41.64
N THR A 489 6.61 -12.86 42.87
CA THR A 489 7.49 -13.84 43.50
C THR A 489 6.79 -15.17 43.67
N LYS A 490 5.53 -15.14 44.12
CA LYS A 490 4.80 -16.39 44.30
C LYS A 490 4.52 -17.06 42.97
N PHE A 491 4.40 -16.27 41.91
CA PHE A 491 4.19 -16.85 40.58
C PHE A 491 5.41 -17.58 40.08
N LEU A 492 6.58 -16.93 40.16
CA LEU A 492 7.79 -17.55 39.63
C LEU A 492 8.61 -18.31 40.69
N SER A 493 8.03 -18.66 41.84
CA SER A 493 8.78 -19.43 42.84
C SER A 493 9.16 -20.82 42.33
N ASP A 494 8.24 -21.48 41.63
CA ASP A 494 8.43 -22.85 41.14
C ASP A 494 8.91 -22.91 39.68
N VAL A 495 9.70 -21.93 39.25
CA VAL A 495 10.19 -21.80 37.87
C VAL A 495 11.70 -21.60 37.90
N PRO A 496 12.46 -22.18 36.97
CA PRO A 496 13.90 -22.01 36.99
C PRO A 496 14.25 -20.60 36.58
N VAL A 497 15.50 -20.24 36.84
CA VAL A 497 15.96 -18.92 36.43
C VAL A 497 15.90 -18.77 34.93
N ALA A 498 16.06 -19.85 34.19
CA ALA A 498 16.02 -19.73 32.72
C ALA A 498 14.60 -19.46 32.23
N THR A 499 14.49 -18.73 31.14
CA THR A 499 13.23 -18.55 30.47
C THR A 499 13.43 -18.83 29.02
N LEU A 500 12.39 -18.64 28.23
CA LEU A 500 12.55 -18.93 26.82
C LEU A 500 11.98 -17.80 26.00
N PRO A 501 12.56 -17.55 24.83
CA PRO A 501 12.03 -16.50 23.98
C PRO A 501 10.59 -16.78 23.57
N ILE A 502 9.77 -15.72 23.55
CA ILE A 502 8.34 -15.91 23.26
C ILE A 502 8.09 -16.15 21.78
N ASP A 503 9.11 -15.96 20.98
CA ASP A 503 9.06 -16.40 19.59
C ASP A 503 8.69 -17.88 19.43
N PHE A 504 9.32 -18.73 20.21
CA PHE A 504 9.10 -20.15 20.15
C PHE A 504 7.89 -20.58 20.93
N ILE A 505 7.45 -19.78 21.88
CA ILE A 505 6.31 -20.18 22.68
C ILE A 505 5.01 -19.70 22.09
N VAL A 506 5.04 -18.75 21.18
CA VAL A 506 3.79 -18.25 20.64
C VAL A 506 3.02 -19.37 19.99
N PRO A 507 3.62 -20.25 19.19
CA PRO A 507 2.85 -21.36 18.61
C PRO A 507 2.29 -22.33 19.64
N VAL A 508 3.01 -22.54 20.73
CA VAL A 508 2.49 -23.37 21.81
C VAL A 508 1.23 -22.75 22.41
N LEU A 509 1.29 -21.47 22.76
CA LEU A 509 0.13 -20.80 23.33
C LEU A 509 -1.05 -20.88 22.37
N LEU A 510 -0.79 -20.77 21.07
CA LEU A 510 -1.90 -20.75 20.14
C LEU A 510 -2.62 -22.09 20.07
N LYS A 511 -2.04 -23.15 20.61
CA LYS A 511 -2.69 -24.46 20.69
C LYS A 511 -3.01 -24.89 22.12
N ALA A 512 -2.11 -24.64 23.07
CA ALA A 512 -2.35 -25.07 24.45
C ALA A 512 -3.46 -24.27 25.09
N LEU A 513 -3.50 -22.96 24.85
CA LEU A 513 -4.50 -22.14 25.52
C LEU A 513 -5.90 -22.45 25.01
N SER A 514 -6.84 -22.54 25.93
CA SER A 514 -8.25 -22.75 25.66
C SER A 514 -9.05 -21.91 26.65
N GLY A 515 -10.37 -22.08 26.66
CA GLY A 515 -11.20 -21.36 27.61
C GLY A 515 -11.62 -22.09 28.87
N ASN A 516 -11.06 -23.27 29.16
CA ASN A 516 -11.64 -24.11 30.20
C ASN A 516 -11.25 -23.71 31.60
N GLY A 517 -10.24 -22.85 31.78
CA GLY A 517 -9.79 -22.49 33.10
C GLY A 517 -10.56 -21.32 33.69
N PHE A 518 -10.08 -20.85 34.85
CA PHE A 518 -10.67 -19.68 35.48
C PHE A 518 -9.88 -18.42 35.14
N CYS A 519 -10.60 -17.38 34.70
CA CYS A 519 -10.02 -16.09 34.32
C CYS A 519 -10.69 -14.96 35.09
N PRO A 520 -9.94 -13.99 35.63
CA PRO A 520 -10.55 -12.94 36.47
C PRO A 520 -11.21 -11.83 35.63
N VAL A 521 -12.18 -12.24 34.81
CA VAL A 521 -12.97 -11.34 33.97
C VAL A 521 -14.41 -11.75 34.12
N GLU A 522 -15.26 -10.80 34.50
CA GLU A 522 -16.65 -11.12 34.58
C GLU A 522 -17.45 -9.97 34.02
N PRO A 523 -18.38 -10.22 33.14
CA PRO A 523 -18.72 -11.54 32.65
C PRO A 523 -17.76 -12.03 31.62
N ARG A 524 -17.52 -13.34 31.58
CA ARG A 524 -16.61 -13.91 30.59
C ARG A 524 -17.16 -13.66 29.21
N CYS A 525 -16.27 -13.48 28.24
CA CYS A 525 -16.77 -13.32 26.88
C CYS A 525 -17.44 -14.59 26.38
N GLN A 526 -17.24 -15.72 27.04
CA GLN A 526 -17.87 -16.95 26.54
C GLN A 526 -19.36 -16.93 26.77
N GLN A 527 -19.82 -16.25 27.81
CA GLN A 527 -21.25 -16.22 28.08
C GLN A 527 -22.00 -15.56 26.94
N PHE A 528 -21.43 -14.50 26.39
CA PHE A 528 -22.11 -13.83 25.29
C PHE A 528 -22.37 -14.76 24.15
N LEU A 529 -21.59 -15.83 24.01
CA LEU A 529 -21.67 -16.62 22.80
C LEU A 529 -23.10 -17.01 22.50
N ASP A 530 -23.80 -17.50 23.52
CA ASP A 530 -25.14 -18.06 23.31
C ASP A 530 -26.09 -17.06 22.64
N GLU A 531 -25.92 -15.77 22.88
CA GLU A 531 -26.78 -14.79 22.23
C GLU A 531 -26.13 -14.17 21.01
N ILE A 532 -24.80 -14.09 20.96
CA ILE A 532 -24.14 -13.64 19.74
C ILE A 532 -24.60 -14.49 18.58
N ILE A 533 -24.56 -15.81 18.78
CA ILE A 533 -25.07 -16.70 17.75
C ILE A 533 -26.52 -16.41 17.48
N LYS A 534 -27.30 -16.22 18.53
CA LYS A 534 -28.71 -15.92 18.29
C LYS A 534 -28.85 -14.68 17.42
N TYR A 535 -27.93 -13.72 17.57
CA TYR A 535 -27.98 -12.54 16.72
C TYR A 535 -27.47 -12.86 15.33
N THR A 536 -26.32 -13.52 15.25
CA THR A 536 -25.74 -13.83 13.95
C THR A 536 -26.75 -14.52 13.09
N MET A 537 -27.33 -15.60 13.60
CA MET A 537 -28.33 -16.29 12.82
C MET A 537 -29.43 -15.33 12.44
N GLN A 538 -29.94 -14.58 13.41
CA GLN A 538 -31.02 -13.67 13.06
C GLN A 538 -30.59 -12.70 11.98
N ASP A 539 -29.38 -12.17 12.07
CA ASP A 539 -28.95 -11.25 11.02
C ASP A 539 -28.85 -11.95 9.69
N ALA A 540 -28.23 -13.13 9.65
CA ALA A 540 -28.23 -13.89 8.42
C ALA A 540 -29.64 -13.98 7.90
N LEU A 541 -30.59 -14.28 8.79
CA LEU A 541 -31.95 -14.45 8.33
C LEU A 541 -32.47 -13.17 7.70
N PHE A 542 -32.25 -12.03 8.35
CA PHE A 542 -32.61 -10.75 7.74
C PHE A 542 -32.02 -10.63 6.35
N LEU A 543 -30.72 -10.92 6.21
CA LEU A 543 -30.12 -10.77 4.90
C LEU A 543 -30.89 -11.59 3.92
N LYS A 544 -31.15 -12.84 4.26
CA LYS A 544 -31.89 -13.65 3.32
C LYS A 544 -33.24 -13.01 3.02
N TYR A 545 -33.91 -12.51 4.05
CA TYR A 545 -35.22 -11.91 3.82
C TYR A 545 -35.10 -10.73 2.89
N TYR A 546 -34.14 -9.87 3.12
CA TYR A 546 -33.94 -8.76 2.23
C TYR A 546 -33.86 -9.24 0.81
N LEU A 547 -33.00 -10.22 0.57
CA LEU A 547 -32.80 -10.68 -0.81
C LEU A 547 -34.09 -11.25 -1.38
N LYS A 548 -34.86 -11.97 -0.56
CA LYS A 548 -36.13 -12.50 -1.05
C LYS A 548 -37.06 -11.41 -1.60
N ASN A 549 -37.04 -10.20 -1.03
CA ASN A 549 -37.96 -9.24 -1.62
C ASN A 549 -37.30 -8.39 -2.70
N VAL A 550 -35.97 -8.43 -2.84
CA VAL A 550 -35.38 -7.65 -3.90
C VAL A 550 -35.39 -8.44 -5.18
N GLY A 551 -35.51 -9.75 -5.11
CA GLY A 551 -35.46 -10.58 -6.28
C GLY A 551 -34.13 -11.25 -6.53
N ALA A 552 -33.22 -11.25 -5.55
CA ALA A 552 -31.90 -11.81 -5.72
C ALA A 552 -31.68 -13.05 -4.86
N GLN A 553 -32.70 -13.92 -4.76
CA GLN A 553 -32.56 -15.12 -3.96
C GLN A 553 -32.13 -16.27 -4.85
N GLU A 554 -31.19 -17.07 -4.35
CA GLU A 554 -30.76 -18.25 -5.06
C GLU A 554 -31.93 -19.19 -5.30
N ASP A 555 -31.98 -19.77 -6.49
CA ASP A 555 -33.05 -20.71 -6.79
C ASP A 555 -32.98 -21.95 -5.90
N CYS A 556 -31.78 -22.51 -5.72
CA CYS A 556 -31.57 -23.65 -4.85
C CYS A 556 -31.51 -23.18 -3.40
N VAL A 557 -32.39 -23.73 -2.56
CA VAL A 557 -32.55 -23.28 -1.18
C VAL A 557 -32.06 -24.39 -0.25
N ASP A 558 -31.04 -24.08 0.56
CA ASP A 558 -30.51 -25.04 1.54
C ASP A 558 -31.48 -25.08 2.72
N GLU A 559 -32.18 -26.20 2.86
CA GLU A 559 -33.24 -26.29 3.85
C GLU A 559 -32.68 -26.11 5.26
N HIS A 560 -31.43 -26.51 5.49
CA HIS A 560 -30.82 -26.42 6.79
C HIS A 560 -29.84 -25.27 6.90
N PHE A 561 -30.15 -24.14 6.27
CA PHE A 561 -29.15 -23.09 6.20
C PHE A 561 -28.84 -22.54 7.57
N GLN A 562 -29.88 -22.21 8.33
CA GLN A 562 -29.65 -21.76 9.71
C GLN A 562 -28.92 -22.83 10.49
N GLU A 563 -29.28 -24.09 10.30
CA GLU A 563 -28.67 -25.13 11.11
C GLU A 563 -27.19 -25.17 10.79
N LYS A 564 -26.86 -25.11 9.51
CA LYS A 564 -25.46 -25.18 9.10
C LYS A 564 -24.70 -24.02 9.71
N ILE A 565 -25.28 -22.83 9.70
CA ILE A 565 -24.60 -21.69 10.31
C ILE A 565 -24.34 -21.97 11.77
N LEU A 566 -25.33 -22.51 12.46
CA LEU A 566 -25.18 -22.77 13.89
C LEU A 566 -24.08 -23.80 14.13
N SER A 567 -24.09 -24.89 13.36
CA SER A 567 -23.04 -25.90 13.50
C SER A 567 -21.68 -25.29 13.19
N SER A 568 -21.58 -24.54 12.09
CA SER A 568 -20.33 -23.96 11.68
C SER A 568 -19.78 -23.06 12.76
N ILE A 569 -20.63 -22.23 13.36
CA ILE A 569 -20.12 -21.32 14.36
C ILE A 569 -19.73 -22.10 15.61
N GLN A 570 -20.51 -23.10 15.99
CA GLN A 570 -20.21 -23.85 17.21
C GLN A 570 -18.94 -24.68 17.04
N GLY A 571 -18.81 -25.38 15.93
CA GLY A 571 -17.70 -26.28 15.82
C GLY A 571 -16.41 -25.64 15.36
N ASN A 572 -16.43 -24.34 15.09
CA ASN A 572 -15.22 -23.63 14.75
C ASN A 572 -14.16 -23.91 15.81
N GLU A 573 -12.93 -24.14 15.38
CA GLU A 573 -11.99 -24.60 16.37
C GLU A 573 -11.28 -23.48 17.10
N PHE A 574 -11.42 -22.24 16.66
CA PHE A 574 -10.82 -21.13 17.39
C PHE A 574 -11.86 -20.30 18.11
N LEU A 575 -13.08 -20.83 18.26
CA LEU A 575 -14.11 -20.08 18.96
C LEU A 575 -13.70 -19.86 20.41
N HIS A 576 -13.58 -20.94 21.17
CA HIS A 576 -13.28 -20.77 22.57
C HIS A 576 -11.92 -20.16 22.78
N GLN A 577 -11.00 -20.40 21.86
CA GLN A 577 -9.72 -19.75 22.01
C GLN A 577 -9.85 -18.24 21.78
N MET A 578 -10.67 -17.84 20.81
CA MET A 578 -10.82 -16.41 20.54
C MET A 578 -11.41 -15.68 21.74
N PHE A 579 -12.46 -16.26 22.33
CA PHE A 579 -13.01 -15.64 23.53
C PHE A 579 -11.97 -15.59 24.65
N PHE A 580 -11.20 -16.65 24.83
CA PHE A 580 -10.22 -16.57 25.88
C PHE A 580 -9.21 -15.46 25.60
N TRP A 581 -8.79 -15.30 24.35
CA TRP A 581 -7.78 -14.30 24.03
C TRP A 581 -8.33 -12.90 24.14
N TYR A 582 -9.65 -12.72 23.96
CA TYR A 582 -10.25 -11.42 24.26
C TYR A 582 -10.27 -11.16 25.76
N ASP A 583 -10.50 -12.18 26.57
CA ASP A 583 -10.39 -11.94 28.01
C ASP A 583 -8.99 -11.53 28.38
N LEU A 584 -7.99 -12.19 27.83
CA LEU A 584 -6.63 -11.79 28.16
C LEU A 584 -6.33 -10.37 27.67
N ALA A 585 -6.82 -10.01 26.48
CA ALA A 585 -6.62 -8.64 26.02
C ALA A 585 -7.33 -7.64 26.92
N ILE A 586 -8.57 -7.93 27.36
CA ILE A 586 -9.28 -7.07 28.31
C ILE A 586 -8.45 -6.85 29.56
N LEU A 587 -8.01 -7.94 30.15
CA LEU A 587 -7.20 -7.85 31.33
C LEU A 587 -5.97 -7.04 31.07
N THR A 588 -5.29 -7.26 29.96
CA THR A 588 -4.04 -6.52 29.79
C THR A 588 -4.27 -5.08 29.40
N ARG A 589 -5.45 -4.74 28.86
CA ARG A 589 -5.77 -3.34 28.60
C ARG A 589 -5.97 -2.60 29.92
N ARG A 590 -6.88 -3.09 30.74
CA ARG A 590 -7.02 -2.56 32.09
C ARG A 590 -5.68 -2.49 32.78
N GLY A 591 -4.85 -3.50 32.60
CA GLY A 591 -3.57 -3.52 33.26
C GLY A 591 -2.70 -2.38 32.78
N ARG A 592 -2.70 -2.12 31.48
CA ARG A 592 -1.83 -1.07 30.97
C ARG A 592 -2.33 0.31 31.40
N LEU A 593 -3.66 0.50 31.42
CA LEU A 593 -4.21 1.81 31.74
C LEU A 593 -3.77 2.27 33.11
N ASN A 594 -3.67 1.35 34.04
CA ASN A 594 -3.27 1.72 35.39
C ASN A 594 -1.96 1.03 35.76
N ARG A 595 -0.97 1.10 34.86
CA ARG A 595 0.29 0.36 35.01
C ARG A 595 1.04 0.72 36.30
N GLY A 596 0.93 1.97 36.76
CA GLY A 596 1.57 2.38 38.02
C GLY A 596 0.80 2.03 39.28
N ASN A 597 -0.50 1.73 39.17
CA ASN A 597 -1.36 1.40 40.31
C ASN A 597 -1.23 -0.10 40.66
N SER A 598 -1.90 -0.50 41.76
CA SER A 598 -1.84 -1.89 42.23
C SER A 598 -2.65 -2.86 41.35
N ARG A 599 -3.61 -2.34 40.56
CA ARG A 599 -4.50 -3.14 39.72
C ARG A 599 -3.80 -3.72 38.49
N SER A 600 -2.51 -3.40 38.26
CA SER A 600 -1.82 -3.89 37.06
C SER A 600 -1.76 -5.42 37.03
N THR A 601 -1.41 -6.05 38.15
CA THR A 601 -1.18 -7.48 38.13
C THR A 601 -2.47 -8.20 37.96
N TRP A 602 -2.44 -9.24 37.17
CA TRP A 602 -3.59 -10.10 36.99
C TRP A 602 -3.06 -11.49 36.74
N PHE A 603 -3.86 -12.49 37.10
CA PHE A 603 -3.41 -13.86 37.07
C PHE A 603 -4.46 -14.72 36.43
N VAL A 604 -4.06 -15.54 35.49
CA VAL A 604 -4.97 -16.44 34.83
C VAL A 604 -4.37 -17.82 34.85
N HIS A 605 -5.17 -18.79 35.20
CA HIS A 605 -4.70 -20.16 35.30
C HIS A 605 -5.53 -20.99 34.36
N ASP A 606 -4.97 -21.32 33.20
CA ASP A 606 -5.64 -22.22 32.29
C ASP A 606 -5.37 -23.66 32.72
N ASP A 607 -5.72 -24.60 31.84
CA ASP A 607 -5.51 -26.00 32.16
C ASP A 607 -4.06 -26.29 32.49
N LEU A 608 -3.13 -25.73 31.70
CA LEU A 608 -1.71 -25.99 31.91
C LEU A 608 -0.82 -24.76 31.78
N ILE A 609 -1.37 -23.60 31.48
CA ILE A 609 -0.60 -22.37 31.25
C ILE A 609 -0.96 -21.34 32.32
N ASP A 610 0.04 -20.66 32.87
CA ASP A 610 -0.22 -19.59 33.82
C ASP A 610 0.28 -18.29 33.25
N ILE A 611 -0.55 -17.28 33.29
CA ILE A 611 -0.32 -16.18 32.39
C ILE A 611 -0.23 -14.92 33.23
N LEU A 612 0.34 -15.03 34.41
CA LEU A 612 0.37 -13.86 35.27
C LEU A 612 0.95 -12.68 34.55
N GLY A 613 0.34 -11.52 34.74
CA GLY A 613 0.74 -10.39 33.93
C GLY A 613 0.85 -9.09 34.69
N TYR A 614 1.88 -8.33 34.40
CA TYR A 614 2.13 -7.04 35.03
C TYR A 614 1.52 -5.95 34.17
N GLY A 615 1.92 -4.71 34.40
CA GLY A 615 1.37 -3.63 33.61
C GLY A 615 1.35 -3.91 32.11
N ASP A 616 2.53 -3.93 31.48
CA ASP A 616 2.62 -4.27 30.07
C ASP A 616 3.67 -5.33 29.84
N TYR A 617 3.93 -6.14 30.84
CA TYR A 617 4.71 -7.34 30.70
C TYR A 617 3.83 -8.53 31.06
N VAL A 618 3.81 -9.54 30.22
CA VAL A 618 3.05 -10.75 30.48
C VAL A 618 4.01 -11.88 30.71
N PHE A 619 3.96 -12.51 31.87
CA PHE A 619 4.72 -13.71 32.12
C PHE A 619 3.88 -14.92 31.73
N TRP A 620 4.46 -15.85 30.97
CA TRP A 620 3.73 -17.06 30.65
C TRP A 620 4.44 -18.25 31.29
N LYS A 621 3.71 -19.06 32.05
CA LYS A 621 4.28 -20.24 32.66
C LYS A 621 3.80 -21.44 31.86
N ILE A 622 4.72 -22.13 31.20
CA ILE A 622 4.36 -23.21 30.28
C ILE A 622 5.04 -24.51 30.69
N PRO A 623 4.45 -25.67 30.38
CA PRO A 623 5.10 -26.94 30.73
C PRO A 623 6.27 -27.21 29.79
N ILE A 624 7.41 -27.59 30.36
CA ILE A 624 8.54 -27.92 29.49
C ILE A 624 8.16 -29.05 28.56
N SER A 625 7.30 -29.95 29.00
CA SER A 625 7.07 -31.15 28.22
C SER A 625 6.60 -30.83 26.82
N MET A 626 5.91 -29.71 26.63
CA MET A 626 5.29 -29.47 25.33
C MET A 626 6.16 -28.61 24.42
N LEU A 627 7.45 -28.47 24.71
CA LEU A 627 8.39 -27.83 23.79
C LEU A 627 9.05 -28.88 22.89
N PRO A 628 9.09 -28.70 21.57
CA PRO A 628 9.86 -29.64 20.74
C PRO A 628 11.34 -29.60 21.13
N LEU A 629 11.97 -30.77 21.13
CA LEU A 629 13.38 -30.87 21.50
C LEU A 629 14.27 -30.93 20.28
N ASN A 630 15.54 -30.74 20.51
CA ASN A 630 16.56 -30.84 19.48
C ASN A 630 17.38 -32.10 19.73
N THR A 631 18.40 -32.33 18.92
CA THR A 631 19.17 -33.55 19.16
C THR A 631 19.92 -33.47 20.47
N GLN A 632 20.38 -32.29 20.84
CA GLN A 632 21.17 -32.19 22.07
C GLN A 632 20.33 -32.42 23.32
N GLY A 633 19.01 -32.46 23.20
CA GLY A 633 18.16 -32.69 24.35
C GLY A 633 17.60 -31.47 25.05
N ILE A 634 17.74 -30.28 24.48
CA ILE A 634 17.14 -29.08 25.05
C ILE A 634 16.11 -28.57 24.07
N PRO A 635 15.12 -27.82 24.51
CA PRO A 635 14.12 -27.32 23.58
C PRO A 635 14.76 -26.41 22.55
N HIS A 636 14.15 -26.36 21.37
CA HIS A 636 14.69 -25.49 20.33
C HIS A 636 14.75 -24.04 20.77
N ALA A 637 13.90 -23.64 21.71
CA ALA A 637 14.01 -22.29 22.23
C ALA A 637 15.31 -22.09 22.99
N ALA A 638 15.80 -23.13 23.63
CA ALA A 638 16.97 -22.88 24.43
C ALA A 638 18.23 -22.79 23.60
N MET A 639 18.19 -23.26 22.36
CA MET A 639 19.41 -23.28 21.57
C MET A 639 19.95 -21.87 21.38
N ASP A 640 19.09 -20.91 21.12
CA ASP A 640 19.59 -19.57 20.88
C ASP A 640 20.34 -19.03 22.08
N TRP A 641 19.86 -19.26 23.29
CA TRP A 641 20.39 -18.51 24.42
C TRP A 641 21.31 -19.31 25.31
N TYR A 642 20.97 -20.56 25.59
CA TYR A 642 21.69 -21.39 26.53
C TYR A 642 22.48 -22.46 25.81
N GLN A 643 23.75 -22.60 26.17
CA GLN A 643 24.48 -23.77 25.73
C GLN A 643 23.89 -25.01 26.39
N ALA A 644 23.74 -26.10 25.65
CA ALA A 644 23.21 -27.32 26.24
C ALA A 644 24.05 -27.72 27.45
N SER A 645 23.48 -28.56 28.31
CA SER A 645 24.06 -28.96 29.59
C SER A 645 24.17 -27.79 30.55
N VAL A 646 23.75 -26.60 30.12
CA VAL A 646 23.47 -25.50 31.01
C VAL A 646 21.99 -25.23 31.09
N PHE A 647 21.21 -25.54 30.04
CA PHE A 647 19.77 -25.42 30.13
C PHE A 647 19.17 -26.57 30.93
N LYS A 648 19.68 -27.78 30.72
CA LYS A 648 19.14 -28.91 31.47
C LYS A 648 19.62 -28.93 32.92
N GLU A 649 20.68 -28.19 33.25
CA GLU A 649 21.03 -28.10 34.67
C GLU A 649 20.24 -26.98 35.35
N ALA A 650 19.90 -25.93 34.63
CA ALA A 650 18.99 -24.93 35.17
C ALA A 650 17.59 -25.49 35.31
N VAL A 651 17.10 -26.15 34.26
CA VAL A 651 15.77 -26.78 34.32
C VAL A 651 15.98 -28.21 34.78
N GLN A 652 16.16 -28.38 36.09
CA GLN A 652 16.54 -29.68 36.61
C GLN A 652 15.32 -30.45 37.10
N GLY A 653 14.65 -29.94 38.12
CA GLY A 653 13.47 -30.61 38.62
C GLY A 653 12.22 -29.89 38.16
N HIS A 654 12.39 -28.71 37.57
CA HIS A 654 11.24 -27.90 37.24
C HIS A 654 10.51 -28.50 36.06
N THR A 655 9.21 -28.39 36.11
CA THR A 655 8.39 -28.83 35.02
C THR A 655 7.77 -27.68 34.29
N HIS A 656 7.77 -26.49 34.89
CA HIS A 656 7.25 -25.31 34.24
C HIS A 656 8.32 -24.25 34.12
N ILE A 657 8.27 -23.53 33.00
CA ILE A 657 9.24 -22.51 32.70
C ILE A 657 8.51 -21.25 32.23
N VAL A 658 9.07 -20.06 32.53
CA VAL A 658 8.39 -18.80 32.23
C VAL A 658 9.01 -18.23 30.98
N SER A 659 8.32 -17.24 30.37
CA SER A 659 8.78 -16.59 29.14
C SER A 659 8.18 -15.18 29.09
N VAL A 660 8.96 -14.19 29.51
CA VAL A 660 8.48 -12.83 29.66
C VAL A 660 8.28 -12.19 28.30
N SER A 661 7.11 -11.61 28.05
CA SER A 661 6.85 -10.99 26.76
C SER A 661 6.02 -9.73 26.97
N THR A 662 6.13 -8.81 26.02
CA THR A 662 5.41 -7.56 26.18
C THR A 662 3.94 -7.79 25.90
N ALA A 663 3.10 -6.92 26.44
CA ALA A 663 1.68 -7.09 26.23
C ALA A 663 1.34 -7.05 24.77
N ASP A 664 2.20 -6.46 23.95
CA ASP A 664 1.93 -6.44 22.51
C ASP A 664 1.89 -7.84 21.92
N VAL A 665 2.67 -8.78 22.47
CA VAL A 665 2.58 -10.15 21.98
C VAL A 665 1.25 -10.75 22.37
N LEU A 666 0.75 -10.47 23.57
CA LEU A 666 -0.60 -10.94 23.88
C LEU A 666 -1.62 -10.35 22.91
N ILE A 667 -1.45 -9.07 22.55
CA ILE A 667 -2.35 -8.40 21.62
C ILE A 667 -2.30 -9.08 20.24
N MET A 668 -1.09 -9.34 19.72
CA MET A 668 -1.02 -9.97 18.40
C MET A 668 -1.49 -11.41 18.44
N CYS A 669 -1.32 -12.13 19.55
CA CYS A 669 -1.87 -13.47 19.54
C CYS A 669 -3.38 -13.40 19.54
N LYS A 670 -3.94 -12.40 20.21
CA LYS A 670 -5.38 -12.21 20.08
C LYS A 670 -5.78 -11.90 18.64
N ASP A 671 -4.98 -11.09 17.94
CA ASP A 671 -5.28 -10.78 16.55
C ASP A 671 -5.13 -12.01 15.66
N LEU A 672 -4.10 -12.81 15.90
CA LEU A 672 -4.00 -14.07 15.18
C LEU A 672 -5.24 -14.89 15.39
N ILE A 673 -5.64 -15.09 16.64
CA ILE A 673 -6.70 -16.05 16.86
C ILE A 673 -8.00 -15.55 16.29
N THR A 674 -8.25 -14.24 16.38
CA THR A 674 -9.50 -13.79 15.77
C THR A 674 -9.45 -13.84 14.24
N CYS A 675 -8.27 -13.61 13.62
CA CYS A 675 -8.14 -13.77 12.17
C CYS A 675 -8.34 -15.23 11.77
N ARG A 676 -7.72 -16.15 12.51
CA ARG A 676 -7.93 -17.55 12.22
C ARG A 676 -9.38 -17.91 12.37
N PHE A 677 -10.05 -17.39 13.39
CA PHE A 677 -11.46 -17.69 13.57
C PHE A 677 -12.28 -17.18 12.38
N ASN A 678 -12.08 -15.93 11.99
CA ASN A 678 -12.82 -15.41 10.85
C ASN A 678 -12.58 -16.27 9.63
N THR A 679 -11.32 -16.62 9.36
CA THR A 679 -10.96 -17.37 8.15
C THR A 679 -11.62 -18.74 8.13
N THR A 680 -11.61 -19.45 9.26
CA THR A 680 -12.22 -20.76 9.26
C THR A 680 -13.75 -20.66 9.23
N LEU A 681 -14.34 -19.67 9.89
CA LEU A 681 -15.79 -19.47 9.77
C LEU A 681 -16.19 -19.10 8.36
N ILE A 682 -15.42 -18.26 7.70
CA ILE A 682 -15.72 -17.80 6.35
C ILE A 682 -15.66 -18.98 5.40
N SER A 683 -14.59 -19.78 5.48
CA SER A 683 -14.48 -20.95 4.63
C SER A 683 -15.62 -21.92 4.89
N LYS A 684 -15.99 -22.13 6.14
CA LYS A 684 -17.04 -23.08 6.39
C LYS A 684 -18.38 -22.57 5.88
N ILE A 685 -18.69 -21.28 6.10
CA ILE A 685 -19.98 -20.78 5.61
C ILE A 685 -20.02 -20.75 4.09
N ALA A 686 -18.88 -20.53 3.44
CA ALA A 686 -18.86 -20.66 1.99
C ALA A 686 -19.18 -22.08 1.56
N GLU A 687 -18.61 -23.08 2.23
CA GLU A 687 -18.98 -24.44 1.88
C GLU A 687 -20.46 -24.65 2.05
N ILE A 688 -21.07 -23.94 3.00
CA ILE A 688 -22.51 -24.08 3.21
C ILE A 688 -23.30 -23.48 2.07
N GLU A 689 -22.89 -22.30 1.59
CA GLU A 689 -23.62 -21.66 0.51
C GLU A 689 -23.24 -22.16 -0.88
N ASP A 690 -22.10 -22.86 -1.02
CA ASP A 690 -21.62 -23.36 -2.31
C ASP A 690 -20.90 -24.69 -2.16
N PRO A 691 -21.64 -25.81 -2.06
CA PRO A 691 -21.00 -27.09 -1.73
C PRO A 691 -20.01 -27.54 -2.78
N VAL A 692 -20.29 -27.22 -4.05
CA VAL A 692 -19.49 -27.77 -5.15
C VAL A 692 -18.07 -27.21 -5.13
N CYS A 693 -17.92 -25.89 -5.25
CA CYS A 693 -16.58 -25.29 -5.25
C CYS A 693 -16.66 -23.88 -4.68
N SER A 694 -16.37 -23.73 -3.39
CA SER A 694 -16.38 -22.43 -2.75
C SER A 694 -15.07 -21.71 -3.04
N ASP A 695 -15.14 -20.40 -3.15
CA ASP A 695 -13.92 -19.72 -3.51
C ASP A 695 -12.96 -19.62 -2.35
N TYR A 696 -13.38 -19.91 -1.16
CA TYR A 696 -12.34 -19.81 -0.17
C TYR A 696 -11.61 -21.13 -0.06
N PRO A 697 -10.40 -21.14 0.46
CA PRO A 697 -9.68 -22.41 0.61
C PRO A 697 -10.42 -23.25 1.61
N ASN A 698 -10.45 -24.56 1.40
CA ASN A 698 -11.14 -25.43 2.34
C ASN A 698 -10.56 -25.26 3.73
N PHE A 699 -11.43 -25.10 4.74
CA PHE A 699 -10.99 -24.71 6.07
C PHE A 699 -10.08 -25.75 6.70
N LYS A 700 -10.21 -27.03 6.30
CA LYS A 700 -9.29 -28.06 6.76
C LYS A 700 -7.87 -27.81 6.27
N ILE A 701 -7.71 -27.50 4.99
CA ILE A 701 -6.38 -27.20 4.47
C ILE A 701 -5.82 -25.98 5.16
N VAL A 702 -6.61 -24.94 5.29
CA VAL A 702 -6.13 -23.75 5.98
C VAL A 702 -5.70 -24.09 7.39
N SER A 703 -6.48 -24.93 8.08
CA SER A 703 -6.12 -25.29 9.45
C SER A 703 -4.82 -26.07 9.47
N MET A 704 -4.63 -26.97 8.52
CA MET A 704 -3.38 -27.69 8.41
C MET A 704 -2.24 -26.71 8.15
N LEU A 705 -2.47 -25.70 7.32
CA LEU A 705 -1.45 -24.69 7.08
C LEU A 705 -1.11 -23.96 8.36
N TYR A 706 -2.11 -23.66 9.16
CA TYR A 706 -1.86 -23.00 10.43
C TYR A 706 -0.98 -23.88 11.31
N GLN A 707 -1.31 -25.17 11.40
CA GLN A 707 -0.54 -26.06 12.27
C GLN A 707 0.88 -26.24 11.77
N SER A 708 1.05 -26.42 10.46
CA SER A 708 2.39 -26.50 9.90
C SER A 708 3.18 -25.25 10.21
N GLY A 709 2.57 -24.09 9.98
CA GLY A 709 3.29 -22.86 10.21
C GLY A 709 3.67 -22.69 11.66
N ASP A 710 2.77 -23.05 12.57
CA ASP A 710 3.11 -22.94 13.98
C ASP A 710 4.19 -23.93 14.37
N TYR A 711 4.15 -25.13 13.82
CA TYR A 711 5.20 -26.08 14.13
C TYR A 711 6.54 -25.54 13.67
N LEU A 712 6.56 -25.00 12.47
CA LEU A 712 7.76 -24.43 11.93
C LEU A 712 8.25 -23.32 12.81
N LEU A 713 7.33 -22.49 13.29
CA LEU A 713 7.74 -21.40 14.16
C LEU A 713 8.26 -21.93 15.49
N SER A 714 7.68 -23.04 16.00
CA SER A 714 8.09 -23.52 17.33
C SER A 714 9.48 -24.11 17.26
N ILE A 715 9.89 -24.58 16.09
CA ILE A 715 11.24 -25.11 15.93
C ILE A 715 12.22 -24.02 15.55
N LEU A 716 11.85 -23.09 14.71
CA LEU A 716 12.81 -22.13 14.19
C LEU A 716 12.85 -20.83 14.99
N GLY A 717 11.71 -20.22 15.29
CA GLY A 717 11.71 -18.95 15.99
C GLY A 717 11.17 -17.82 15.14
N SER A 718 11.65 -16.59 15.35
CA SER A 718 11.29 -15.50 14.47
C SER A 718 11.76 -15.78 13.05
N ASP A 719 12.82 -16.57 12.89
CA ASP A 719 13.28 -16.91 11.55
C ASP A 719 12.21 -17.67 10.77
N GLY A 720 11.37 -18.42 11.47
CA GLY A 720 10.38 -19.17 10.74
C GLY A 720 9.58 -18.29 9.84
N TYR A 721 9.53 -17.00 10.13
CA TYR A 721 8.77 -16.16 9.24
C TYR A 721 9.46 -16.05 7.91
N LYS A 722 10.76 -16.35 7.84
CA LYS A 722 11.39 -16.33 6.53
C LYS A 722 10.91 -17.49 5.67
N ILE A 723 10.14 -18.41 6.23
CA ILE A 723 9.47 -19.41 5.42
C ILE A 723 7.99 -19.13 5.28
N ILE A 724 7.35 -18.59 6.33
CA ILE A 724 5.94 -18.27 6.22
C ILE A 724 5.77 -17.22 5.15
N LYS A 725 6.77 -16.34 5.01
CA LYS A 725 6.70 -15.27 4.05
C LYS A 725 6.52 -15.80 2.65
N PHE A 726 6.91 -17.02 2.38
CA PHE A 726 6.75 -17.50 1.04
C PHE A 726 5.39 -18.02 0.78
N LEU A 727 4.41 -17.66 1.59
CA LEU A 727 3.05 -18.09 1.28
C LEU A 727 2.50 -17.31 0.09
N GLU A 728 2.65 -15.98 0.12
CA GLU A 728 2.13 -15.17 -0.98
C GLU A 728 2.82 -15.46 -2.31
N PRO A 729 4.13 -15.51 -2.41
CA PRO A 729 4.70 -15.82 -3.71
C PRO A 729 4.34 -17.20 -4.17
N LEU A 730 4.18 -18.14 -3.26
CA LEU A 730 3.80 -19.46 -3.71
C LEU A 730 2.36 -19.49 -4.14
N CYS A 731 1.50 -18.69 -3.51
CA CYS A 731 0.14 -18.58 -4.01
C CYS A 731 0.09 -17.88 -5.38
N LEU A 732 0.91 -16.86 -5.60
CA LEU A 732 0.91 -16.22 -6.92
C LEU A 732 1.43 -17.18 -7.98
N ALA A 733 2.47 -17.94 -7.67
CA ALA A 733 2.91 -18.98 -8.60
C ALA A 733 1.78 -19.94 -8.90
N LYS A 734 1.14 -20.45 -7.86
CA LYS A 734 0.14 -21.47 -8.10
C LYS A 734 -1.05 -20.91 -8.88
N ILE A 735 -1.34 -19.62 -8.75
CA ILE A 735 -2.39 -19.00 -9.57
C ILE A 735 -1.97 -18.98 -11.03
N GLN A 736 -0.76 -18.48 -11.27
CA GLN A 736 -0.30 -18.33 -12.64
C GLN A 736 -0.30 -19.68 -13.34
N LEU A 737 0.11 -20.72 -12.65
CA LEU A 737 0.10 -22.00 -13.32
C LEU A 737 -1.27 -22.49 -13.65
N CYS A 738 -2.32 -21.76 -13.34
CA CYS A 738 -3.65 -22.25 -13.63
C CYS A 738 -4.13 -21.87 -15.03
N SER A 739 -3.30 -21.18 -15.79
CA SER A 739 -3.57 -20.86 -17.17
C SER A 739 -2.80 -21.82 -18.07
N LYS A 740 -2.88 -21.62 -19.39
CA LYS A 740 -2.16 -22.47 -20.30
C LYS A 740 -0.70 -22.44 -19.93
N TYR A 741 -0.08 -23.61 -19.90
CA TYR A 741 1.28 -23.72 -19.40
C TYR A 741 2.30 -23.32 -20.47
N THR A 742 3.05 -22.25 -20.18
CA THR A 742 4.14 -21.72 -21.00
C THR A 742 5.43 -21.79 -20.18
N GLU A 743 6.55 -22.02 -20.86
CA GLU A 743 7.77 -22.38 -20.15
C GLU A 743 8.03 -21.41 -19.02
N ARG A 744 7.76 -20.13 -19.22
CA ARG A 744 8.04 -19.17 -18.17
C ARG A 744 6.94 -19.13 -17.11
N LYS A 745 5.85 -19.88 -17.30
CA LYS A 745 4.83 -19.91 -16.25
C LYS A 745 5.32 -20.69 -15.06
N GLY A 746 5.89 -21.87 -15.31
CA GLY A 746 6.38 -22.65 -14.21
C GLY A 746 7.63 -22.12 -13.59
N ARG A 747 8.30 -21.19 -14.26
CA ARG A 747 9.54 -20.66 -13.74
C ARG A 747 9.31 -19.79 -12.52
N PHE A 748 8.12 -19.23 -12.36
CA PHE A 748 7.79 -18.54 -11.13
C PHE A 748 7.84 -19.55 -9.97
N LEU A 749 6.99 -20.58 -10.03
CA LEU A 749 6.94 -21.60 -8.97
C LEU A 749 8.28 -22.29 -8.77
N THR A 750 9.03 -22.58 -9.83
CA THR A 750 10.35 -23.18 -9.63
C THR A 750 11.27 -22.24 -8.89
N GLN A 751 11.30 -20.97 -9.25
CA GLN A 751 12.16 -20.05 -8.51
C GLN A 751 11.71 -19.92 -7.07
N MET A 752 10.40 -19.82 -6.83
CA MET A 752 9.93 -19.73 -5.44
C MET A 752 10.20 -21.01 -4.67
N HIS A 753 10.03 -22.15 -5.31
CA HIS A 753 10.29 -23.40 -4.64
C HIS A 753 11.77 -23.56 -4.32
N LEU A 754 12.64 -23.22 -5.27
CA LEU A 754 14.07 -23.20 -4.99
C LEU A 754 14.38 -22.22 -3.88
N ALA A 755 13.76 -21.04 -3.91
CA ALA A 755 14.04 -20.08 -2.87
C ALA A 755 13.63 -20.63 -1.54
N VAL A 756 12.46 -21.28 -1.46
CA VAL A 756 11.98 -21.81 -0.18
C VAL A 756 12.94 -22.86 0.34
N ASN A 757 13.38 -23.76 -0.53
CA ASN A 757 14.33 -24.77 -0.08
C ASN A 757 15.62 -24.15 0.36
N HIS A 758 16.15 -23.20 -0.39
CA HIS A 758 17.40 -22.61 0.05
C HIS A 758 17.23 -21.93 1.40
N THR A 759 16.12 -21.21 1.58
CA THR A 759 15.91 -20.55 2.86
C THR A 759 15.77 -21.58 3.96
N LEU A 760 15.06 -22.66 3.68
CA LEU A 760 14.81 -23.64 4.72
C LEU A 760 16.11 -24.33 5.11
N GLU A 761 16.99 -24.56 4.15
CA GLU A 761 18.28 -25.15 4.49
C GLU A 761 19.15 -24.18 5.27
N GLU A 762 19.13 -22.90 4.90
CA GLU A 762 20.02 -21.95 5.55
C GLU A 762 19.62 -21.72 6.99
N ILE A 763 18.31 -21.62 7.27
CA ILE A 763 17.93 -21.38 8.67
C ILE A 763 17.92 -22.63 9.53
N THR A 764 17.95 -23.82 8.96
CA THR A 764 17.99 -25.03 9.75
C THR A 764 19.33 -25.72 9.73
N GLU A 765 20.33 -25.13 9.09
CA GLU A 765 21.58 -25.85 8.96
C GLU A 765 22.23 -26.02 10.33
N MET A 766 22.36 -24.94 11.08
CA MET A 766 23.06 -24.92 12.35
C MET A 766 22.19 -25.31 13.53
N ARG A 767 20.90 -25.55 13.31
CA ARG A 767 19.96 -25.90 14.36
C ARG A 767 19.78 -27.39 14.35
N ALA A 768 20.15 -28.05 15.43
CA ALA A 768 20.05 -29.50 15.44
C ALA A 768 18.59 -29.88 15.45
N LEU A 769 18.11 -30.43 14.37
CA LEU A 769 16.75 -30.94 14.36
C LEU A 769 16.80 -32.46 14.34
N LYS A 770 15.96 -33.09 15.13
CA LYS A 770 15.85 -34.52 14.99
C LYS A 770 15.34 -34.85 13.59
N PRO A 771 15.62 -36.04 13.08
CA PRO A 771 15.14 -36.40 11.73
C PRO A 771 13.63 -36.34 11.61
N SER A 772 12.91 -36.77 12.63
CA SER A 772 11.47 -36.56 12.62
C SER A 772 11.13 -35.11 12.36
N GLN A 773 11.75 -34.21 13.10
CA GLN A 773 11.46 -32.80 12.95
C GLN A 773 11.83 -32.29 11.56
N ALA A 774 12.95 -32.74 10.99
CA ALA A 774 13.32 -32.29 9.66
C ALA A 774 12.24 -32.65 8.65
N GLN A 775 11.70 -33.85 8.73
CA GLN A 775 10.66 -34.24 7.79
C GLN A 775 9.38 -33.48 8.02
N LYS A 776 9.13 -33.07 9.26
CA LYS A 776 7.85 -32.46 9.61
C LYS A 776 7.89 -30.94 9.57
N ILE A 777 9.07 -30.32 9.68
CA ILE A 777 9.12 -28.88 9.57
C ILE A 777 8.82 -28.47 8.14
N ARG A 778 8.92 -29.40 7.20
CA ARG A 778 8.70 -29.07 5.81
C ARG A 778 7.26 -29.21 5.38
N GLU A 779 6.35 -29.58 6.27
CA GLU A 779 4.97 -29.76 5.85
C GLU A 779 4.34 -28.46 5.38
N PHE A 780 4.85 -27.33 5.85
CA PHE A 780 4.24 -26.05 5.50
C PHE A 780 4.32 -25.79 4.01
N HIS A 781 5.53 -25.62 3.49
CA HIS A 781 5.64 -25.35 2.07
C HIS A 781 5.37 -26.57 1.24
N ARG A 782 5.49 -27.76 1.81
CA ARG A 782 5.13 -28.94 1.05
C ARG A 782 3.65 -28.92 0.72
N THR A 783 2.80 -28.57 1.69
CA THR A 783 1.39 -28.36 1.38
C THR A 783 1.20 -27.20 0.41
N LEU A 784 1.97 -26.13 0.57
CA LEU A 784 1.78 -24.97 -0.32
C LEU A 784 2.09 -25.30 -1.77
N ILE A 785 2.94 -26.28 -2.00
CA ILE A 785 3.25 -26.66 -3.36
C ILE A 785 2.27 -27.66 -3.89
N ARG A 786 1.97 -28.68 -3.10
CA ARG A 786 1.15 -29.76 -3.61
C ARG A 786 -0.28 -29.31 -3.90
N LEU A 787 -0.82 -28.38 -3.11
CA LEU A 787 -2.26 -28.23 -3.05
C LEU A 787 -2.75 -27.66 -4.35
N GLU A 788 -3.79 -28.28 -4.86
CA GLU A 788 -4.38 -27.92 -6.12
C GLU A 788 -5.71 -27.26 -5.84
N MET A 789 -5.85 -26.03 -6.29
CA MET A 789 -7.05 -25.28 -5.94
C MET A 789 -7.34 -24.41 -7.15
N THR A 790 -8.58 -23.92 -7.23
CA THR A 790 -8.92 -23.00 -8.30
C THR A 790 -8.15 -21.70 -8.11
N PRO A 791 -7.97 -20.90 -9.15
CA PRO A 791 -7.22 -19.67 -8.95
C PRO A 791 -7.84 -18.83 -7.86
N GLN A 792 -9.18 -18.71 -7.82
CA GLN A 792 -9.85 -17.91 -6.79
C GLN A 792 -9.51 -18.37 -5.39
N GLN A 793 -9.52 -19.68 -5.15
CA GLN A 793 -9.14 -20.20 -3.84
C GLN A 793 -7.72 -19.80 -3.51
N LEU A 794 -6.82 -19.91 -4.46
CA LEU A 794 -5.46 -19.52 -4.17
C LEU A 794 -5.36 -18.02 -3.87
N CYS A 795 -6.19 -17.19 -4.50
CA CYS A 795 -6.06 -15.75 -4.27
C CYS A 795 -6.64 -15.34 -2.93
N GLU A 796 -7.57 -16.14 -2.41
CA GLU A 796 -8.03 -15.97 -1.04
C GLU A 796 -7.00 -16.45 -0.04
N LEU A 797 -6.42 -17.64 -0.27
CA LEU A 797 -5.34 -18.10 0.59
C LEU A 797 -4.19 -17.12 0.61
N PHE A 798 -4.02 -16.38 -0.47
CA PHE A 798 -2.93 -15.42 -0.54
C PHE A 798 -3.00 -14.47 0.62
N SER A 799 -4.21 -14.10 1.03
CA SER A 799 -4.44 -13.11 2.09
C SER A 799 -4.60 -13.77 3.44
N ILE A 800 -3.69 -14.67 3.78
CA ILE A 800 -3.62 -15.17 5.15
C ILE A 800 -2.17 -15.09 5.56
N GLN A 801 -1.41 -14.25 4.90
CA GLN A 801 -0.01 -14.36 5.21
C GLN A 801 0.29 -13.90 6.61
N LYS A 802 -0.49 -12.98 7.16
CA LYS A 802 -0.12 -12.50 8.49
C LYS A 802 -0.79 -13.28 9.61
N HIS A 803 -1.42 -14.41 9.31
CA HIS A 803 -2.10 -15.06 10.40
C HIS A 803 -1.17 -15.83 11.29
N TRP A 804 0.13 -15.91 11.00
CA TRP A 804 1.05 -16.58 11.90
C TRP A 804 1.77 -15.62 12.81
N GLY A 805 1.57 -14.35 12.63
CA GLY A 805 2.27 -13.51 13.56
C GLY A 805 3.04 -12.43 12.84
N HIS A 806 4.02 -11.87 13.54
CA HIS A 806 4.99 -10.93 12.99
C HIS A 806 6.26 -11.11 13.79
N PRO A 807 7.40 -11.12 13.15
CA PRO A 807 8.61 -11.51 13.83
C PRO A 807 8.96 -10.45 14.83
N VAL A 808 9.68 -10.87 15.87
CA VAL A 808 10.20 -9.92 16.85
C VAL A 808 11.33 -9.09 16.26
N LEU A 809 11.05 -7.85 15.88
CA LEU A 809 12.04 -7.05 15.21
C LEU A 809 13.18 -6.71 16.15
N HIS A 810 14.38 -6.73 15.62
CA HIS A 810 15.48 -6.16 16.37
C HIS A 810 15.93 -4.89 15.70
N SER A 811 16.39 -3.94 16.52
CA SER A 811 17.00 -2.76 15.93
C SER A 811 18.24 -3.14 15.15
N GLU A 812 19.01 -4.10 15.64
CA GLU A 812 20.25 -4.44 14.96
C GLU A 812 19.99 -5.10 13.62
N THR A 813 19.09 -6.07 13.57
CA THR A 813 18.92 -6.72 12.28
C THR A 813 18.22 -5.83 11.25
N ALA A 814 17.64 -4.70 11.64
CA ALA A 814 16.96 -3.81 10.71
C ALA A 814 17.84 -2.65 10.26
N ILE A 815 19.04 -2.51 10.80
CA ILE A 815 19.97 -1.47 10.36
C ILE A 815 21.02 -2.10 9.47
N GLN A 816 21.35 -3.35 9.74
CA GLN A 816 22.24 -4.05 8.82
C GLN A 816 21.63 -4.09 7.42
N LYS A 817 20.33 -4.36 7.33
CA LYS A 817 19.69 -4.42 6.02
C LYS A 817 19.89 -3.14 5.25
N VAL A 818 19.59 -1.99 5.86
CA VAL A 818 19.73 -0.75 5.11
C VAL A 818 21.19 -0.40 4.89
N LYS A 819 22.06 -0.75 5.83
CA LYS A 819 23.45 -0.36 5.69
C LYS A 819 24.08 -1.03 4.47
N LYS A 820 23.79 -2.30 4.27
CA LYS A 820 24.45 -2.98 3.16
C LYS A 820 23.98 -2.49 1.79
N HIS A 821 22.79 -1.93 1.71
CA HIS A 821 22.32 -1.49 0.41
C HIS A 821 22.49 -0.01 0.20
N ALA A 822 22.71 0.74 1.27
CA ALA A 822 22.82 2.18 1.17
C ALA A 822 24.26 2.65 1.24
N THR A 823 25.18 1.81 1.68
CA THR A 823 26.58 2.20 1.67
C THR A 823 27.36 1.57 0.52
N VAL A 824 26.79 0.63 -0.23
CA VAL A 824 27.58 -0.07 -1.24
C VAL A 824 27.90 0.88 -2.39
N LEU A 825 29.11 0.76 -2.91
CA LEU A 825 29.54 1.48 -4.10
C LEU A 825 28.88 0.86 -5.33
N LYS A 826 28.49 1.70 -6.30
CA LYS A 826 27.80 1.23 -7.50
C LYS A 826 28.52 1.73 -8.77
N ALA A 827 28.56 0.88 -9.78
CA ALA A 827 29.10 1.25 -11.08
C ALA A 827 27.94 1.65 -11.97
N LEU A 828 28.04 2.86 -12.54
CA LEU A 828 27.01 3.43 -13.41
C LEU A 828 27.58 3.71 -14.81
N ARG A 829 26.82 3.39 -15.85
CA ARG A 829 27.23 3.78 -17.19
C ARG A 829 26.66 5.15 -17.51
N PRO A 830 27.48 6.17 -17.70
CA PRO A 830 26.92 7.49 -17.92
C PRO A 830 26.04 7.50 -19.11
N ILE A 831 26.40 6.77 -20.15
CA ILE A 831 25.54 6.83 -21.32
C ILE A 831 24.14 6.46 -20.98
N VAL A 832 23.93 5.53 -20.06
CA VAL A 832 22.55 5.21 -19.74
C VAL A 832 21.96 6.29 -18.87
N ILE A 833 22.75 6.86 -17.96
CA ILE A 833 22.22 7.97 -17.17
C ILE A 833 21.89 9.15 -18.05
N PHE A 834 22.71 9.40 -19.05
CA PHE A 834 22.36 10.44 -19.98
C PHE A 834 21.06 10.13 -20.69
N GLU A 835 20.90 8.90 -21.15
CA GLU A 835 19.70 8.63 -21.90
C GLU A 835 18.47 8.65 -21.01
N THR A 836 18.60 8.23 -19.76
CA THR A 836 17.45 8.29 -18.88
C THR A 836 17.05 9.74 -18.62
N TYR A 837 18.03 10.62 -18.41
CA TYR A 837 17.73 12.04 -18.17
C TYR A 837 17.07 12.68 -19.38
N CYS A 838 17.56 12.38 -20.58
CA CYS A 838 16.94 12.95 -21.75
C CYS A 838 15.53 12.44 -21.91
N VAL A 839 15.30 11.17 -21.60
CA VAL A 839 13.92 10.75 -21.70
C VAL A 839 13.09 11.38 -20.59
N PHE A 840 13.68 11.67 -19.45
CA PHE A 840 12.98 12.40 -18.39
C PHE A 840 12.48 13.76 -18.91
N LYS A 841 13.39 14.53 -19.49
CA LYS A 841 12.99 15.80 -20.09
C LYS A 841 11.99 15.57 -21.19
N TYR A 842 12.17 14.51 -21.96
CA TYR A 842 11.26 14.29 -23.06
C TYR A 842 9.87 14.08 -22.55
N SER A 843 9.75 13.36 -21.44
CA SER A 843 8.40 13.05 -20.99
C SER A 843 7.74 14.27 -20.34
N ILE A 844 8.55 15.17 -19.74
CA ILE A 844 7.99 16.42 -19.21
C ILE A 844 7.60 17.36 -20.34
N ALA A 845 8.42 17.47 -21.39
CA ALA A 845 8.02 18.26 -22.54
C ALA A 845 6.76 17.71 -23.15
N LYS A 846 6.63 16.40 -23.21
CA LYS A 846 5.43 15.81 -23.80
C LYS A 846 4.19 16.08 -22.95
N HIS A 847 4.31 15.98 -21.63
CA HIS A 847 3.17 16.29 -20.77
C HIS A 847 2.77 17.74 -20.86
N TYR A 848 3.75 18.64 -20.92
CA TYR A 848 3.44 20.06 -21.07
C TYR A 848 2.77 20.33 -22.39
N PHE A 849 3.27 19.71 -23.45
CA PHE A 849 2.66 19.93 -24.75
C PHE A 849 1.19 19.53 -24.76
N ASP A 850 0.85 18.37 -24.18
CA ASP A 850 -0.54 17.89 -24.31
C ASP A 850 -1.51 18.75 -23.52
N SER A 851 -1.13 19.19 -22.33
CA SER A 851 -2.05 19.95 -21.50
C SER A 851 -2.16 21.38 -21.99
N GLN A 852 -1.04 22.09 -22.03
CA GLN A 852 -1.02 23.47 -22.44
C GLN A 852 -1.21 23.64 -23.94
N GLY A 853 -1.19 22.56 -24.68
CA GLY A 853 -1.50 22.66 -26.08
C GLY A 853 -0.40 23.20 -26.95
N SER A 854 0.70 23.71 -26.38
CA SER A 854 1.84 24.04 -27.23
C SER A 854 3.13 23.95 -26.44
N TRP A 855 4.24 24.04 -27.18
CA TRP A 855 5.54 23.99 -26.56
C TRP A 855 5.66 25.05 -25.50
N TYR A 856 6.53 24.79 -24.53
CA TYR A 856 6.87 25.85 -23.61
C TYR A 856 7.90 26.76 -24.26
N SER A 857 8.00 27.97 -23.74
CA SER A 857 8.84 28.99 -24.36
C SER A 857 10.30 28.59 -24.22
N VAL A 858 10.92 28.18 -25.32
CA VAL A 858 12.26 27.62 -25.26
C VAL A 858 13.25 28.77 -25.22
N THR A 859 13.76 29.06 -24.04
CA THR A 859 14.70 30.15 -23.92
C THR A 859 16.13 29.75 -24.26
N SER A 860 16.38 28.50 -24.62
CA SER A 860 17.75 28.11 -24.86
C SER A 860 18.16 28.47 -26.28
N ASP A 861 19.43 28.25 -26.59
CA ASP A 861 19.90 28.51 -27.94
C ASP A 861 19.21 27.58 -28.92
N ARG A 862 18.79 28.12 -30.06
CA ARG A 862 18.18 27.30 -31.09
C ARG A 862 19.21 26.54 -31.88
N ASN A 863 20.46 26.97 -31.87
CA ASN A 863 21.48 26.20 -32.53
C ASN A 863 21.70 24.84 -31.85
N LEU A 864 21.65 24.81 -30.50
CA LEU A 864 21.99 23.59 -29.75
C LEU A 864 21.04 22.44 -30.02
N THR A 865 19.88 22.71 -30.59
CA THR A 865 18.88 21.69 -30.83
C THR A 865 18.53 21.77 -32.31
N PRO A 866 19.40 21.30 -33.19
CA PRO A 866 19.14 21.43 -34.63
C PRO A 866 17.89 20.72 -35.07
N GLY A 867 17.55 19.61 -34.46
CA GLY A 867 16.39 18.91 -34.94
C GLY A 867 15.16 19.37 -34.22
N LEU A 868 15.28 19.58 -32.91
CA LEU A 868 14.12 19.92 -32.14
C LEU A 868 13.54 21.27 -32.52
N ASN A 869 14.39 22.24 -32.88
CA ASN A 869 13.88 23.59 -33.12
C ASN A 869 12.92 23.61 -34.28
N SER A 870 13.10 22.72 -35.24
CA SER A 870 12.16 22.65 -36.34
C SER A 870 10.77 22.23 -35.87
N TYR A 871 10.69 21.22 -34.99
CA TYR A 871 9.40 20.82 -34.45
C TYR A 871 8.79 21.95 -33.64
N ILE A 872 9.59 22.61 -32.81
CA ILE A 872 9.07 23.72 -32.02
C ILE A 872 8.50 24.80 -32.94
N LYS A 873 9.20 25.11 -34.04
CA LYS A 873 8.71 26.12 -34.97
C LYS A 873 7.38 25.72 -35.58
N ARG A 874 7.28 24.47 -36.02
CA ARG A 874 5.98 24.05 -36.50
C ARG A 874 5.02 23.90 -35.35
N ASN A 875 5.49 24.01 -34.11
CA ASN A 875 4.67 23.92 -32.89
C ASN A 875 3.99 22.53 -32.77
N GLN A 876 4.62 21.44 -33.24
CA GLN A 876 4.03 20.09 -33.11
C GLN A 876 5.05 19.16 -32.46
N PHE A 877 4.53 18.18 -31.71
CA PHE A 877 5.47 17.41 -30.90
C PHE A 877 5.97 16.22 -31.71
N PRO A 878 7.27 15.94 -31.65
CA PRO A 878 7.84 14.86 -32.46
C PRO A 878 7.25 13.52 -32.08
N PRO A 879 7.06 12.63 -33.04
CA PRO A 879 6.45 11.34 -32.74
C PRO A 879 7.42 10.46 -31.99
N LEU A 880 6.89 9.39 -31.42
CA LEU A 880 7.70 8.45 -30.65
C LEU A 880 8.79 7.73 -31.45
N PRO A 881 8.59 7.33 -32.71
CA PRO A 881 9.69 6.66 -33.42
C PRO A 881 10.91 7.52 -33.61
N MET A 882 10.74 8.82 -33.83
CA MET A 882 11.86 9.68 -34.19
C MET A 882 12.57 10.26 -32.98
N ILE A 883 12.07 9.99 -31.77
CA ILE A 883 12.77 10.41 -30.57
C ILE A 883 14.15 9.80 -30.49
N LYS A 884 14.38 8.70 -31.18
CA LYS A 884 15.63 8.00 -30.94
C LYS A 884 16.83 8.85 -31.34
N GLU A 885 16.75 9.52 -32.49
CA GLU A 885 17.86 10.32 -32.98
C GLU A 885 17.94 11.69 -32.32
N LEU A 886 16.78 12.27 -32.01
CA LEU A 886 16.65 13.57 -31.36
C LEU A 886 16.79 13.46 -29.85
N LEU A 887 17.05 12.28 -29.32
CA LEU A 887 16.99 12.11 -27.87
C LEU A 887 18.00 13.00 -27.20
N TRP A 888 19.19 13.11 -27.75
CA TRP A 888 20.19 13.90 -27.06
C TRP A 888 19.85 15.39 -27.09
N GLU A 889 19.17 15.83 -28.15
CA GLU A 889 18.84 17.24 -28.23
C GLU A 889 18.09 17.69 -27.01
N PHE A 890 17.25 16.83 -26.46
CA PHE A 890 16.41 17.27 -25.37
C PHE A 890 17.24 17.81 -24.23
N TYR A 891 18.48 17.37 -24.11
CA TYR A 891 19.28 17.85 -23.00
C TYR A 891 19.40 19.36 -23.03
N HIS A 892 19.41 19.94 -24.21
CA HIS A 892 19.70 21.35 -24.41
C HIS A 892 18.49 22.25 -24.30
N LEU A 893 17.28 21.70 -24.25
CA LEU A 893 16.10 22.54 -24.04
C LEU A 893 16.16 23.21 -22.68
N ASP A 894 15.87 24.50 -22.65
CA ASP A 894 15.74 25.24 -21.41
C ASP A 894 14.44 26.02 -21.47
N HIS A 895 13.97 26.48 -20.33
CA HIS A 895 12.68 27.14 -20.26
C HIS A 895 12.49 27.72 -18.86
N PRO A 896 11.61 28.69 -18.71
CA PRO A 896 11.35 29.27 -17.40
C PRO A 896 10.60 28.28 -16.55
N PRO A 897 10.47 28.55 -15.26
CA PRO A 897 9.73 27.66 -14.35
C PRO A 897 8.41 27.17 -14.89
N LEU A 898 8.19 25.87 -14.82
CA LEU A 898 7.02 25.28 -15.41
C LEU A 898 5.98 24.85 -14.40
N PHE A 899 6.13 25.22 -13.14
CA PHE A 899 5.12 24.90 -12.12
C PHE A 899 5.20 25.91 -11.00
N SER A 900 4.12 26.01 -10.25
CA SER A 900 4.09 27.05 -9.24
C SER A 900 4.64 26.52 -7.93
N THR A 901 5.12 27.44 -7.12
CA THR A 901 5.66 27.09 -5.82
C THR A 901 4.59 27.14 -4.74
N LYS A 902 3.35 27.47 -5.11
CA LYS A 902 2.23 27.52 -4.16
C LYS A 902 1.06 26.77 -4.76
N ILE A 903 1.01 25.46 -4.50
CA ILE A 903 -0.05 24.62 -5.03
C ILE A 903 -0.72 23.81 -3.93
N ILE A 904 -0.26 23.93 -2.69
CA ILE A 904 -0.87 23.12 -1.63
C ILE A 904 -2.23 23.72 -1.26
N SER A 905 -3.23 22.85 -1.11
CA SER A 905 -4.58 23.27 -0.74
C SER A 905 -5.02 22.67 0.58
N ASP A 906 -4.61 21.44 0.86
CA ASP A 906 -4.94 20.79 2.12
C ASP A 906 -3.81 21.09 3.09
N LEU A 907 -3.99 22.11 3.93
CA LEU A 907 -2.99 22.41 4.94
C LEU A 907 -2.84 21.31 5.97
N SER A 908 -3.78 20.35 6.00
CA SER A 908 -3.74 19.26 6.96
C SER A 908 -2.49 18.40 6.80
N ILE A 909 -1.82 18.45 5.64
CA ILE A 909 -0.59 17.69 5.49
C ILE A 909 0.45 18.19 6.47
N PHE A 910 0.43 19.49 6.76
CA PHE A 910 1.43 20.01 7.67
C PHE A 910 1.06 19.78 9.14
N ILE A 911 -0.19 19.44 9.42
CA ILE A 911 -0.66 19.08 10.76
C ILE A 911 -0.93 17.59 10.90
N LYS A 912 -1.01 16.85 9.79
CA LYS A 912 -1.37 15.44 9.80
C LYS A 912 -0.52 14.71 10.82
N ASP A 913 -1.17 13.99 11.72
CA ASP A 913 -0.49 13.45 12.89
C ASP A 913 0.52 12.37 12.52
N ARG A 914 1.69 12.44 13.15
CA ARG A 914 2.83 11.54 12.90
C ARG A 914 3.92 11.88 13.92
N ALA A 915 5.08 11.25 13.78
CA ALA A 915 6.25 11.58 14.57
C ALA A 915 7.38 12.08 13.67
N THR A 916 8.25 12.90 14.25
CA THR A 916 9.38 13.46 13.55
C THR A 916 10.59 13.36 14.45
N ALA A 917 11.77 13.28 13.88
CA ALA A 917 12.92 13.11 14.71
C ALA A 917 13.15 14.36 15.52
N VAL A 918 13.64 14.20 16.72
CA VAL A 918 14.06 15.34 17.46
C VAL A 918 15.34 15.86 16.86
N GLU A 919 15.59 17.14 17.09
CA GLU A 919 16.74 17.83 16.52
C GLU A 919 18.03 17.20 17.00
N ARG A 920 19.13 17.50 16.31
CA ARG A 920 20.41 16.84 16.58
C ARG A 920 20.94 17.14 17.97
N THR A 921 20.71 18.33 18.49
CA THR A 921 21.27 18.65 19.79
C THR A 921 20.70 17.75 20.86
N CYS A 922 19.48 17.28 20.68
CA CYS A 922 18.82 16.43 21.67
C CYS A 922 18.40 15.10 21.05
N TRP A 923 19.25 14.54 20.18
CA TRP A 923 18.87 13.33 19.45
C TRP A 923 18.68 12.14 20.37
N ASP A 924 19.46 12.04 21.42
CA ASP A 924 19.39 10.91 22.31
C ASP A 924 18.35 11.10 23.36
N ALA A 925 17.53 12.10 23.22
CA ALA A 925 16.47 12.18 24.17
C ALA A 925 15.44 11.09 23.99
N VAL A 926 15.44 10.40 22.85
CA VAL A 926 14.38 9.43 22.66
C VAL A 926 14.59 8.15 23.46
N PHE A 927 15.82 7.81 23.82
CA PHE A 927 16.08 6.61 24.59
C PHE A 927 15.91 6.88 26.07
N GLU A 928 15.36 5.88 26.80
CA GLU A 928 15.01 6.24 28.16
C GLU A 928 16.25 6.23 29.04
N PRO A 929 16.33 7.13 30.02
CA PRO A 929 17.64 7.45 30.62
C PRO A 929 18.32 6.30 31.33
N ASN A 930 17.56 5.39 31.95
CA ASN A 930 18.17 4.26 32.67
C ASN A 930 18.89 3.29 31.72
N VAL A 931 18.24 2.88 30.62
CA VAL A 931 18.93 2.04 29.65
C VAL A 931 20.02 2.82 28.94
N LEU A 932 19.79 4.10 28.72
CA LEU A 932 20.80 4.93 28.10
C LEU A 932 22.02 5.06 28.97
N GLY A 933 21.84 5.04 30.27
CA GLY A 933 22.98 5.04 31.17
C GLY A 933 23.49 6.40 31.56
N TYR A 934 22.88 7.48 31.08
CA TYR A 934 23.20 8.84 31.51
C TYR A 934 22.01 9.71 31.19
N ASN A 935 21.89 10.82 31.91
CA ASN A 935 20.69 11.53 31.50
C ASN A 935 20.98 12.42 30.31
N PRO A 936 20.05 12.50 29.36
CA PRO A 936 20.31 13.28 28.13
C PRO A 936 20.46 14.75 28.44
N PRO A 937 21.58 15.37 28.08
CA PRO A 937 21.85 16.74 28.54
C PRO A 937 20.81 17.74 28.12
N HIS A 938 20.18 17.56 26.97
CA HIS A 938 19.18 18.51 26.48
C HIS A 938 17.88 17.77 26.28
N LYS A 939 16.86 18.20 27.00
CA LYS A 939 15.57 17.60 26.77
C LYS A 939 15.02 18.12 25.46
N PHE A 940 13.94 17.52 25.04
CA PHE A 940 13.22 17.93 23.85
C PHE A 940 11.81 18.36 24.24
N SER A 941 11.30 19.41 23.58
CA SER A 941 9.98 19.93 23.91
C SER A 941 8.87 18.94 23.55
N THR A 942 8.91 18.42 22.33
CA THR A 942 7.93 17.47 21.81
C THR A 942 8.45 16.90 20.51
N LYS A 943 8.07 15.66 20.24
CA LYS A 943 8.38 15.01 18.98
C LYS A 943 7.14 14.88 18.11
N ARG A 944 6.04 15.49 18.52
CA ARG A 944 4.81 15.35 17.78
C ARG A 944 4.72 16.46 16.75
N VAL A 945 4.19 16.12 15.57
CA VAL A 945 4.06 17.11 14.49
C VAL A 945 2.94 18.12 14.74
N PRO A 946 1.81 17.79 15.39
CA PRO A 946 0.81 18.84 15.53
C PRO A 946 1.23 19.91 16.50
N GLU A 947 1.80 19.54 17.63
CA GLU A 947 2.28 20.57 18.54
C GLU A 947 3.41 21.37 17.88
N GLN A 948 4.27 20.72 17.10
CA GLN A 948 5.33 21.47 16.42
C GLN A 948 4.75 22.45 15.41
N PHE A 949 3.75 22.04 14.63
CA PHE A 949 3.13 22.94 13.67
C PHE A 949 2.48 24.10 14.35
N LEU A 950 1.81 23.85 15.45
CA LEU A 950 1.25 24.98 16.15
C LEU A 950 2.32 25.81 16.80
N GLU A 951 3.48 25.27 17.09
CA GLU A 951 4.46 26.09 17.77
C GLU A 951 5.30 26.95 16.83
N GLN A 952 5.17 26.75 15.53
CA GLN A 952 6.04 27.42 14.58
C GLN A 952 5.41 28.76 14.22
N GLU A 953 6.02 29.85 14.69
CA GLU A 953 5.46 31.18 14.46
C GLU A 953 5.56 31.54 12.99
N ASN A 954 6.77 31.73 12.51
CA ASN A 954 6.98 32.15 11.14
C ASN A 954 6.80 30.96 10.20
N PHE A 955 5.57 30.47 10.12
CA PHE A 955 5.30 29.38 9.23
C PHE A 955 4.61 29.92 8.01
N SER A 956 5.14 29.58 6.85
CA SER A 956 4.41 29.85 5.62
C SER A 956 5.10 29.09 4.51
N ILE A 957 4.42 28.92 3.38
CA ILE A 957 4.98 28.09 2.33
C ILE A 957 6.22 28.74 1.73
N GLU A 958 6.17 30.03 1.47
CA GLU A 958 7.40 30.68 1.01
C GLU A 958 8.47 30.60 2.09
N ASN A 959 8.07 30.46 3.35
CA ASN A 959 9.08 30.33 4.39
C ASN A 959 9.66 28.92 4.46
N VAL A 960 8.86 27.89 4.18
CA VAL A 960 9.41 26.56 3.95
C VAL A 960 10.41 26.60 2.81
N LEU A 961 10.05 27.25 1.72
CA LEU A 961 10.98 27.35 0.60
C LEU A 961 12.24 28.11 0.99
N SER A 962 12.12 29.17 1.77
CA SER A 962 13.34 29.89 2.15
C SER A 962 14.20 29.06 3.08
N TYR A 963 13.57 28.18 3.86
CA TYR A 963 14.33 27.20 4.63
C TYR A 963 15.07 26.24 3.71
N ALA A 964 14.41 25.78 2.65
CA ALA A 964 15.06 24.84 1.72
C ALA A 964 16.16 25.54 0.93
N GLN A 965 15.79 26.54 0.14
CA GLN A 965 16.75 27.16 -0.76
C GLN A 965 17.94 27.64 -0.01
N LYS A 966 17.75 28.09 1.19
CA LYS A 966 18.91 28.56 1.87
C LYS A 966 19.70 27.44 2.51
N LEU A 967 19.37 26.20 2.19
CA LEU A 967 20.10 25.05 2.69
C LEU A 967 20.05 24.97 4.21
N GLU A 968 18.96 25.44 4.80
CA GLU A 968 18.90 25.38 6.25
C GLU A 968 18.81 23.95 6.74
N TYR A 969 18.45 23.01 5.88
CA TYR A 969 18.43 21.65 6.39
C TYR A 969 19.82 21.08 6.61
N LEU A 970 20.86 21.78 6.22
CA LEU A 970 22.19 21.34 6.55
C LEU A 970 22.69 21.95 7.83
N LEU A 971 21.85 22.68 8.55
CA LEU A 971 22.31 23.28 9.78
C LEU A 971 22.59 22.18 10.79
N PRO A 972 23.50 22.42 11.75
CA PRO A 972 23.84 21.37 12.70
C PRO A 972 22.64 20.82 13.43
N GLN A 973 21.70 21.67 13.81
CA GLN A 973 20.62 21.12 14.60
C GLN A 973 19.67 20.29 13.77
N TYR A 974 19.70 20.39 12.45
CA TYR A 974 18.74 19.61 11.70
C TYR A 974 19.37 18.42 11.01
N ARG A 975 20.65 18.14 11.25
CA ARG A 975 21.27 16.92 10.76
C ARG A 975 20.95 15.79 11.74
N ASN A 976 19.69 15.35 11.72
CA ASN A 976 19.27 14.21 12.50
C ASN A 976 18.33 13.34 11.69
N PHE A 977 18.35 12.05 11.96
CA PHE A 977 17.51 11.14 11.22
C PHE A 977 17.38 9.83 11.95
N SER A 978 16.18 9.29 11.99
CA SER A 978 15.99 8.19 12.91
C SER A 978 14.94 7.23 12.41
N PHE A 979 15.31 5.97 12.24
CA PHE A 979 14.36 5.04 11.68
C PHE A 979 13.36 4.63 12.73
N SER A 980 12.41 3.85 12.31
CA SER A 980 11.44 3.33 13.24
C SER A 980 10.86 2.07 12.64
N LEU A 981 10.97 0.95 13.33
CA LEU A 981 10.56 -0.30 12.74
C LEU A 981 9.11 -0.23 12.35
N LYS A 982 8.81 -0.60 11.13
CA LYS A 982 7.42 -0.76 10.72
C LYS A 982 6.79 -1.99 11.36
N GLU A 983 5.52 -1.87 11.71
CA GLU A 983 4.78 -2.94 12.35
C GLU A 983 4.01 -3.75 11.32
N LYS A 984 3.58 -4.94 11.73
CA LYS A 984 2.86 -5.88 10.89
C LYS A 984 3.60 -6.18 9.60
N GLU A 985 4.87 -6.56 9.72
CA GLU A 985 5.72 -6.86 8.59
C GLU A 985 6.33 -8.23 8.84
N LEU A 986 6.19 -9.16 7.87
CA LEU A 986 6.84 -10.46 8.05
C LEU A 986 8.34 -10.44 7.83
N ASN A 987 8.88 -9.43 7.14
CA ASN A 987 10.30 -9.44 6.90
C ASN A 987 11.01 -8.95 8.14
N VAL A 988 12.22 -9.45 8.33
CA VAL A 988 13.15 -8.92 9.32
C VAL A 988 13.13 -7.40 9.16
N GLY A 989 13.25 -6.68 10.28
CA GLY A 989 12.77 -5.31 10.37
C GLY A 989 12.91 -4.38 9.17
N ARG A 990 11.79 -3.84 8.71
CA ARG A 990 11.80 -2.84 7.66
C ARG A 990 11.42 -1.50 8.29
N THR A 991 12.15 -0.43 7.94
CA THR A 991 12.12 0.83 8.68
C THR A 991 11.58 1.98 7.83
N PHE A 992 11.00 3.00 8.50
CA PHE A 992 10.61 4.23 7.83
C PHE A 992 11.22 5.43 8.51
N GLY A 993 11.72 6.36 7.70
CA GLY A 993 12.50 7.44 8.25
C GLY A 993 11.68 8.50 8.99
N LYS A 994 12.34 9.18 9.90
CA LYS A 994 11.79 10.35 10.53
C LYS A 994 12.86 11.43 10.53
N LEU A 995 12.48 12.67 10.20
CA LEU A 995 13.35 13.82 10.04
C LEU A 995 12.97 14.93 11.01
N PRO A 996 13.84 15.91 11.23
CA PRO A 996 13.47 16.99 12.14
C PRO A 996 12.37 17.80 11.53
N TYR A 997 11.50 18.35 12.38
CA TYR A 997 10.25 18.94 11.91
C TYR A 997 10.44 19.88 10.72
N PRO A 998 11.46 20.71 10.67
CA PRO A 998 11.56 21.58 9.52
C PRO A 998 11.96 20.83 8.25
N THR A 999 12.91 19.89 8.35
CA THR A 999 13.19 19.07 7.17
C THR A 999 11.95 18.29 6.78
N ARG A 1000 11.12 17.93 7.75
CA ARG A 1000 9.88 17.23 7.45
C ARG A 1000 8.94 18.12 6.65
N ASN A 1001 8.85 19.40 7.01
CA ASN A 1001 8.07 20.31 6.19
C ASN A 1001 8.63 20.42 4.78
N VAL A 1002 9.96 20.43 4.64
CA VAL A 1002 10.51 20.48 3.29
C VAL A 1002 10.12 19.24 2.50
N GLN A 1003 10.15 18.09 3.15
CA GLN A 1003 9.76 16.88 2.45
C GLN A 1003 8.30 16.91 2.06
N THR A 1004 7.44 17.36 2.95
CA THR A 1004 6.02 17.40 2.59
C THR A 1004 5.78 18.39 1.46
N LEU A 1005 6.47 19.51 1.48
CA LEU A 1005 6.31 20.45 0.39
C LEU A 1005 6.78 19.85 -0.91
N CYS A 1006 7.92 19.14 -0.92
CA CYS A 1006 8.42 18.57 -2.18
C CYS A 1006 7.49 17.51 -2.71
N GLU A 1007 6.90 16.74 -1.80
CA GLU A 1007 5.96 15.73 -2.25
C GLU A 1007 4.70 16.38 -2.78
N ALA A 1008 4.22 17.44 -2.11
CA ALA A 1008 3.03 18.12 -2.59
C ALA A 1008 3.31 18.80 -3.91
N LEU A 1009 4.47 19.42 -4.03
CA LEU A 1009 4.82 20.09 -5.27
C LEU A 1009 4.90 19.11 -6.43
N LEU A 1010 5.56 17.97 -6.27
CA LEU A 1010 5.69 17.03 -7.37
C LEU A 1010 4.35 16.45 -7.75
N ALA A 1011 3.54 16.05 -6.78
CA ALA A 1011 2.29 15.39 -7.10
C ALA A 1011 1.36 16.28 -7.94
N ASP A 1012 1.26 17.57 -7.58
CA ASP A 1012 0.38 18.47 -8.33
C ASP A 1012 0.99 18.96 -9.64
N GLY A 1013 2.31 18.92 -9.77
CA GLY A 1013 3.01 19.42 -10.95
C GLY A 1013 3.69 18.34 -11.78
N LEU A 1014 5.00 18.14 -11.54
CA LEU A 1014 5.87 17.34 -12.40
C LEU A 1014 5.48 15.87 -12.45
N ALA A 1015 5.16 15.29 -11.31
CA ALA A 1015 4.88 13.87 -11.29
C ALA A 1015 3.69 13.54 -12.15
N LYS A 1016 2.85 14.51 -12.45
CA LYS A 1016 1.80 14.23 -13.42
C LYS A 1016 2.35 13.98 -14.82
N ALA A 1017 3.64 14.28 -15.08
CA ALA A 1017 4.24 13.96 -16.38
C ALA A 1017 4.58 12.48 -16.54
N PHE A 1018 4.57 11.70 -15.47
CA PHE A 1018 4.83 10.26 -15.52
C PHE A 1018 3.69 9.55 -14.83
N PRO A 1019 2.56 9.47 -15.48
CA PRO A 1019 1.38 8.93 -14.82
C PRO A 1019 1.52 7.45 -14.61
N SER A 1020 1.78 7.05 -13.38
CA SER A 1020 1.98 5.64 -13.07
C SER A 1020 0.72 4.97 -12.57
N ASN A 1021 -0.38 5.69 -12.48
CA ASN A 1021 -1.61 5.06 -12.04
C ASN A 1021 -2.35 4.38 -13.18
N MET A 1022 -1.75 4.38 -14.39
CA MET A 1022 -2.45 3.89 -15.58
C MET A 1022 -2.64 2.40 -15.45
N MET A 1023 -3.85 1.99 -15.09
CA MET A 1023 -4.15 0.57 -14.93
C MET A 1023 -4.51 -0.01 -16.28
N VAL A 1024 -3.87 -1.13 -16.62
CA VAL A 1024 -4.05 -1.76 -17.92
C VAL A 1024 -4.40 -3.23 -17.70
N VAL A 1025 -5.60 -3.63 -18.14
CA VAL A 1025 -5.99 -5.02 -18.26
C VAL A 1025 -6.38 -5.24 -19.72
N THR A 1026 -5.58 -6.02 -20.44
CA THR A 1026 -5.71 -6.03 -21.89
C THR A 1026 -7.00 -6.72 -22.34
N GLU A 1027 -7.46 -7.73 -21.60
CA GLU A 1027 -8.60 -8.52 -22.08
C GLU A 1027 -9.90 -7.74 -22.12
N ARG A 1028 -10.07 -6.76 -21.24
CA ARG A 1028 -11.34 -6.03 -21.14
C ARG A 1028 -11.43 -4.89 -22.14
N GLU A 1029 -10.30 -4.27 -22.48
CA GLU A 1029 -10.30 -3.07 -23.31
C GLU A 1029 -10.72 -3.38 -24.75
N GLN A 1030 -11.35 -2.40 -25.39
CA GLN A 1030 -11.79 -2.54 -26.78
C GLN A 1030 -10.61 -2.81 -27.69
N LYS A 1031 -10.82 -3.62 -28.73
CA LYS A 1031 -9.71 -3.96 -29.62
C LYS A 1031 -9.14 -2.74 -30.35
N GLU A 1032 -10.01 -1.87 -30.87
CA GLU A 1032 -9.53 -0.76 -31.70
C GLU A 1032 -8.68 0.22 -30.90
N SER A 1033 -9.18 0.63 -29.73
CA SER A 1033 -8.41 1.57 -28.92
C SER A 1033 -7.10 0.94 -28.52
N LEU A 1034 -7.11 -0.37 -28.26
CA LEU A 1034 -5.86 -1.05 -27.91
C LEU A 1034 -4.87 -1.02 -29.06
N LEU A 1035 -5.33 -1.30 -30.28
CA LEU A 1035 -4.42 -1.33 -31.42
C LEU A 1035 -3.84 0.06 -31.70
N HIS A 1036 -4.68 1.10 -31.66
CA HIS A 1036 -4.17 2.46 -31.86
C HIS A 1036 -3.35 2.91 -30.68
N GLN A 1037 -3.47 2.23 -29.54
CA GLN A 1037 -2.64 2.56 -28.40
C GLN A 1037 -1.26 1.94 -28.51
N ALA A 1038 -1.16 0.80 -29.19
CA ALA A 1038 0.12 0.14 -29.38
C ALA A 1038 0.72 0.37 -30.78
N SER A 1039 0.24 1.39 -31.50
CA SER A 1039 0.69 1.65 -32.87
C SER A 1039 2.17 2.04 -32.95
N TRP A 1040 2.73 2.57 -31.87
CA TRP A 1040 4.13 3.00 -31.82
C TRP A 1040 4.44 4.07 -32.88
N ALA A 1051 -4.85 -5.71 -37.43
CA ALA A 1051 -3.86 -6.47 -36.64
C ALA A 1051 -4.37 -6.72 -35.21
N THR A 1052 -3.58 -7.42 -34.39
CA THR A 1052 -3.93 -7.69 -33.01
C THR A 1052 -2.85 -7.18 -32.08
N VAL A 1053 -3.21 -7.03 -30.80
CA VAL A 1053 -2.31 -6.48 -29.81
C VAL A 1053 -2.38 -7.32 -28.55
N ARG A 1054 -1.21 -7.71 -28.04
CA ARG A 1054 -1.14 -8.60 -26.88
C ARG A 1054 -0.20 -8.02 -25.85
N GLY A 1055 -0.61 -8.13 -24.59
CA GLY A 1055 0.13 -7.47 -23.54
C GLY A 1055 0.56 -8.41 -22.47
N SER A 1056 1.81 -8.33 -22.10
CA SER A 1056 2.31 -9.22 -21.08
C SER A 1056 3.28 -8.44 -20.25
N SER A 1057 3.30 -8.68 -18.96
CA SER A 1057 3.94 -7.74 -18.08
C SER A 1057 5.07 -8.40 -17.36
N PHE A 1058 5.71 -7.64 -16.51
CA PHE A 1058 6.58 -8.29 -15.58
C PHE A 1058 6.72 -7.36 -14.42
N VAL A 1059 6.60 -7.90 -13.22
CA VAL A 1059 6.44 -7.08 -12.04
C VAL A 1059 7.74 -7.10 -11.27
N THR A 1060 8.24 -5.92 -10.94
CA THR A 1060 9.47 -5.79 -10.19
C THR A 1060 9.14 -5.14 -8.87
N ASP A 1061 10.12 -5.12 -7.98
CA ASP A 1061 9.93 -4.55 -6.64
C ASP A 1061 10.58 -3.17 -6.59
N LEU A 1062 9.78 -2.12 -6.78
CA LEU A 1062 10.25 -0.74 -6.70
C LEU A 1062 10.68 -0.33 -5.30
N GLU A 1063 10.34 -1.12 -4.27
CA GLU A 1063 10.72 -0.76 -2.90
C GLU A 1063 12.23 -0.76 -2.71
N LYS A 1064 12.92 -1.74 -3.30
CA LYS A 1064 14.37 -1.86 -3.17
C LYS A 1064 15.13 -0.88 -4.05
N TYR A 1065 14.45 -0.18 -4.94
CA TYR A 1065 15.11 0.91 -5.64
C TYR A 1065 15.62 1.94 -4.65
N ASN A 1066 14.85 2.23 -3.61
CA ASN A 1066 15.14 3.40 -2.81
C ASN A 1066 16.51 3.34 -2.22
N LEU A 1067 16.91 2.20 -1.74
CA LEU A 1067 18.23 2.17 -1.14
C LEU A 1067 19.32 2.26 -2.20
N ALA A 1068 19.02 1.96 -3.44
CA ALA A 1068 20.04 1.92 -4.46
C ALA A 1068 20.19 3.23 -5.20
N PHE A 1069 19.39 4.24 -4.92
CA PHE A 1069 19.59 5.47 -5.64
C PHE A 1069 20.89 6.10 -5.25
N ARG A 1070 21.51 6.74 -6.17
CA ARG A 1070 22.74 7.38 -5.84
C ARG A 1070 22.73 8.78 -6.40
N TYR A 1071 23.45 9.69 -5.75
CA TYR A 1071 23.43 11.05 -6.25
C TYR A 1071 24.10 11.19 -7.62
N GLU A 1072 25.11 10.39 -7.91
CA GLU A 1072 25.67 10.46 -9.25
C GLU A 1072 24.64 10.10 -10.26
N PHE A 1073 23.65 9.38 -9.84
CA PHE A 1073 22.59 9.08 -10.76
C PHE A 1073 21.47 10.08 -10.71
N THR A 1074 21.13 10.59 -9.52
CA THR A 1074 19.94 11.38 -9.31
C THR A 1074 20.22 12.85 -9.45
N ALA A 1075 21.44 13.27 -9.66
CA ALA A 1075 21.71 14.70 -9.74
C ALA A 1075 21.00 15.36 -10.90
N PRO A 1076 21.03 14.84 -12.11
CA PRO A 1076 20.41 15.60 -13.19
C PRO A 1076 18.93 15.74 -13.02
N PHE A 1077 18.27 14.67 -12.59
CA PHE A 1077 16.83 14.75 -12.38
C PHE A 1077 16.48 15.76 -11.32
N ILE A 1078 17.24 15.79 -10.23
CA ILE A 1078 16.94 16.72 -9.15
C ILE A 1078 17.21 18.15 -9.58
N GLU A 1079 18.34 18.39 -10.19
CA GLU A 1079 18.60 19.73 -10.71
C GLU A 1079 17.46 20.16 -11.61
N TYR A 1080 16.98 19.26 -12.45
CA TYR A 1080 15.93 19.68 -13.36
C TYR A 1080 14.65 19.93 -12.60
N CYS A 1081 14.36 19.20 -11.55
CA CYS A 1081 13.13 19.51 -10.84
C CYS A 1081 13.21 20.89 -10.21
N ASN A 1082 14.39 21.25 -9.69
CA ASN A 1082 14.54 22.59 -9.16
C ASN A 1082 14.29 23.62 -10.27
N ARG A 1083 14.92 23.44 -11.42
CA ARG A 1083 14.81 24.45 -12.46
C ARG A 1083 13.43 24.51 -13.05
N CYS A 1084 12.73 23.40 -13.02
CA CYS A 1084 11.36 23.27 -13.47
C CYS A 1084 10.37 23.91 -12.49
N TYR A 1085 10.70 23.99 -11.22
CA TYR A 1085 9.85 24.68 -10.27
C TYR A 1085 10.34 26.08 -9.92
N GLY A 1086 11.38 26.57 -10.58
CA GLY A 1086 11.87 27.91 -10.27
C GLY A 1086 12.33 28.09 -8.83
N VAL A 1087 13.06 27.12 -8.29
CA VAL A 1087 13.68 27.20 -6.98
C VAL A 1087 15.12 26.73 -7.08
N LYS A 1088 15.82 26.71 -5.96
CA LYS A 1088 17.20 26.22 -5.95
C LYS A 1088 17.41 25.40 -4.71
N ASN A 1089 17.83 24.16 -4.89
CA ASN A 1089 18.18 23.30 -3.77
C ASN A 1089 16.95 22.87 -2.99
N VAL A 1090 15.80 22.82 -3.63
CA VAL A 1090 14.67 22.40 -2.79
C VAL A 1090 14.53 20.89 -2.91
N PHE A 1091 14.39 20.39 -4.16
CA PHE A 1091 14.20 18.97 -4.46
C PHE A 1091 15.39 18.19 -4.29
N ASN A 1092 16.37 18.89 -3.78
CA ASN A 1092 17.68 18.37 -3.58
C ASN A 1092 17.94 17.89 -2.17
N TRP A 1093 16.98 18.03 -1.25
CA TRP A 1093 17.29 18.10 0.17
C TRP A 1093 17.81 16.78 0.71
N MET A 1094 17.23 15.66 0.27
CA MET A 1094 17.62 14.36 0.84
C MET A 1094 19.07 14.05 0.54
N HIS A 1095 19.46 14.18 -0.70
CA HIS A 1095 20.82 13.74 -0.93
C HIS A 1095 21.80 14.67 -0.28
N TYR A 1096 21.37 15.85 0.16
CA TYR A 1096 22.31 16.72 0.90
C TYR A 1096 22.24 16.43 2.40
N THR A 1097 21.07 16.06 2.90
CA THR A 1097 20.89 15.89 4.37
C THR A 1097 21.19 14.47 4.80
N ILE A 1098 20.47 13.48 4.26
CA ILE A 1098 20.61 12.07 4.75
C ILE A 1098 22.10 11.64 4.79
N PRO A 1099 22.89 11.79 3.71
CA PRO A 1099 24.31 11.31 3.70
C PRO A 1099 25.09 11.86 4.88
N GLN A 1100 24.64 12.99 5.45
CA GLN A 1100 25.40 13.64 6.54
C GLN A 1100 24.61 13.54 7.87
N CYS A 1101 23.95 12.40 8.11
CA CYS A 1101 23.23 12.19 9.39
C CYS A 1101 23.82 10.98 10.12
N TYR A 1102 23.34 10.70 11.34
CA TYR A 1102 23.83 9.54 12.10
C TYR A 1102 22.69 8.55 12.18
N MET A 1103 22.62 7.66 11.22
CA MET A 1103 21.44 6.84 11.08
C MET A 1103 21.32 5.89 12.26
N HIS A 1104 20.16 5.85 12.90
CA HIS A 1104 19.96 4.92 14.01
C HIS A 1104 18.49 4.66 14.14
N VAL A 1105 18.13 3.85 15.11
CA VAL A 1105 16.72 3.58 15.30
C VAL A 1105 16.27 4.16 16.63
N SER A 1106 15.19 4.94 16.58
CA SER A 1106 14.66 5.66 17.73
C SER A 1106 13.87 4.71 18.61
N ASP A 1107 14.55 3.63 19.02
CA ASP A 1107 13.97 2.56 19.82
C ASP A 1107 14.09 2.89 21.30
N TYR A 1108 12.96 2.92 21.99
CA TYR A 1108 12.98 3.51 23.31
C TYR A 1108 13.92 2.79 24.27
N TYR A 1109 14.05 1.47 24.14
CA TYR A 1109 14.83 0.71 25.11
C TYR A 1109 16.11 0.11 24.55
N ASN A 1110 16.59 0.64 23.44
CA ASN A 1110 17.77 0.08 22.79
C ASN A 1110 18.42 1.21 22.06
N PRO A 1111 19.23 1.97 22.77
CA PRO A 1111 20.11 2.94 22.15
C PRO A 1111 21.20 2.28 21.30
N PRO A 1112 21.85 3.03 20.40
CA PRO A 1112 22.98 2.49 19.65
C PRO A 1112 24.06 2.02 20.59
N HIS A 1113 24.76 1.00 20.20
CA HIS A 1113 25.64 0.34 21.14
C HIS A 1113 26.70 1.30 21.59
N ASN A 1114 27.22 1.04 22.77
CA ASN A 1114 28.39 1.72 23.28
C ASN A 1114 28.18 3.21 23.42
N LEU A 1115 26.93 3.65 23.47
CA LEU A 1115 26.61 5.07 23.57
C LEU A 1115 26.75 5.51 25.01
N THR A 1116 27.54 6.55 25.24
CA THR A 1116 27.74 7.05 26.58
C THR A 1116 27.70 8.57 26.54
N LEU A 1117 27.70 9.19 27.72
CA LEU A 1117 27.71 10.66 27.80
C LEU A 1117 29.02 11.25 27.30
N GLU A 1118 30.10 10.48 27.30
CA GLU A 1118 31.35 11.01 26.78
C GLU A 1118 31.27 11.22 25.28
N ASN A 1119 30.78 10.24 24.53
CA ASN A 1119 30.72 10.35 23.07
C ASN A 1119 29.31 10.59 22.59
N ARG A 1120 28.52 11.39 23.30
CA ARG A 1120 27.18 11.67 22.82
C ARG A 1120 27.20 12.57 21.60
N ASP A 1121 28.15 13.52 21.55
CA ASP A 1121 28.22 14.42 20.40
C ASP A 1121 28.65 13.71 19.12
N ASN A 1122 29.54 12.72 19.23
CA ASN A 1122 30.11 12.01 18.08
C ASN A 1122 29.88 10.52 18.29
N PRO A 1123 28.66 10.04 18.11
CA PRO A 1123 28.34 8.68 18.53
C PRO A 1123 29.19 7.69 17.73
N PRO A 1124 29.52 6.56 18.33
CA PRO A 1124 30.22 5.53 17.56
C PRO A 1124 29.26 4.73 16.69
N GLU A 1125 29.72 4.41 15.49
CA GLU A 1125 29.07 3.40 14.67
C GLU A 1125 29.06 2.08 15.40
N GLY A 1126 28.05 1.27 15.14
CA GLY A 1126 27.95 -0.04 15.74
C GLY A 1126 26.95 -0.84 14.97
N PRO A 1127 26.58 -2.00 15.48
CA PRO A 1127 25.55 -2.80 14.81
C PRO A 1127 24.20 -2.13 14.78
N SER A 1128 23.95 -1.18 15.65
CA SER A 1128 22.66 -0.51 15.65
C SER A 1128 22.64 0.74 14.78
N SER A 1129 23.78 1.40 14.60
CA SER A 1129 23.81 2.69 13.94
C SER A 1129 24.97 2.77 12.96
N TYR A 1130 24.79 3.52 11.88
CA TYR A 1130 25.85 3.67 10.89
C TYR A 1130 25.81 5.04 10.32
N ARG A 1131 26.95 5.48 9.78
CA ARG A 1131 27.05 6.91 9.56
C ARG A 1131 26.64 7.33 8.16
N GLY A 1132 27.37 6.90 7.14
CA GLY A 1132 27.16 7.45 5.82
C GLY A 1132 26.08 6.70 5.09
N HIS A 1133 25.11 7.42 4.60
CA HIS A 1133 23.99 6.77 3.95
C HIS A 1133 23.90 7.32 2.56
N MET A 1134 24.68 6.77 1.65
CA MET A 1134 24.69 7.28 0.29
C MET A 1134 23.54 6.64 -0.46
N GLY A 1135 22.34 7.14 -0.26
CA GLY A 1135 21.21 6.44 -0.85
C GLY A 1135 19.90 7.09 -0.52
N GLY A 1136 18.82 6.36 -0.77
CA GLY A 1136 17.50 6.82 -0.43
C GLY A 1136 16.98 6.19 0.86
N ILE A 1137 15.80 6.64 1.25
CA ILE A 1137 15.04 6.08 2.37
C ILE A 1137 13.63 5.80 1.88
N GLU A 1138 13.04 4.72 2.37
CA GLU A 1138 11.69 4.40 1.94
C GLU A 1138 10.74 5.56 2.23
N GLY A 1139 9.91 5.88 1.25
CA GLY A 1139 8.88 6.89 1.35
C GLY A 1139 9.31 8.29 0.97
N LEU A 1140 10.50 8.69 1.40
CA LEU A 1140 11.01 10.02 1.12
C LEU A 1140 11.25 10.16 -0.39
N GLN A 1141 10.76 11.23 -0.99
CA GLN A 1141 10.88 11.42 -2.44
C GLN A 1141 10.36 10.22 -3.22
N GLN A 1142 9.27 9.64 -2.75
CA GLN A 1142 8.61 8.64 -3.55
C GLN A 1142 8.18 9.21 -4.89
N LYS A 1143 7.73 10.47 -4.92
CA LYS A 1143 7.29 11.05 -6.19
C LYS A 1143 8.45 11.25 -7.14
N LEU A 1144 9.63 11.58 -6.64
CA LEU A 1144 10.69 11.76 -7.60
C LEU A 1144 11.19 10.44 -8.12
N TRP A 1145 11.32 9.46 -7.24
CA TRP A 1145 11.91 8.20 -7.67
C TRP A 1145 11.00 7.49 -8.65
N THR A 1146 9.70 7.50 -8.40
CA THR A 1146 8.81 6.91 -9.38
C THR A 1146 8.92 7.62 -10.72
N SER A 1147 9.24 8.91 -10.72
CA SER A 1147 9.40 9.62 -11.99
C SER A 1147 10.66 9.16 -12.72
N ILE A 1148 11.76 8.95 -12.02
CA ILE A 1148 12.95 8.43 -12.70
C ILE A 1148 12.72 7.02 -13.16
N SER A 1149 11.94 6.24 -12.39
CA SER A 1149 11.58 4.90 -12.82
C SER A 1149 10.79 4.92 -14.14
N CYS A 1150 9.79 5.80 -14.25
CA CYS A 1150 9.06 5.88 -15.51
C CYS A 1150 9.92 6.44 -16.64
N ALA A 1151 10.91 7.25 -16.30
CA ALA A 1151 11.89 7.68 -17.31
C ALA A 1151 12.68 6.48 -17.83
N GLN A 1152 13.14 5.59 -16.96
CA GLN A 1152 13.87 4.39 -17.43
C GLN A 1152 12.96 3.50 -18.26
N ILE A 1153 11.69 3.34 -17.86
CA ILE A 1153 10.75 2.54 -18.63
C ILE A 1153 10.54 3.13 -20.02
N SER A 1154 10.43 4.46 -20.12
CA SER A 1154 10.30 5.07 -21.45
C SER A 1154 11.60 4.97 -22.23
N LEU A 1155 12.75 4.98 -21.57
CA LEU A 1155 13.98 4.79 -22.33
C LEU A 1155 14.01 3.40 -22.96
N VAL A 1156 13.58 2.38 -22.21
CA VAL A 1156 13.52 1.02 -22.78
C VAL A 1156 12.50 0.97 -23.90
N GLU A 1157 11.39 1.70 -23.78
CA GLU A 1157 10.41 1.74 -24.85
C GLU A 1157 10.96 2.35 -26.14
N ILE A 1158 11.72 3.43 -26.01
CA ILE A 1158 12.38 4.03 -27.18
C ILE A 1158 13.35 3.06 -27.82
N LYS A 1159 14.20 2.42 -27.01
CA LYS A 1159 15.24 1.53 -27.54
C LYS A 1159 14.64 0.26 -28.15
N THR A 1160 13.97 -0.55 -27.33
CA THR A 1160 13.43 -1.81 -27.83
C THR A 1160 12.39 -1.54 -28.88
N GLY A 1161 11.40 -0.74 -28.56
CA GLY A 1161 10.41 -0.37 -29.53
C GLY A 1161 9.06 -0.95 -29.31
N PHE A 1162 8.77 -1.45 -28.12
CA PHE A 1162 7.42 -1.93 -27.82
C PHE A 1162 6.68 -0.90 -26.99
N LYS A 1163 5.36 -1.00 -26.95
CA LYS A 1163 4.56 -0.01 -26.21
C LYS A 1163 4.54 -0.35 -24.72
N LEU A 1164 5.23 0.42 -23.89
CA LEU A 1164 5.32 0.05 -22.49
C LEU A 1164 4.31 0.86 -21.69
N ARG A 1165 3.59 0.20 -20.79
CA ARG A 1165 2.72 0.85 -19.83
C ARG A 1165 3.26 0.59 -18.44
N SER A 1166 3.58 1.63 -17.71
CA SER A 1166 4.17 1.50 -16.39
C SER A 1166 3.14 1.85 -15.34
N ALA A 1167 2.98 0.98 -14.35
CA ALA A 1167 2.00 1.20 -13.29
C ALA A 1167 2.59 0.72 -11.97
N VAL A 1168 2.56 1.58 -10.95
CA VAL A 1168 3.12 1.29 -9.63
C VAL A 1168 2.02 1.35 -8.60
N MET A 1169 2.06 0.42 -7.65
CA MET A 1169 1.10 0.44 -6.56
C MET A 1169 1.73 -0.20 -5.34
N GLY A 1170 1.82 0.54 -4.25
CA GLY A 1170 2.53 0.06 -3.11
C GLY A 1170 3.99 -0.09 -3.44
N ASP A 1171 4.53 -1.29 -3.31
CA ASP A 1171 5.94 -1.50 -3.56
C ASP A 1171 6.24 -1.97 -4.98
N ASN A 1172 5.31 -2.63 -5.65
CA ASN A 1172 5.61 -3.25 -6.94
C ASN A 1172 5.37 -2.30 -8.09
N GLN A 1173 6.17 -2.46 -9.13
CA GLN A 1173 5.97 -1.77 -10.40
C GLN A 1173 5.79 -2.78 -11.51
N CYS A 1174 4.66 -2.71 -12.17
CA CYS A 1174 4.31 -3.63 -13.24
C CYS A 1174 4.50 -2.94 -14.57
N ILE A 1175 5.30 -3.51 -15.45
CA ILE A 1175 5.53 -2.90 -16.75
C ILE A 1175 4.88 -3.79 -17.78
N THR A 1176 3.75 -3.36 -18.32
CA THR A 1176 3.04 -4.15 -19.33
C THR A 1176 3.58 -3.82 -20.71
N VAL A 1177 4.15 -4.81 -21.38
CA VAL A 1177 4.67 -4.65 -22.71
C VAL A 1177 3.60 -5.02 -23.67
N LEU A 1178 3.20 -4.08 -24.49
CA LEU A 1178 2.24 -4.35 -25.54
C LEU A 1178 2.99 -4.53 -26.84
N SER A 1179 2.73 -5.65 -27.50
CA SER A 1179 3.36 -5.96 -28.75
C SER A 1179 2.27 -6.22 -29.77
N VAL A 1180 2.45 -5.68 -30.98
CA VAL A 1180 1.48 -5.85 -32.06
C VAL A 1180 1.89 -7.00 -32.96
N PHE A 1181 0.91 -7.80 -33.34
CA PHE A 1181 1.10 -8.90 -34.25
C PHE A 1181 0.21 -8.75 -35.46
N PRO A 1182 0.58 -9.35 -36.59
CA PRO A 1182 -0.37 -9.50 -37.70
C PRO A 1182 -1.56 -10.37 -37.28
N LEU A 1183 -2.73 -10.08 -37.86
CA LEU A 1183 -3.97 -10.76 -37.47
C LEU A 1183 -3.92 -12.26 -37.80
N GLU A 1184 -3.35 -12.62 -38.95
CA GLU A 1184 -3.23 -14.01 -39.36
C GLU A 1184 -2.03 -14.67 -38.68
N THR A 1185 -2.16 -14.84 -37.36
CA THR A 1185 -1.18 -15.56 -36.55
C THR A 1185 -1.92 -16.47 -35.56
N ASP A 1186 -1.24 -17.55 -35.15
CA ASP A 1186 -1.84 -18.52 -34.24
C ASP A 1186 -1.98 -17.90 -32.84
N ALA A 1187 -3.15 -18.08 -32.23
CA ALA A 1187 -3.38 -17.51 -30.90
C ALA A 1187 -2.44 -18.11 -29.86
N ASP A 1188 -2.16 -19.40 -29.95
CA ASP A 1188 -1.17 -20.01 -29.07
C ASP A 1188 0.22 -19.46 -29.35
N GLU A 1189 0.55 -19.27 -30.63
CA GLU A 1189 1.88 -18.75 -30.98
C GLU A 1189 2.03 -17.30 -30.55
N GLN A 1190 1.00 -16.47 -30.75
CA GLN A 1190 1.13 -15.06 -30.43
C GLN A 1190 1.29 -14.85 -28.92
N GLU A 1191 0.63 -15.64 -28.10
CA GLU A 1191 0.83 -15.49 -26.67
C GLU A 1191 2.26 -15.80 -26.30
N GLN A 1192 2.79 -16.88 -26.84
CA GLN A 1192 4.18 -17.17 -26.58
C GLN A 1192 5.06 -16.02 -27.02
N SER A 1193 4.81 -15.46 -28.22
CA SER A 1193 5.70 -14.40 -28.69
C SER A 1193 5.56 -13.14 -27.86
N ALA A 1194 4.36 -12.85 -27.38
CA ALA A 1194 4.16 -11.70 -26.52
C ALA A 1194 4.90 -11.87 -25.22
N GLU A 1195 4.83 -13.05 -24.63
CA GLU A 1195 5.60 -13.28 -23.43
C GLU A 1195 7.08 -13.14 -23.72
N ASP A 1196 7.53 -13.59 -24.89
CA ASP A 1196 8.93 -13.43 -25.22
C ASP A 1196 9.32 -11.95 -25.34
N ASN A 1197 8.46 -11.14 -25.95
CA ASN A 1197 8.70 -9.70 -26.02
C ASN A 1197 8.77 -9.09 -24.65
N ALA A 1198 7.93 -9.56 -23.73
CA ALA A 1198 8.00 -9.06 -22.37
C ALA A 1198 9.31 -9.44 -21.73
N ALA A 1199 9.79 -10.64 -21.99
CA ALA A 1199 11.05 -10.99 -21.38
C ALA A 1199 12.19 -10.22 -22.00
N ARG A 1200 12.06 -9.84 -23.28
CA ARG A 1200 13.10 -9.04 -23.93
C ARG A 1200 13.13 -7.63 -23.39
N VAL A 1201 11.96 -7.04 -23.17
CA VAL A 1201 11.86 -5.76 -22.48
C VAL A 1201 12.44 -5.86 -21.10
N ALA A 1202 12.15 -6.94 -20.39
CA ALA A 1202 12.69 -7.09 -19.06
C ALA A 1202 14.21 -7.17 -19.09
N ALA A 1203 14.79 -7.86 -20.07
CA ALA A 1203 16.25 -7.92 -20.15
C ALA A 1203 16.84 -6.55 -20.45
N SER A 1204 16.26 -5.81 -21.40
CA SER A 1204 16.74 -4.45 -21.64
C SER A 1204 16.60 -3.59 -20.40
N LEU A 1205 15.47 -3.68 -19.71
CA LEU A 1205 15.28 -2.86 -18.53
C LEU A 1205 16.24 -3.28 -17.45
N ALA A 1206 16.61 -4.54 -17.44
CA ALA A 1206 17.61 -4.94 -16.49
C ALA A 1206 18.92 -4.26 -16.80
N LYS A 1207 19.27 -4.18 -18.08
CA LYS A 1207 20.54 -3.53 -18.43
C LYS A 1207 20.51 -2.04 -18.09
N VAL A 1208 19.42 -1.37 -18.46
CA VAL A 1208 19.24 0.06 -18.19
C VAL A 1208 19.38 0.34 -16.71
N THR A 1209 18.50 -0.26 -15.88
CA THR A 1209 18.53 0.04 -14.46
C THR A 1209 19.81 -0.43 -13.83
N SER A 1210 20.39 -1.53 -14.29
CA SER A 1210 21.68 -1.94 -13.74
C SER A 1210 22.69 -0.84 -13.93
N ALA A 1211 22.65 -0.18 -15.09
CA ALA A 1211 23.58 0.92 -15.31
C ALA A 1211 23.19 2.13 -14.46
N CYS A 1212 21.92 2.28 -14.14
CA CYS A 1212 21.50 3.42 -13.33
C CYS A 1212 21.79 3.22 -11.84
N GLY A 1213 22.23 2.02 -11.45
CA GLY A 1213 22.52 1.68 -10.07
C GLY A 1213 21.52 0.75 -9.43
N ILE A 1214 20.34 0.58 -10.00
CA ILE A 1214 19.28 -0.22 -9.40
C ILE A 1214 19.32 -1.61 -10.01
N PHE A 1215 19.70 -2.62 -9.23
CA PHE A 1215 19.84 -3.96 -9.79
C PHE A 1215 18.51 -4.66 -9.72
N LEU A 1216 17.95 -4.92 -10.87
CA LEU A 1216 16.73 -5.70 -11.05
C LEU A 1216 17.13 -7.16 -11.00
N LYS A 1217 16.90 -7.81 -9.87
CA LYS A 1217 17.28 -9.22 -9.75
C LYS A 1217 16.43 -10.07 -10.68
N PRO A 1218 17.00 -10.67 -11.73
CA PRO A 1218 16.18 -11.46 -12.64
C PRO A 1218 15.56 -12.71 -12.01
N ASP A 1219 16.09 -13.23 -10.89
CA ASP A 1219 15.45 -14.38 -10.27
C ASP A 1219 14.07 -14.05 -9.74
N GLU A 1220 13.92 -12.89 -9.11
CA GLU A 1220 12.71 -12.55 -8.37
C GLU A 1220 11.76 -11.66 -9.17
N THR A 1221 12.04 -11.41 -10.46
CA THR A 1221 11.10 -10.73 -11.34
C THR A 1221 10.63 -11.70 -12.39
N PHE A 1222 9.36 -11.68 -12.65
CA PHE A 1222 8.84 -12.73 -13.50
C PHE A 1222 8.00 -12.15 -14.59
N VAL A 1223 8.01 -12.83 -15.74
CA VAL A 1223 7.25 -12.41 -16.91
C VAL A 1223 5.91 -13.09 -16.89
N HIS A 1224 4.87 -12.30 -16.68
CA HIS A 1224 3.52 -12.82 -16.52
C HIS A 1224 2.75 -12.49 -17.79
N SER A 1225 2.22 -13.48 -18.44
CA SER A 1225 1.41 -13.18 -19.59
C SER A 1225 -0.03 -13.40 -19.18
N GLY A 1226 -0.71 -12.34 -18.82
CA GLY A 1226 -2.12 -12.43 -18.51
C GLY A 1226 -2.47 -12.36 -17.04
N PHE A 1227 -1.50 -12.53 -16.15
CA PHE A 1227 -1.73 -12.39 -14.70
C PHE A 1227 -1.24 -11.03 -14.20
N ILE A 1228 -2.17 -10.08 -14.08
CA ILE A 1228 -1.95 -8.74 -13.57
C ILE A 1228 -2.27 -8.77 -12.09
N TYR A 1229 -1.26 -8.79 -11.22
CA TYR A 1229 -1.58 -8.93 -9.81
C TYR A 1229 -1.08 -7.81 -8.95
N PHE A 1230 -0.33 -6.88 -9.50
CA PHE A 1230 -0.06 -5.69 -8.72
C PHE A 1230 -1.36 -4.95 -8.47
N GLY A 1231 -1.31 -4.00 -7.57
CA GLY A 1231 -2.43 -3.11 -7.38
C GLY A 1231 -3.54 -3.71 -6.54
N LYS A 1232 -4.64 -2.97 -6.50
CA LYS A 1232 -5.69 -3.38 -5.59
C LYS A 1232 -6.37 -4.64 -6.07
N LYS A 1233 -6.46 -4.84 -7.38
CA LYS A 1233 -7.23 -5.96 -7.88
C LYS A 1233 -6.37 -6.88 -8.73
N GLN A 1234 -6.44 -8.18 -8.44
CA GLN A 1234 -5.69 -9.17 -9.19
C GLN A 1234 -6.53 -9.71 -10.32
N TYR A 1235 -5.95 -9.81 -11.50
CA TYR A 1235 -6.66 -10.36 -12.65
C TYR A 1235 -5.88 -11.53 -13.20
N LEU A 1236 -6.58 -12.58 -13.57
CA LEU A 1236 -6.00 -13.71 -14.29
C LEU A 1236 -6.62 -13.75 -15.67
N ASN A 1237 -5.88 -13.35 -16.69
CA ASN A 1237 -6.45 -13.24 -18.03
C ASN A 1237 -7.72 -12.41 -18.02
N GLY A 1238 -7.75 -11.39 -17.18
CA GLY A 1238 -8.91 -10.52 -17.12
C GLY A 1238 -10.09 -11.03 -16.31
N VAL A 1239 -10.05 -12.23 -15.79
CA VAL A 1239 -11.05 -12.66 -14.84
C VAL A 1239 -10.60 -12.16 -13.49
N GLN A 1240 -11.45 -11.41 -12.80
CA GLN A 1240 -11.01 -10.82 -11.56
C GLN A 1240 -11.00 -11.86 -10.46
N LEU A 1241 -9.91 -11.96 -9.80
CA LEU A 1241 -9.86 -12.91 -8.72
C LEU A 1241 -10.28 -12.24 -7.42
N PRO A 1242 -10.86 -12.96 -6.49
CA PRO A 1242 -11.27 -12.36 -5.23
C PRO A 1242 -10.15 -12.35 -4.21
N GLN A 1243 -10.03 -11.25 -3.48
CA GLN A 1243 -9.20 -11.24 -2.27
C GLN A 1243 -10.11 -10.69 -1.18
N SER A 1244 -10.96 -11.54 -0.66
CA SER A 1244 -11.88 -11.06 0.35
C SER A 1244 -11.26 -11.06 1.72
N LEU A 1245 -10.47 -12.08 2.04
CA LEU A 1245 -10.05 -12.25 3.42
C LEU A 1245 -9.16 -11.12 3.92
N LYS A 1246 -8.56 -10.31 3.05
CA LYS A 1246 -7.65 -9.33 3.61
C LYS A 1246 -8.38 -8.23 4.36
N THR A 1247 -9.69 -8.06 4.12
CA THR A 1247 -10.53 -7.15 4.89
C THR A 1247 -11.56 -7.85 5.75
N ALA A 1248 -11.95 -9.06 5.37
CA ALA A 1248 -12.95 -9.77 6.15
C ALA A 1248 -12.39 -10.31 7.43
N THR A 1249 -11.08 -10.61 7.48
CA THR A 1249 -10.47 -11.13 8.69
C THR A 1249 -9.96 -10.03 9.60
N ARG A 1250 -10.08 -8.79 9.21
CA ARG A 1250 -9.71 -7.74 10.15
C ARG A 1250 -10.85 -7.35 11.09
N MET A 1251 -12.06 -7.91 10.91
CA MET A 1251 -13.18 -7.54 11.77
C MET A 1251 -12.92 -8.00 13.20
N ALA A 1252 -13.31 -7.16 14.15
CA ALA A 1252 -13.00 -7.45 15.55
C ALA A 1252 -13.86 -6.58 16.44
N PRO A 1253 -14.24 -7.08 17.60
CA PRO A 1253 -15.05 -6.29 18.53
C PRO A 1253 -14.34 -5.08 19.06
N LEU A 1254 -13.04 -5.06 19.05
CA LEU A 1254 -12.34 -3.91 19.57
C LEU A 1254 -11.55 -3.37 18.40
N SER A 1255 -11.65 -2.08 18.16
CA SER A 1255 -10.89 -1.42 17.11
C SER A 1255 -10.33 -0.14 17.66
N ASP A 1256 -9.51 0.56 16.88
CA ASP A 1256 -8.96 1.82 17.35
C ASP A 1256 -9.87 3.01 17.04
N ALA A 1257 -11.05 3.01 17.65
CA ALA A 1257 -12.04 4.06 17.49
C ALA A 1257 -11.70 5.20 18.44
N ILE A 1258 -12.33 6.36 18.26
CA ILE A 1258 -12.09 7.44 19.20
C ILE A 1258 -12.68 6.91 20.50
N PHE A 1259 -11.92 7.06 21.59
CA PHE A 1259 -12.27 6.55 22.90
C PHE A 1259 -12.51 5.06 22.66
N ASP A 1260 -13.65 4.55 23.08
CA ASP A 1260 -13.96 3.16 22.82
C ASP A 1260 -15.37 3.15 22.29
N ASP A 1261 -15.67 4.09 21.41
CA ASP A 1261 -17.03 4.22 20.91
C ASP A 1261 -17.52 2.97 20.25
N LEU A 1262 -18.74 2.58 20.58
CA LEU A 1262 -19.37 1.42 19.99
C LEU A 1262 -19.62 1.68 18.52
N GLN A 1263 -20.06 2.90 18.24
CA GLN A 1263 -20.37 3.31 16.87
C GLN A 1263 -19.14 3.24 16.01
N GLY A 1264 -18.01 3.69 16.54
CA GLY A 1264 -16.79 3.63 15.77
C GLY A 1264 -16.43 2.20 15.46
N THR A 1265 -16.55 1.32 16.46
CA THR A 1265 -16.24 -0.08 16.26
C THR A 1265 -17.17 -0.75 15.29
N LEU A 1266 -18.45 -0.45 15.41
CA LEU A 1266 -19.44 -1.02 14.51
C LEU A 1266 -19.25 -0.50 13.10
N ALA A 1267 -18.88 0.77 12.98
CA ALA A 1267 -18.64 1.36 11.67
C ALA A 1267 -17.48 0.65 10.99
N SER A 1268 -16.42 0.37 11.75
CA SER A 1268 -15.28 -0.31 11.17
C SER A 1268 -15.74 -1.65 10.65
N ILE A 1269 -16.46 -2.40 11.46
CA ILE A 1269 -16.97 -3.69 10.99
C ILE A 1269 -17.85 -3.50 9.75
N GLY A 1270 -18.66 -2.45 9.72
CA GLY A 1270 -19.48 -2.22 8.54
C GLY A 1270 -18.63 -1.92 7.32
N THR A 1271 -17.56 -1.16 7.50
CA THR A 1271 -16.69 -0.88 6.37
C THR A 1271 -15.98 -2.14 5.89
N ALA A 1272 -15.45 -2.92 6.82
CA ALA A 1272 -14.82 -4.17 6.40
C ALA A 1272 -15.83 -5.08 5.70
N PHE A 1273 -17.10 -5.02 6.09
CA PHE A 1273 -18.08 -5.87 5.43
C PHE A 1273 -18.41 -5.40 4.03
N GLU A 1274 -18.53 -4.09 3.84
CA GLU A 1274 -18.75 -3.57 2.48
C GLU A 1274 -17.60 -3.95 1.58
N ARG A 1275 -16.37 -3.70 2.02
CA ARG A 1275 -15.24 -4.01 1.16
C ARG A 1275 -15.15 -5.50 0.87
N SER A 1276 -15.34 -6.35 1.88
CA SER A 1276 -15.16 -7.76 1.62
C SER A 1276 -16.22 -8.27 0.67
N ILE A 1277 -17.46 -7.81 0.80
CA ILE A 1277 -18.45 -8.18 -0.22
C ILE A 1277 -17.96 -7.77 -1.60
N SER A 1278 -17.37 -6.56 -1.71
CA SER A 1278 -16.96 -6.09 -3.04
C SER A 1278 -16.02 -7.03 -3.71
N GLU A 1279 -15.07 -7.55 -2.97
CA GLU A 1279 -14.00 -8.23 -3.65
C GLU A 1279 -14.13 -9.73 -3.44
N THR A 1280 -15.33 -10.26 -3.54
CA THR A 1280 -15.54 -11.70 -3.60
C THR A 1280 -16.96 -12.01 -4.02
N ARG A 1281 -17.17 -13.25 -4.41
CA ARG A 1281 -18.48 -13.61 -4.92
C ARG A 1281 -19.36 -14.28 -3.88
N HIS A 1282 -18.99 -14.22 -2.61
CA HIS A 1282 -19.77 -14.85 -1.56
C HIS A 1282 -20.31 -13.81 -0.57
N ILE A 1283 -21.63 -13.85 -0.35
CA ILE A 1283 -22.29 -12.85 0.48
C ILE A 1283 -22.34 -13.30 1.92
N PHE A 1284 -22.77 -14.50 2.16
CA PHE A 1284 -23.08 -14.86 3.52
C PHE A 1284 -21.87 -15.10 4.41
N PRO A 1285 -20.71 -15.54 3.92
CA PRO A 1285 -19.59 -15.70 4.84
C PRO A 1285 -19.25 -14.42 5.57
N CYS A 1286 -19.06 -13.32 4.82
CA CYS A 1286 -18.71 -12.05 5.44
C CYS A 1286 -19.87 -11.46 6.22
N ARG A 1287 -21.10 -11.66 5.76
CA ARG A 1287 -22.21 -11.19 6.54
C ARG A 1287 -22.23 -11.85 7.90
N ILE A 1288 -21.95 -13.15 7.95
CA ILE A 1288 -21.93 -13.86 9.22
C ILE A 1288 -20.80 -13.35 10.10
N THR A 1289 -19.62 -13.14 9.53
CA THR A 1289 -18.52 -12.65 10.36
C THR A 1289 -18.78 -11.25 10.90
N ALA A 1290 -19.38 -10.36 10.09
CA ALA A 1290 -19.66 -9.01 10.58
C ALA A 1290 -20.80 -9.00 11.59
N ALA A 1291 -21.83 -9.82 11.42
CA ALA A 1291 -22.86 -9.89 12.45
C ALA A 1291 -22.26 -10.37 13.76
N PHE A 1292 -21.47 -11.45 13.69
CA PHE A 1292 -20.89 -12.02 14.88
C PHE A 1292 -20.09 -10.96 15.63
N HIS A 1293 -19.23 -10.26 14.91
CA HIS A 1293 -18.42 -9.29 15.62
C HIS A 1293 -19.21 -8.02 16.00
N THR A 1294 -20.29 -7.68 15.31
CA THR A 1294 -21.10 -6.53 15.72
C THR A 1294 -21.69 -6.79 17.09
N PHE A 1295 -22.36 -7.90 17.25
CA PHE A 1295 -22.91 -8.17 18.56
C PHE A 1295 -21.82 -8.30 19.60
N PHE A 1296 -20.71 -8.91 19.24
CA PHE A 1296 -19.71 -9.11 20.25
C PHE A 1296 -19.09 -7.80 20.68
N SER A 1297 -19.03 -6.81 19.80
CA SER A 1297 -18.57 -5.50 20.25
C SER A 1297 -19.54 -4.89 21.21
N VAL A 1298 -20.83 -4.94 20.87
CA VAL A 1298 -21.82 -4.37 21.78
C VAL A 1298 -21.63 -4.92 23.17
N ARG A 1299 -21.61 -6.22 23.29
CA ARG A 1299 -21.49 -6.79 24.61
C ARG A 1299 -20.16 -6.43 25.25
N ILE A 1300 -19.08 -6.47 24.49
CA ILE A 1300 -17.78 -6.40 25.15
C ILE A 1300 -17.50 -4.98 25.63
N LEU A 1301 -18.05 -3.97 24.97
CA LEU A 1301 -17.96 -2.62 25.50
C LEU A 1301 -19.01 -2.40 26.55
N GLN A 1302 -20.09 -3.19 26.55
CA GLN A 1302 -21.13 -2.99 27.54
C GLN A 1302 -20.58 -3.22 28.92
N TYR A 1303 -19.82 -4.28 29.12
CA TYR A 1303 -19.34 -4.58 30.47
C TYR A 1303 -17.93 -4.09 30.72
N HIS A 1304 -17.01 -4.35 29.80
CA HIS A 1304 -15.59 -4.13 30.01
C HIS A 1304 -15.10 -2.84 29.36
N HIS A 1305 -15.85 -1.76 29.40
CA HIS A 1305 -15.40 -0.59 28.68
C HIS A 1305 -14.10 -0.15 29.30
N LEU A 1306 -13.16 0.28 28.47
CA LEU A 1306 -11.88 0.64 29.06
C LEU A 1306 -11.91 2.02 29.69
N GLY A 1307 -12.74 2.92 29.18
CA GLY A 1307 -12.83 4.23 29.78
C GLY A 1307 -13.41 4.19 31.18
N PHE A 1308 -14.48 3.44 31.37
CA PHE A 1308 -15.12 3.40 32.66
C PHE A 1308 -14.42 2.44 33.61
N ASN A 1309 -14.74 2.56 34.90
CA ASN A 1309 -14.06 1.74 35.88
C ASN A 1309 -14.44 0.28 35.75
N LYS A 1310 -13.67 -0.57 36.43
CA LYS A 1310 -13.90 -2.00 36.34
C LYS A 1310 -15.31 -2.31 36.81
N GLY A 1311 -15.95 -3.25 36.12
CA GLY A 1311 -17.29 -3.67 36.53
C GLY A 1311 -18.32 -2.56 36.41
N PHE A 1312 -18.30 -1.83 35.33
CA PHE A 1312 -19.18 -0.69 35.10
C PHE A 1312 -20.09 -1.13 33.98
N ASP A 1313 -21.20 -1.71 34.34
CA ASP A 1313 -22.13 -2.19 33.34
C ASP A 1313 -22.75 -1.00 32.61
N LEU A 1314 -22.20 -0.65 31.45
CA LEU A 1314 -22.76 0.48 30.74
C LEU A 1314 -24.22 0.25 30.44
N GLY A 1315 -24.65 -1.01 30.41
CA GLY A 1315 -26.06 -1.25 30.17
C GLY A 1315 -26.95 -0.93 31.36
N GLN A 1316 -26.35 -0.71 32.52
CA GLN A 1316 -27.08 -0.47 33.75
C GLN A 1316 -27.16 1.01 34.09
N LEU A 1317 -26.07 1.74 33.86
CA LEU A 1317 -26.10 3.16 34.15
C LEU A 1317 -26.87 3.95 33.10
N THR A 1318 -27.33 3.31 32.03
CA THR A 1318 -28.19 3.99 31.08
C THR A 1318 -29.62 3.50 31.14
N LEU A 1319 -29.82 2.20 31.05
CA LEU A 1319 -31.16 1.63 31.00
C LEU A 1319 -31.73 1.30 32.37
N GLY A 1320 -30.96 1.43 33.42
CA GLY A 1320 -31.54 1.09 34.69
C GLY A 1320 -31.78 -0.39 34.86
N LYS A 1321 -32.43 -1.03 33.90
CA LYS A 1321 -32.52 -2.49 33.85
C LYS A 1321 -31.54 -3.01 32.82
N PRO A 1322 -31.12 -4.26 32.93
CA PRO A 1322 -30.07 -4.76 32.03
C PRO A 1322 -30.52 -4.82 30.56
N LEU A 1323 -29.59 -4.47 29.64
CA LEU A 1323 -29.84 -4.57 28.20
C LEU A 1323 -30.09 -6.01 27.84
N ASP A 1324 -31.16 -6.26 27.16
CA ASP A 1324 -31.38 -7.64 26.76
C ASP A 1324 -31.05 -7.82 25.29
N PHE A 1325 -31.20 -9.05 24.81
CA PHE A 1325 -31.08 -9.28 23.38
C PHE A 1325 -32.01 -8.37 22.61
N GLY A 1326 -33.21 -8.14 23.13
CA GLY A 1326 -34.19 -7.37 22.39
C GLY A 1326 -33.71 -5.95 22.13
N THR A 1327 -33.18 -5.28 23.15
CA THR A 1327 -32.81 -3.88 22.97
C THR A 1327 -31.62 -3.73 22.07
N ILE A 1328 -30.61 -4.58 22.23
CA ILE A 1328 -29.48 -4.51 21.35
C ILE A 1328 -29.89 -4.78 19.92
N SER A 1329 -30.66 -5.83 19.71
CA SER A 1329 -30.97 -6.20 18.33
C SER A 1329 -31.78 -5.12 17.64
N LEU A 1330 -32.56 -4.33 18.39
CA LEU A 1330 -33.29 -3.24 17.77
C LEU A 1330 -32.44 -1.98 17.63
N ALA A 1331 -31.45 -1.77 18.49
CA ALA A 1331 -30.53 -0.68 18.26
C ALA A 1331 -29.53 -0.99 17.16
N LEU A 1332 -29.37 -2.27 16.80
CA LEU A 1332 -28.54 -2.62 15.64
C LEU A 1332 -29.34 -2.68 14.35
N ALA A 1333 -30.65 -2.40 14.37
CA ALA A 1333 -31.44 -2.38 13.14
C ALA A 1333 -31.77 -0.97 12.67
N VAL A 1334 -31.44 0.04 13.47
CA VAL A 1334 -31.69 1.44 13.12
C VAL A 1334 -30.44 2.00 12.46
N PRO A 1335 -30.45 2.27 11.17
CA PRO A 1335 -29.24 2.68 10.49
C PRO A 1335 -28.73 3.94 11.12
N GLN A 1336 -27.43 4.15 10.98
CA GLN A 1336 -26.78 5.21 11.73
C GLN A 1336 -27.35 6.57 11.42
N VAL A 1337 -27.83 6.79 10.18
CA VAL A 1337 -28.27 8.14 9.85
C VAL A 1337 -29.61 8.44 10.49
N LEU A 1338 -30.47 7.45 10.70
CA LEU A 1338 -31.61 7.70 11.56
C LEU A 1338 -31.22 7.84 13.00
N GLY A 1339 -30.05 7.37 13.38
CA GLY A 1339 -29.64 7.47 14.76
C GLY A 1339 -29.76 6.12 15.41
N GLY A 1340 -28.63 5.43 15.51
CA GLY A 1340 -28.65 4.03 15.89
C GLY A 1340 -27.29 3.42 15.60
N LEU A 1341 -27.25 2.09 15.55
CA LEU A 1341 -25.96 1.46 15.35
C LEU A 1341 -25.93 0.52 14.15
N SER A 1342 -26.93 0.51 13.30
CA SER A 1342 -26.88 -0.38 12.15
C SER A 1342 -25.97 0.21 11.08
N PHE A 1343 -24.74 -0.28 11.00
CA PHE A 1343 -23.87 0.05 9.87
C PHE A 1343 -23.78 -1.05 8.82
N LEU A 1344 -24.47 -2.17 9.00
CA LEU A 1344 -24.47 -3.28 8.04
C LEU A 1344 -25.73 -3.16 7.20
N ASN A 1345 -25.62 -2.42 6.19
CA ASN A 1345 -26.82 -2.24 5.39
C ASN A 1345 -26.82 -3.25 4.27
N PRO A 1346 -27.87 -4.06 4.11
CA PRO A 1346 -27.86 -5.05 3.04
C PRO A 1346 -27.71 -4.43 1.68
N GLU A 1347 -28.24 -3.25 1.48
CA GLU A 1347 -28.16 -2.61 0.18
C GLU A 1347 -26.72 -2.40 -0.25
N LYS A 1348 -25.77 -2.42 0.68
CA LYS A 1348 -24.42 -2.18 0.23
C LYS A 1348 -23.84 -3.36 -0.52
N CYS A 1349 -24.53 -4.52 -0.53
CA CYS A 1349 -24.15 -5.66 -1.39
C CYS A 1349 -24.44 -5.40 -2.86
N PHE A 1350 -25.37 -4.50 -3.13
CA PHE A 1350 -25.72 -4.14 -4.49
C PHE A 1350 -24.86 -3.00 -5.03
N TYR A 1351 -24.49 -2.03 -4.21
CA TYR A 1351 -23.61 -0.97 -4.70
C TYR A 1351 -23.06 -0.16 -3.56
N ARG A 1352 -21.91 0.43 -3.82
CA ARG A 1352 -21.11 1.00 -2.75
C ARG A 1352 -21.69 2.33 -2.31
N ASN A 1353 -21.62 3.34 -3.17
CA ASN A 1353 -22.04 4.66 -2.77
C ASN A 1353 -23.54 4.73 -2.87
N LEU A 1354 -24.15 5.35 -1.90
CA LEU A 1354 -25.57 5.22 -1.74
C LEU A 1354 -26.23 6.55 -2.08
N GLY A 1355 -27.29 6.51 -2.88
CA GLY A 1355 -27.90 7.74 -3.36
C GLY A 1355 -28.33 8.65 -2.23
N ASP A 1356 -29.05 8.12 -1.28
CA ASP A 1356 -29.38 8.93 -0.13
C ASP A 1356 -29.36 8.10 1.14
N PRO A 1357 -28.48 8.39 2.10
CA PRO A 1357 -28.42 7.53 3.27
C PRO A 1357 -29.72 7.50 4.03
N VAL A 1358 -30.44 8.61 4.11
CA VAL A 1358 -31.68 8.55 4.87
C VAL A 1358 -32.68 7.69 4.19
N THR A 1359 -32.85 7.82 2.88
CA THR A 1359 -33.86 6.98 2.24
C THR A 1359 -33.49 5.50 2.27
N SER A 1360 -32.22 5.16 2.04
CA SER A 1360 -31.82 3.76 2.12
C SER A 1360 -31.98 3.22 3.53
N GLY A 1361 -31.50 3.97 4.52
CA GLY A 1361 -31.68 3.54 5.89
C GLY A 1361 -33.13 3.35 6.22
N LEU A 1362 -33.98 4.23 5.75
CA LEU A 1362 -35.37 4.07 6.07
C LEU A 1362 -35.90 2.81 5.44
N PHE A 1363 -35.53 2.54 4.20
CA PHE A 1363 -36.04 1.34 3.57
C PHE A 1363 -35.56 0.09 4.28
N GLN A 1364 -34.30 0.09 4.73
CA GLN A 1364 -33.79 -1.05 5.47
C GLN A 1364 -34.54 -1.24 6.77
N LEU A 1365 -34.73 -0.16 7.51
CA LEU A 1365 -35.45 -0.29 8.76
C LEU A 1365 -36.83 -0.82 8.51
N LYS A 1366 -37.44 -0.38 7.43
CA LYS A 1366 -38.79 -0.83 7.18
C LYS A 1366 -38.80 -2.31 6.88
N THR A 1367 -37.86 -2.80 6.07
CA THR A 1367 -37.85 -4.24 5.75
C THR A 1367 -37.55 -5.09 6.98
N TYR A 1368 -36.61 -4.65 7.83
CA TYR A 1368 -36.37 -5.38 9.07
C TYR A 1368 -37.64 -5.47 9.90
N LEU A 1369 -38.29 -4.33 10.12
CA LEU A 1369 -39.46 -4.38 10.96
C LEU A 1369 -40.51 -5.21 10.31
N ARG A 1370 -40.55 -5.26 9.00
CA ARG A 1370 -41.57 -6.14 8.44
C ARG A 1370 -41.21 -7.59 8.70
N MET A 1371 -39.93 -7.88 8.77
CA MET A 1371 -39.56 -9.27 9.01
C MET A 1371 -39.98 -9.69 10.40
N ILE A 1372 -39.57 -8.93 11.42
CA ILE A 1372 -39.76 -9.40 12.79
C ILE A 1372 -41.19 -9.09 13.24
N GLU A 1373 -42.04 -8.68 12.31
CA GLU A 1373 -43.44 -8.40 12.63
C GLU A 1373 -43.55 -7.42 13.78
N MET A 1374 -42.96 -6.26 13.58
CA MET A 1374 -43.10 -5.14 14.49
C MET A 1374 -43.27 -3.87 13.68
N ASP A 1375 -44.10 -3.96 12.63
CA ASP A 1375 -44.34 -2.79 11.78
C ASP A 1375 -44.70 -1.58 12.60
N ASP A 1376 -45.58 -1.76 13.58
CA ASP A 1376 -46.07 -0.64 14.35
C ASP A 1376 -44.96 0.05 15.11
N LEU A 1377 -43.80 -0.55 15.20
CA LEU A 1377 -42.71 0.07 15.90
C LEU A 1377 -41.94 0.98 15.01
N PHE A 1378 -42.43 1.18 13.78
CA PHE A 1378 -41.67 1.91 12.75
C PHE A 1378 -41.50 3.38 13.12
N LEU A 1379 -42.61 4.12 13.17
CA LEU A 1379 -42.56 5.55 13.22
C LEU A 1379 -41.82 5.95 14.46
N PRO A 1380 -42.14 5.37 15.61
CA PRO A 1380 -41.40 5.74 16.82
C PRO A 1380 -39.91 5.57 16.72
N LEU A 1381 -39.41 4.52 16.10
CA LEU A 1381 -37.96 4.42 15.97
C LEU A 1381 -37.38 5.56 15.14
N ILE A 1382 -38.12 5.97 14.11
CA ILE A 1382 -37.67 7.04 13.21
C ILE A 1382 -37.75 8.38 13.92
N ALA A 1383 -38.96 8.82 14.22
CA ALA A 1383 -39.15 10.14 14.78
C ALA A 1383 -38.40 10.25 16.07
N LYS A 1384 -37.31 10.96 16.07
CA LYS A 1384 -36.67 11.23 17.33
C LYS A 1384 -36.80 12.72 17.64
N ASN A 1385 -36.36 13.08 18.82
CA ASN A 1385 -36.28 14.49 19.13
C ASN A 1385 -35.10 15.08 18.39
N PRO A 1386 -35.32 16.05 17.52
CA PRO A 1386 -34.20 16.66 16.83
C PRO A 1386 -33.27 17.27 17.84
N GLY A 1387 -31.99 17.21 17.52
CA GLY A 1387 -30.97 17.75 18.40
C GLY A 1387 -30.71 19.21 18.13
N ASN A 1388 -29.73 19.73 18.84
CA ASN A 1388 -29.35 21.13 18.69
C ASN A 1388 -28.03 21.18 17.93
N CYS A 1389 -28.14 21.34 16.62
CA CYS A 1389 -26.98 21.40 15.74
C CYS A 1389 -27.03 22.67 14.92
N THR A 1390 -25.89 23.33 14.84
CA THR A 1390 -25.85 24.61 14.17
C THR A 1390 -25.82 24.41 12.66
N ALA A 1391 -25.84 25.52 11.94
CA ALA A 1391 -25.74 25.37 10.52
C ALA A 1391 -24.38 24.87 10.13
N ILE A 1392 -23.37 25.04 10.96
CA ILE A 1392 -22.07 24.52 10.55
C ILE A 1392 -22.15 23.01 10.37
N ASP A 1393 -22.87 22.33 11.28
CA ASP A 1393 -23.00 20.87 11.19
C ASP A 1393 -23.77 20.48 9.94
N PHE A 1394 -24.82 21.21 9.63
CA PHE A 1394 -25.57 20.91 8.43
C PHE A 1394 -24.70 21.01 7.21
N VAL A 1395 -23.87 22.03 7.14
CA VAL A 1395 -23.04 22.18 5.95
C VAL A 1395 -21.97 21.11 5.90
N LEU A 1396 -21.41 20.73 7.07
CA LEU A 1396 -20.39 19.68 7.11
C LEU A 1396 -20.95 18.29 6.80
N ASN A 1397 -22.23 18.04 7.10
CA ASN A 1397 -22.86 16.74 6.86
C ASN A 1397 -24.20 16.94 6.20
N PRO A 1398 -24.22 17.21 4.92
CA PRO A 1398 -25.47 17.63 4.29
C PRO A 1398 -26.54 16.56 4.32
N SER A 1399 -26.19 15.36 3.90
CA SER A 1399 -27.27 14.41 3.69
C SER A 1399 -27.95 13.98 4.97
N GLY A 1400 -27.35 14.24 6.13
CA GLY A 1400 -27.81 13.63 7.37
C GLY A 1400 -29.10 14.24 7.94
N LEU A 1401 -29.49 13.71 9.09
CA LEU A 1401 -30.57 14.31 9.84
C LEU A 1401 -30.00 14.97 11.08
N ASN A 1402 -30.85 15.79 11.70
CA ASN A 1402 -30.49 16.47 12.94
C ASN A 1402 -30.90 15.64 14.15
N VAL A 1403 -30.29 14.47 14.27
CA VAL A 1403 -30.58 13.54 15.35
C VAL A 1403 -29.29 13.30 16.13
N PRO A 1404 -29.27 13.49 17.44
CA PRO A 1404 -28.02 13.39 18.18
C PRO A 1404 -27.39 12.02 18.09
N GLY A 1405 -28.20 10.97 18.03
CA GLY A 1405 -27.63 9.64 17.80
C GLY A 1405 -26.84 9.57 16.51
N SER A 1406 -27.31 10.26 15.47
CA SER A 1406 -26.65 10.22 14.18
C SER A 1406 -25.43 11.13 14.15
N GLN A 1407 -24.54 10.98 15.09
CA GLN A 1407 -23.44 11.93 15.21
C GLN A 1407 -22.21 11.17 15.65
N ASP A 1408 -21.10 11.39 14.97
CA ASP A 1408 -19.86 10.75 15.37
C ASP A 1408 -19.04 11.70 16.22
N LEU A 1409 -18.05 11.16 16.83
CA LEU A 1409 -17.43 12.07 17.73
C LEU A 1409 -16.74 13.15 17.08
N THR A 1410 -16.81 13.36 15.76
CA THR A 1410 -15.91 14.34 15.13
C THR A 1410 -16.17 15.75 15.64
N SER A 1411 -17.43 16.11 15.87
CA SER A 1411 -17.70 17.46 16.35
C SER A 1411 -16.99 17.71 17.67
N PHE A 1412 -17.08 16.75 18.58
CA PHE A 1412 -16.44 16.91 19.87
C PHE A 1412 -14.93 17.06 19.71
N LEU A 1413 -14.33 16.24 18.86
CA LEU A 1413 -12.89 16.35 18.68
C LEU A 1413 -12.52 17.68 18.08
N ARG A 1414 -13.30 18.16 17.12
CA ARG A 1414 -12.94 19.42 16.47
C ARG A 1414 -13.08 20.57 17.45
N GLN A 1415 -14.02 20.47 18.36
CA GLN A 1415 -14.08 21.48 19.39
C GLN A 1415 -12.86 21.41 20.29
N ILE A 1416 -12.36 20.23 20.61
CA ILE A 1416 -11.14 20.20 21.43
C ILE A 1416 -9.92 20.74 20.68
N VAL A 1417 -9.78 20.40 19.41
CA VAL A 1417 -8.66 20.98 18.69
C VAL A 1417 -8.82 22.49 18.60
N ARG A 1418 -10.04 22.97 18.41
CA ARG A 1418 -10.26 24.41 18.34
C ARG A 1418 -9.87 25.05 19.65
N ARG A 1419 -10.24 24.45 20.74
CA ARG A 1419 -9.86 25.01 22.02
C ARG A 1419 -8.35 25.01 22.17
N THR A 1420 -7.69 23.95 21.75
CA THR A 1420 -6.25 23.95 21.91
C THR A 1420 -5.57 24.89 20.93
N ILE A 1421 -6.26 25.26 19.86
CA ILE A 1421 -5.69 26.21 18.92
C ILE A 1421 -5.81 27.62 19.45
N THR A 1422 -7.00 27.97 19.90
CA THR A 1422 -7.15 29.28 20.51
C THR A 1422 -6.36 29.40 21.79
N LEU A 1423 -5.96 28.31 22.41
CA LEU A 1423 -5.35 28.47 23.71
C LEU A 1423 -3.84 28.59 23.58
N SER A 1424 -3.19 27.59 23.00
CA SER A 1424 -1.72 27.51 22.99
C SER A 1424 -1.20 27.14 21.62
N ALA A 1425 -1.68 27.82 20.57
CA ALA A 1425 -1.12 27.73 19.23
C ALA A 1425 -0.46 29.08 18.92
N LYS A 1426 0.86 29.10 18.89
CA LYS A 1426 1.59 30.32 18.64
C LYS A 1426 1.83 30.57 17.17
N ASN A 1427 1.41 29.66 16.30
CA ASN A 1427 1.60 29.84 14.87
C ASN A 1427 0.94 31.12 14.37
N LYS A 1428 1.67 31.89 13.57
CA LYS A 1428 1.14 33.18 13.14
C LYS A 1428 0.05 32.99 12.11
N LEU A 1429 0.26 32.13 11.13
CA LEU A 1429 -0.72 32.03 10.08
C LEU A 1429 -1.85 31.10 10.46
N ILE A 1430 -1.87 30.60 11.69
CA ILE A 1430 -3.04 29.91 12.23
C ILE A 1430 -3.83 30.81 13.18
N ASN A 1431 -3.15 31.62 13.98
CA ASN A 1431 -3.89 32.56 14.79
C ASN A 1431 -4.63 33.56 13.92
N THR A 1432 -4.02 34.02 12.85
CA THR A 1432 -4.75 34.87 11.91
C THR A 1432 -5.89 34.10 11.26
N LEU A 1433 -5.65 32.86 10.91
CA LEU A 1433 -6.74 32.08 10.36
C LEU A 1433 -7.80 31.79 11.43
N PHE A 1434 -7.37 31.42 12.65
CA PHE A 1434 -8.29 31.16 13.78
C PHE A 1434 -8.28 32.36 14.73
N HIS A 1435 -8.78 33.48 14.25
CA HIS A 1435 -8.85 34.71 15.03
C HIS A 1435 -9.94 34.58 16.10
N ALA A 1436 -10.22 35.67 16.80
CA ALA A 1436 -11.18 35.56 17.89
C ALA A 1436 -12.57 35.25 17.36
N SER A 1437 -13.00 35.96 16.32
CA SER A 1437 -14.36 35.79 15.82
C SER A 1437 -14.45 34.65 14.84
N ALA A 1438 -13.60 33.65 14.98
CA ALA A 1438 -13.68 32.52 14.08
C ALA A 1438 -15.06 31.91 14.14
N ASP A 1439 -15.52 31.63 15.35
CA ASP A 1439 -16.76 30.89 15.45
C ASP A 1439 -17.90 31.70 14.85
N PHE A 1440 -17.91 33.00 15.14
CA PHE A 1440 -18.97 33.85 14.62
C PHE A 1440 -18.98 33.83 13.10
N GLU A 1441 -17.80 33.90 12.47
CA GLU A 1441 -17.72 33.91 11.02
C GLU A 1441 -18.24 32.62 10.44
N ASP A 1442 -17.87 31.47 11.02
CA ASP A 1442 -18.34 30.21 10.46
C ASP A 1442 -19.84 30.12 10.56
N GLU A 1443 -20.40 30.55 11.67
CA GLU A 1443 -21.85 30.57 11.76
C GLU A 1443 -22.46 31.49 10.70
N MET A 1444 -21.88 32.69 10.50
CA MET A 1444 -22.48 33.63 9.54
C MET A 1444 -22.37 33.10 8.13
N VAL A 1445 -21.20 32.62 7.76
CA VAL A 1445 -21.01 32.02 6.46
C VAL A 1445 -22.02 30.90 6.26
N CYS A 1446 -22.15 30.03 7.26
CA CYS A 1446 -23.02 28.89 7.06
C CYS A 1446 -24.47 29.30 6.96
N LYS A 1447 -24.94 30.20 7.81
CA LYS A 1447 -26.33 30.61 7.69
C LYS A 1447 -26.54 31.21 6.33
N TRP A 1448 -25.54 31.93 5.83
CA TRP A 1448 -25.71 32.55 4.53
C TRP A 1448 -25.85 31.50 3.43
N LEU A 1449 -24.89 30.58 3.35
CA LEU A 1449 -24.93 29.59 2.29
C LEU A 1449 -26.24 28.86 2.32
N LEU A 1450 -26.88 28.81 3.47
CA LEU A 1450 -28.20 28.24 3.60
C LEU A 1450 -29.28 29.29 3.67
N SER A 1451 -28.96 30.54 3.40
CA SER A 1451 -30.01 31.52 3.43
C SER A 1451 -30.75 31.64 2.11
N SER A 1452 -30.35 30.88 1.09
CA SER A 1452 -31.04 30.95 -0.18
C SER A 1452 -32.47 30.46 -0.04
N THR A 1453 -33.35 30.99 -0.86
CA THR A 1453 -34.76 30.62 -0.74
C THR A 1453 -35.00 29.15 -1.06
N PRO A 1454 -34.48 28.59 -2.13
CA PRO A 1454 -34.33 27.13 -2.17
C PRO A 1454 -32.99 26.73 -1.55
N VAL A 1455 -32.99 25.99 -0.45
CA VAL A 1455 -31.76 25.70 0.26
C VAL A 1455 -31.17 24.43 -0.33
N MET A 1456 -29.88 24.47 -0.65
CA MET A 1456 -29.19 23.30 -1.22
C MET A 1456 -27.97 23.00 -0.38
N SER A 1457 -28.11 22.00 0.48
CA SER A 1457 -27.05 21.72 1.43
C SER A 1457 -25.78 21.34 0.70
N ARG A 1458 -25.89 20.55 -0.36
CA ARG A 1458 -24.67 20.08 -0.98
C ARG A 1458 -23.87 21.23 -1.58
N PHE A 1459 -24.57 22.19 -2.20
CA PHE A 1459 -23.88 23.37 -2.75
C PHE A 1459 -23.24 24.18 -1.63
N ALA A 1460 -23.94 24.32 -0.52
CA ALA A 1460 -23.34 24.95 0.64
C ALA A 1460 -22.03 24.27 0.97
N ALA A 1461 -22.04 22.95 0.98
CA ALA A 1461 -20.83 22.25 1.38
C ALA A 1461 -19.73 22.49 0.38
N ASP A 1462 -20.10 22.57 -0.90
CA ASP A 1462 -19.09 22.72 -1.94
C ASP A 1462 -18.40 24.07 -1.85
N ILE A 1463 -19.17 25.15 -1.72
CA ILE A 1463 -18.55 26.45 -1.56
C ILE A 1463 -17.73 26.48 -0.28
N PHE A 1464 -18.32 26.03 0.83
CA PHE A 1464 -17.65 26.03 2.11
C PHE A 1464 -16.28 25.41 1.97
N SER A 1465 -16.15 24.39 1.14
CA SER A 1465 -14.83 23.79 1.00
C SER A 1465 -13.79 24.81 0.53
N ARG A 1466 -14.21 25.87 -0.15
CA ARG A 1466 -13.31 26.90 -0.66
C ARG A 1466 -13.21 28.11 0.23
N THR A 1467 -14.23 28.37 1.04
CA THR A 1467 -14.24 29.52 1.90
C THR A 1467 -13.22 29.28 3.01
N PRO A 1468 -12.76 30.33 3.66
CA PRO A 1468 -11.81 30.13 4.74
C PRO A 1468 -12.35 29.29 5.86
N SER A 1469 -13.65 29.27 6.06
CA SER A 1469 -14.18 28.41 7.11
C SER A 1469 -13.93 26.94 6.80
N GLY A 1470 -13.95 26.57 5.52
CA GLY A 1470 -13.59 25.21 5.15
C GLY A 1470 -12.14 24.89 5.44
N LYS A 1471 -11.25 25.87 5.26
CA LYS A 1471 -9.85 25.68 5.61
C LYS A 1471 -9.67 25.50 7.12
N ARG A 1472 -10.42 26.24 7.91
CA ARG A 1472 -10.36 26.01 9.34
C ARG A 1472 -10.88 24.62 9.68
N LEU A 1473 -11.95 24.15 9.03
CA LEU A 1473 -12.46 22.81 9.31
C LEU A 1473 -11.51 21.71 8.85
N GLN A 1474 -10.69 21.99 7.85
CA GLN A 1474 -9.68 21.02 7.46
C GLN A 1474 -8.53 21.00 8.44
N ILE A 1475 -8.06 22.15 8.85
CA ILE A 1475 -6.99 22.15 9.82
C ILE A 1475 -7.42 21.46 11.10
N LEU A 1476 -8.65 21.73 11.57
CA LEU A 1476 -9.15 21.13 12.82
C LEU A 1476 -9.25 19.62 12.72
N GLY A 1477 -9.76 19.12 11.61
CA GLY A 1477 -9.94 17.68 11.49
C GLY A 1477 -8.63 16.95 11.29
N TYR A 1478 -7.78 16.94 12.32
CA TYR A 1478 -6.54 16.16 12.28
C TYR A 1478 -6.43 15.14 13.40
N LEU A 1479 -7.38 15.08 14.33
CA LEU A 1479 -7.31 14.19 15.49
C LEU A 1479 -8.17 12.96 15.22
N GLU A 1480 -7.53 11.79 15.06
CA GLU A 1480 -8.27 10.56 14.85
C GLU A 1480 -7.78 9.39 15.70
N GLY A 1481 -6.88 9.63 16.64
CA GLY A 1481 -6.44 8.59 17.57
C GLY A 1481 -6.96 8.88 18.96
N THR A 1482 -7.22 7.83 19.73
CA THR A 1482 -7.63 8.01 21.11
C THR A 1482 -6.47 8.41 22.01
N ARG A 1483 -5.30 7.80 21.81
CA ARG A 1483 -4.14 8.13 22.62
C ARG A 1483 -3.70 9.57 22.38
N THR A 1484 -3.78 10.05 21.13
CA THR A 1484 -3.39 11.44 20.88
C THR A 1484 -4.31 12.40 21.60
N LEU A 1485 -5.61 12.16 21.54
CA LEU A 1485 -6.56 13.01 22.26
C LEU A 1485 -6.29 12.98 23.76
N LEU A 1486 -6.10 11.79 24.31
CA LEU A 1486 -6.09 11.61 25.77
C LEU A 1486 -4.70 11.78 26.37
N ALA A 1487 -3.67 11.99 25.58
CA ALA A 1487 -2.31 12.05 26.14
C ALA A 1487 -1.44 13.10 25.46
N SER A 1488 -2.01 14.00 24.67
CA SER A 1488 -1.21 15.04 24.03
C SER A 1488 -0.79 16.10 25.06
N LYS A 1489 0.44 16.65 24.88
CA LYS A 1489 0.91 17.73 25.75
C LYS A 1489 0.20 19.05 25.47
N ILE A 1490 -0.41 19.21 24.29
CA ILE A 1490 -1.13 20.43 23.92
C ILE A 1490 -2.67 20.30 24.04
N ILE A 1491 -3.21 19.08 24.28
CA ILE A 1491 -4.67 18.85 24.41
C ILE A 1491 -5.13 18.84 25.87
N ASN A 1492 -4.42 18.13 26.75
CA ASN A 1492 -4.79 17.99 28.17
C ASN A 1492 -4.41 19.20 29.02
N ASN A 1493 -3.75 20.23 28.46
CA ASN A 1493 -3.35 21.41 29.24
C ASN A 1493 -4.52 22.36 29.54
N ASN A 1494 -5.72 22.12 28.98
CA ASN A 1494 -6.85 23.03 29.17
C ASN A 1494 -7.23 23.11 30.65
N THR A 1495 -7.67 24.30 31.10
CA THR A 1495 -8.04 24.53 32.49
C THR A 1495 -9.50 24.15 32.80
N GLU A 1496 -10.24 23.65 31.80
CA GLU A 1496 -11.63 23.23 31.95
C GLU A 1496 -11.70 21.82 32.58
N THR A 1497 -12.88 21.19 32.52
CA THR A 1497 -13.03 19.81 33.00
C THR A 1497 -12.17 18.87 32.17
N PRO A 1498 -11.54 17.86 32.76
CA PRO A 1498 -10.57 17.06 32.02
C PRO A 1498 -11.25 16.31 30.89
N VAL A 1499 -10.44 15.98 29.88
CA VAL A 1499 -10.98 15.33 28.70
C VAL A 1499 -11.65 14.03 29.08
N LEU A 1500 -11.07 13.29 30.01
CA LEU A 1500 -11.60 11.97 30.31
C LEU A 1500 -13.01 12.06 30.87
N ASP A 1501 -13.28 13.04 31.72
CA ASP A 1501 -14.62 13.11 32.30
C ASP A 1501 -15.64 13.53 31.26
N ARG A 1502 -15.25 14.44 30.39
CA ARG A 1502 -16.17 14.83 29.33
C ARG A 1502 -16.46 13.64 28.44
N LEU A 1503 -15.44 12.84 28.17
CA LEU A 1503 -15.63 11.66 27.34
C LEU A 1503 -16.58 10.69 28.01
N ARG A 1504 -16.46 10.53 29.32
CA ARG A 1504 -17.37 9.59 29.97
C ARG A 1504 -18.80 10.09 29.88
N LYS A 1505 -19.00 11.38 30.05
CA LYS A 1505 -20.35 11.92 29.93
C LYS A 1505 -20.89 11.66 28.54
N ILE A 1506 -20.08 11.93 27.52
CA ILE A 1506 -20.54 11.77 26.15
C ILE A 1506 -20.87 10.30 25.89
N THR A 1507 -20.02 9.39 26.35
CA THR A 1507 -20.27 7.97 26.17
C THR A 1507 -21.58 7.59 26.79
N LEU A 1508 -21.83 8.05 27.98
CA LEU A 1508 -23.00 7.58 28.67
C LEU A 1508 -24.24 8.16 28.03
N GLN A 1509 -24.18 9.42 27.58
CA GLN A 1509 -25.31 10.00 26.85
C GLN A 1509 -25.57 9.25 25.56
N ARG A 1510 -24.51 8.97 24.79
CA ARG A 1510 -24.68 8.24 23.55
C ARG A 1510 -25.30 6.89 23.80
N TRP A 1511 -24.82 6.19 24.82
CA TRP A 1511 -25.42 4.91 25.12
C TRP A 1511 -26.89 5.09 25.45
N SER A 1512 -27.21 6.17 26.16
CA SER A 1512 -28.61 6.45 26.46
C SER A 1512 -29.41 6.62 25.19
N LEU A 1513 -28.86 7.34 24.23
CA LEU A 1513 -29.60 7.63 23.01
C LEU A 1513 -29.86 6.35 22.23
N TRP A 1514 -28.81 5.56 22.04
CA TRP A 1514 -28.90 4.36 21.21
C TRP A 1514 -29.82 3.32 21.81
N PHE A 1515 -29.70 3.08 23.10
CA PHE A 1515 -30.34 1.93 23.66
C PHE A 1515 -31.58 2.25 24.47
N SER A 1516 -32.07 3.48 24.43
CA SER A 1516 -33.40 3.78 24.97
C SER A 1516 -34.11 4.57 23.89
N TYR A 1517 -34.97 3.91 23.14
CA TYR A 1517 -35.64 4.63 22.07
C TYR A 1517 -36.99 5.20 22.49
N LEU A 1518 -37.67 4.61 23.46
CA LEU A 1518 -38.95 5.16 23.91
C LEU A 1518 -38.74 6.53 24.54
N ASP A 1519 -37.66 6.67 25.28
CA ASP A 1519 -37.40 7.94 25.94
C ASP A 1519 -37.23 9.03 24.92
N HIS A 1520 -36.27 8.89 24.04
CA HIS A 1520 -35.96 9.95 23.11
C HIS A 1520 -36.87 9.77 21.91
N CYS A 1521 -38.14 10.11 22.11
CA CYS A 1521 -39.00 10.09 20.95
C CYS A 1521 -39.78 11.39 20.95
N ASP A 1522 -40.08 11.88 19.76
CA ASP A 1522 -40.93 13.07 19.61
C ASP A 1522 -42.27 12.64 19.06
N ASN A 1523 -43.34 13.00 19.77
CA ASN A 1523 -44.66 12.63 19.27
C ASN A 1523 -45.17 13.52 18.14
N ILE A 1524 -44.79 14.79 18.12
CA ILE A 1524 -45.26 15.66 17.04
C ILE A 1524 -44.83 15.08 15.70
N LEU A 1525 -43.52 14.85 15.56
CA LEU A 1525 -42.98 14.29 14.33
C LEU A 1525 -43.61 12.95 14.04
N ALA A 1526 -43.84 12.17 15.07
CA ALA A 1526 -44.49 10.88 14.87
C ALA A 1526 -45.86 11.07 14.28
N GLU A 1527 -46.53 12.16 14.61
CA GLU A 1527 -47.81 12.43 13.97
C GLU A 1527 -47.63 12.94 12.55
N ALA A 1528 -46.63 13.79 12.35
CA ALA A 1528 -46.34 14.27 11.01
C ALA A 1528 -46.06 13.12 10.05
N LEU A 1529 -45.27 12.14 10.50
CA LEU A 1529 -44.80 11.09 9.62
C LEU A 1529 -45.84 10.01 9.37
N THR A 1530 -46.98 10.08 10.03
CA THR A 1530 -47.95 9.01 9.86
C THR A 1530 -48.44 8.92 8.41
N GLN A 1531 -48.90 7.73 8.05
CA GLN A 1531 -49.61 7.47 6.80
C GLN A 1531 -48.95 8.17 5.61
N ILE A 1532 -47.72 7.75 5.34
CA ILE A 1532 -46.96 8.21 4.18
C ILE A 1532 -46.25 7.02 3.54
N THR A 1533 -46.58 6.74 2.29
CA THR A 1533 -46.19 5.46 1.71
C THR A 1533 -44.69 5.42 1.46
N CYS A 1534 -44.19 6.32 0.61
CA CYS A 1534 -42.89 6.12 -0.02
C CYS A 1534 -41.77 6.68 0.82
N THR A 1535 -40.61 6.06 0.70
CA THR A 1535 -39.53 6.46 1.55
C THR A 1535 -39.07 7.86 1.23
N VAL A 1536 -39.17 8.27 -0.04
CA VAL A 1536 -38.59 9.57 -0.37
C VAL A 1536 -39.35 10.68 0.33
N ASP A 1537 -40.68 10.56 0.38
CA ASP A 1537 -41.46 11.53 1.13
C ASP A 1537 -41.09 11.52 2.59
N LEU A 1538 -41.08 10.33 3.21
CA LEU A 1538 -40.71 10.28 4.61
C LEU A 1538 -39.39 10.96 4.80
N ALA A 1539 -38.46 10.72 3.91
CA ALA A 1539 -37.15 11.23 4.16
C ALA A 1539 -37.14 12.74 4.03
N GLN A 1540 -37.96 13.28 3.13
CA GLN A 1540 -37.91 14.73 2.93
C GLN A 1540 -38.65 15.47 4.03
N ILE A 1541 -39.76 14.92 4.52
CA ILE A 1541 -40.42 15.61 5.62
C ILE A 1541 -39.68 15.39 6.91
N LEU A 1542 -38.99 14.27 7.05
CA LEU A 1542 -38.19 14.12 8.23
C LEU A 1542 -36.95 14.94 8.13
N ARG A 1543 -36.39 15.05 6.95
CA ARG A 1543 -35.21 15.87 6.84
C ARG A 1543 -35.53 17.35 7.05
N GLU A 1544 -36.70 17.81 6.60
CA GLU A 1544 -37.06 19.20 6.82
C GLU A 1544 -37.44 19.48 8.26
N TYR A 1545 -38.04 18.51 8.95
CA TYR A 1545 -38.37 18.72 10.35
C TYR A 1545 -37.15 18.69 11.24
N SER A 1546 -36.15 17.92 10.89
CA SER A 1546 -34.99 17.92 11.74
C SER A 1546 -34.33 19.26 11.68
N TRP A 1547 -33.97 19.70 10.49
CA TRP A 1547 -33.31 20.99 10.35
C TRP A 1547 -34.31 22.13 10.31
N ALA A 1548 -35.51 21.96 10.87
CA ALA A 1548 -36.49 23.03 10.82
C ALA A 1548 -35.87 24.34 11.25
N HIS A 1549 -35.17 24.34 12.37
CA HIS A 1549 -34.78 25.63 12.90
C HIS A 1549 -33.74 26.29 12.03
N ILE A 1550 -32.99 25.56 11.23
CA ILE A 1550 -32.09 26.25 10.33
C ILE A 1550 -32.79 26.60 9.03
N LEU A 1551 -33.67 25.75 8.53
CA LEU A 1551 -34.34 26.09 7.29
C LEU A 1551 -35.34 27.21 7.46
N GLU A 1552 -36.04 27.25 8.59
CA GLU A 1552 -37.07 28.25 8.81
C GLU A 1552 -38.05 28.24 7.65
N GLY A 1553 -38.58 27.06 7.37
CA GLY A 1553 -39.64 26.93 6.40
C GLY A 1553 -39.24 26.99 4.95
N ARG A 1554 -38.08 27.55 4.64
CA ARG A 1554 -37.66 27.55 3.26
C ARG A 1554 -37.46 26.11 2.79
N PRO A 1555 -37.85 25.77 1.56
CA PRO A 1555 -37.81 24.37 1.16
C PRO A 1555 -36.39 23.92 1.08
N LEU A 1556 -36.17 22.63 1.33
CA LEU A 1556 -34.86 22.01 1.16
C LEU A 1556 -34.91 21.09 -0.05
N ILE A 1557 -34.07 21.36 -1.03
CA ILE A 1557 -34.05 20.53 -2.22
C ILE A 1557 -32.62 20.12 -2.48
N GLY A 1558 -32.47 19.09 -3.29
CA GLY A 1558 -31.15 18.55 -3.54
C GLY A 1558 -30.61 17.74 -2.39
N ALA A 1559 -31.48 17.08 -1.63
CA ALA A 1559 -31.02 16.26 -0.52
C ALA A 1559 -31.73 14.93 -0.36
N THR A 1560 -32.75 14.63 -1.15
CA THR A 1560 -33.44 13.35 -1.03
C THR A 1560 -33.54 12.66 -2.39
N LEU A 1561 -32.99 11.46 -2.48
CA LEU A 1561 -33.01 10.66 -3.67
C LEU A 1561 -33.54 9.30 -3.33
N PRO A 1562 -34.23 8.67 -4.24
CA PRO A 1562 -34.96 7.46 -3.89
C PRO A 1562 -34.02 6.32 -3.58
N CYS A 1563 -34.48 5.44 -2.68
CA CYS A 1563 -33.75 4.22 -2.35
C CYS A 1563 -33.91 3.23 -3.47
N MET A 1564 -32.87 3.09 -4.28
CA MET A 1564 -33.04 2.42 -5.55
C MET A 1564 -33.67 1.06 -5.40
N ILE A 1565 -33.59 0.46 -4.23
CA ILE A 1565 -34.16 -0.87 -4.16
C ILE A 1565 -35.67 -0.81 -4.23
N GLU A 1566 -36.28 0.22 -3.67
CA GLU A 1566 -37.72 0.29 -3.81
C GLU A 1566 -38.13 0.92 -5.13
N GLN A 1567 -37.25 1.71 -5.73
CA GLN A 1567 -37.59 2.39 -6.96
C GLN A 1567 -37.75 1.40 -8.08
N PHE A 1568 -36.89 0.42 -8.16
CA PHE A 1568 -36.92 -0.53 -9.23
C PHE A 1568 -37.23 -1.91 -8.72
N LYS A 1569 -38.21 -2.55 -9.33
CA LYS A 1569 -38.55 -3.91 -9.03
C LYS A 1569 -38.10 -4.82 -10.17
N VAL A 1570 -37.58 -6.02 -9.83
CA VAL A 1570 -36.89 -6.89 -10.78
C VAL A 1570 -37.82 -7.96 -11.31
N PHE A 1571 -37.91 -8.06 -12.62
CA PHE A 1571 -38.67 -9.11 -13.27
C PHE A 1571 -37.78 -9.95 -14.16
N TRP A 1572 -37.40 -11.12 -13.67
CA TRP A 1572 -36.57 -12.02 -14.46
C TRP A 1572 -37.42 -12.69 -15.51
N LEU A 1573 -36.76 -13.16 -16.56
CA LEU A 1573 -37.49 -13.74 -17.67
C LEU A 1573 -36.79 -15.01 -18.14
N LYS A 1574 -37.57 -16.05 -18.35
CA LYS A 1574 -37.07 -17.19 -19.09
C LYS A 1574 -37.02 -16.87 -20.59
N PRO A 1575 -36.11 -17.48 -21.35
CA PRO A 1575 -35.99 -17.13 -22.77
C PRO A 1575 -37.30 -17.37 -23.47
N TYR A 1576 -37.58 -16.52 -24.44
CA TYR A 1576 -38.83 -16.60 -25.19
C TYR A 1576 -40.02 -16.39 -24.27
N GLU A 1577 -39.92 -15.39 -23.41
CA GLU A 1577 -41.08 -14.99 -22.63
C GLU A 1577 -41.01 -13.49 -22.35
N GLN A 1578 -42.19 -12.88 -22.22
CA GLN A 1578 -42.29 -11.46 -21.93
C GLN A 1578 -42.69 -11.25 -20.47
N CYS A 1579 -42.17 -10.16 -19.85
CA CYS A 1579 -42.44 -9.96 -18.45
C CYS A 1579 -43.83 -9.39 -18.23
N PRO A 1580 -44.49 -9.76 -17.13
CA PRO A 1580 -45.88 -9.32 -16.93
C PRO A 1580 -46.04 -7.81 -16.92
N GLN A 1581 -45.04 -7.07 -16.43
CA GLN A 1581 -45.17 -5.62 -16.45
C GLN A 1581 -45.28 -5.10 -17.86
N CYS A 1582 -44.51 -5.68 -18.78
CA CYS A 1582 -44.57 -5.20 -20.15
C CYS A 1582 -45.85 -5.63 -20.86
N SER A 1583 -46.54 -6.66 -20.37
CA SER A 1583 -47.78 -7.15 -20.98
C SER A 1583 -49.04 -6.45 -20.45
N ASN A 1584 -49.09 -6.12 -19.14
CA ASN A 1584 -50.25 -5.45 -18.57
C ASN A 1584 -50.42 -4.03 -19.13
N ALA A 1585 -49.31 -3.31 -19.31
CA ALA A 1585 -49.34 -1.95 -19.84
C ALA A 1585 -49.79 -1.95 -21.30
N LYS A 1586 -50.92 -1.28 -21.60
CA LYS A 1586 -51.36 -1.23 -22.99
C LYS A 1586 -50.36 -0.44 -23.83
N GLN A 1587 -50.38 0.92 -23.76
CA GLN A 1587 -49.23 1.75 -24.12
C GLN A 1587 -48.38 2.17 -22.90
N PRO A 1588 -48.96 2.96 -21.89
CA PRO A 1588 -48.10 3.66 -20.92
C PRO A 1588 -47.94 3.06 -19.51
N GLY A 1589 -48.72 2.03 -19.15
CA GLY A 1589 -48.88 1.62 -17.75
C GLY A 1589 -47.65 1.41 -16.89
N GLY A 1590 -46.87 0.36 -17.16
CA GLY A 1590 -45.66 0.07 -16.41
C GLY A 1590 -44.47 0.01 -17.35
N LYS A 1591 -44.55 0.76 -18.44
CA LYS A 1591 -43.60 0.58 -19.52
C LYS A 1591 -42.15 0.74 -19.11
N PRO A 1592 -41.76 1.72 -18.32
CA PRO A 1592 -40.36 2.09 -18.31
C PRO A 1592 -39.57 1.11 -17.48
N PHE A 1593 -38.37 0.74 -17.97
CA PHE A 1593 -37.55 -0.29 -17.33
C PHE A 1593 -36.13 -0.26 -17.84
N VAL A 1594 -35.25 -0.93 -17.11
CA VAL A 1594 -33.86 -1.13 -17.52
C VAL A 1594 -33.68 -2.57 -17.95
N SER A 1595 -33.19 -2.78 -19.16
CA SER A 1595 -33.11 -4.13 -19.71
C SER A 1595 -31.70 -4.67 -19.50
N VAL A 1596 -31.59 -5.86 -18.96
CA VAL A 1596 -30.31 -6.53 -18.80
C VAL A 1596 -30.40 -7.87 -19.51
N ALA A 1597 -29.34 -8.24 -20.20
CA ALA A 1597 -29.32 -9.54 -20.88
C ALA A 1597 -27.92 -10.12 -20.80
N VAL A 1598 -27.84 -11.41 -21.01
CA VAL A 1598 -26.56 -12.12 -20.92
C VAL A 1598 -25.88 -12.10 -22.28
N LYS A 1599 -24.55 -12.14 -22.25
CA LYS A 1599 -23.73 -12.28 -23.46
C LYS A 1599 -23.23 -13.71 -23.57
N LYS A 1600 -23.42 -14.32 -24.74
CA LYS A 1600 -23.02 -15.72 -24.86
C LYS A 1600 -21.52 -15.89 -24.97
N HIS A 1601 -20.83 -14.90 -25.48
CA HIS A 1601 -19.40 -15.04 -25.67
C HIS A 1601 -18.72 -15.08 -24.31
N ILE A 1602 -17.61 -15.80 -24.23
CA ILE A 1602 -16.81 -15.89 -23.01
C ILE A 1602 -15.37 -15.65 -23.41
N VAL A 1603 -14.89 -14.43 -23.24
CA VAL A 1603 -13.52 -14.13 -23.63
C VAL A 1603 -12.56 -14.98 -22.83
N SER A 1604 -12.79 -15.11 -21.53
CA SER A 1604 -11.83 -15.80 -20.68
C SER A 1604 -12.54 -16.47 -19.52
N ALA A 1605 -12.12 -17.68 -19.17
CA ALA A 1605 -12.72 -18.39 -18.05
C ALA A 1605 -11.63 -19.13 -17.30
N TRP A 1606 -11.51 -18.87 -16.01
CA TRP A 1606 -10.64 -19.67 -15.17
C TRP A 1606 -11.33 -19.89 -13.85
N PRO A 1607 -11.49 -21.14 -13.40
CA PRO A 1607 -10.95 -22.35 -14.01
C PRO A 1607 -11.82 -22.87 -15.09
N ASN A 1608 -13.09 -22.52 -15.06
CA ASN A 1608 -13.93 -22.93 -16.15
C ASN A 1608 -15.14 -22.03 -16.15
N ALA A 1609 -16.03 -22.27 -17.09
CA ALA A 1609 -17.17 -21.39 -17.24
C ALA A 1609 -18.32 -21.75 -16.32
N SER A 1610 -18.06 -22.49 -15.23
CA SER A 1610 -19.16 -22.97 -14.39
C SER A 1610 -19.91 -21.82 -13.73
N ARG A 1611 -19.20 -20.82 -13.24
CA ARG A 1611 -19.79 -19.73 -12.47
C ARG A 1611 -19.71 -18.44 -13.26
N ILE A 1612 -20.75 -17.62 -13.17
CA ILE A 1612 -20.68 -16.34 -13.83
C ILE A 1612 -19.49 -15.58 -13.35
N SER A 1613 -19.18 -15.71 -12.09
CA SER A 1613 -18.09 -14.91 -11.58
C SER A 1613 -16.75 -15.33 -12.15
N TRP A 1614 -16.66 -16.50 -12.76
CA TRP A 1614 -15.39 -16.99 -13.29
C TRP A 1614 -15.11 -16.57 -14.73
N THR A 1615 -16.08 -16.05 -15.45
CA THR A 1615 -15.95 -15.79 -16.87
C THR A 1615 -16.12 -14.31 -17.16
N ILE A 1616 -15.41 -13.78 -18.15
CA ILE A 1616 -15.62 -12.41 -18.58
C ILE A 1616 -16.02 -12.42 -20.05
N GLY A 1617 -17.07 -11.66 -20.38
CA GLY A 1617 -17.47 -11.45 -21.76
C GLY A 1617 -16.71 -10.26 -22.34
N ASP A 1618 -17.09 -9.90 -23.54
CA ASP A 1618 -16.39 -8.81 -24.22
C ASP A 1618 -16.96 -7.45 -23.91
N GLY A 1619 -18.04 -7.39 -23.15
CA GLY A 1619 -18.75 -6.14 -23.00
C GLY A 1619 -17.91 -5.07 -22.34
N ILE A 1620 -18.31 -3.83 -22.58
CA ILE A 1620 -17.71 -2.67 -21.92
C ILE A 1620 -18.04 -2.77 -20.43
N PRO A 1621 -17.18 -2.25 -19.52
CA PRO A 1621 -17.47 -2.39 -18.07
C PRO A 1621 -18.74 -1.68 -17.60
N TYR A 1622 -18.84 -0.36 -17.80
CA TYR A 1622 -20.01 0.42 -17.39
C TYR A 1622 -20.19 1.58 -18.36
N ILE A 1623 -21.41 2.13 -18.38
CA ILE A 1623 -21.75 3.27 -19.26
C ILE A 1623 -22.59 4.29 -18.51
N GLN A 1633 -16.28 27.14 -21.61
CA GLN A 1633 -14.82 27.13 -21.60
C GLN A 1633 -14.28 28.48 -21.19
N PRO A 1634 -13.09 28.48 -20.61
CA PRO A 1634 -12.52 29.73 -20.10
C PRO A 1634 -11.94 30.58 -21.22
N ALA A 1635 -12.14 31.89 -21.11
CA ALA A 1635 -11.58 32.80 -22.09
C ALA A 1635 -10.05 32.82 -22.03
N ILE A 1636 -9.50 33.00 -20.82
CA ILE A 1636 -8.06 33.01 -20.58
C ILE A 1636 -7.73 32.07 -19.43
N LYS A 1637 -6.94 31.04 -19.70
CA LYS A 1637 -6.59 30.04 -18.69
C LYS A 1637 -5.21 30.32 -18.13
N PRO A 1638 -5.03 30.50 -16.83
CA PRO A 1638 -3.69 30.73 -16.30
C PRO A 1638 -2.83 29.50 -16.50
N LYS A 1639 -1.54 29.71 -16.80
CA LYS A 1639 -0.63 28.60 -17.09
C LYS A 1639 -0.19 27.84 -15.84
N CYS A 1640 0.10 28.54 -14.73
CA CYS A 1640 0.46 27.89 -13.46
C CYS A 1640 -0.43 28.45 -12.36
N PRO A 1641 -1.69 28.01 -12.30
CA PRO A 1641 -2.58 28.56 -11.30
C PRO A 1641 -2.19 28.06 -9.94
N SER A 1642 -2.25 28.97 -8.97
CA SER A 1642 -2.04 28.58 -7.59
C SER A 1642 -3.30 27.89 -7.05
N ALA A 1643 -3.13 27.17 -5.94
CA ALA A 1643 -4.27 26.52 -5.33
C ALA A 1643 -5.34 27.53 -5.00
N ALA A 1644 -4.93 28.70 -4.51
CA ALA A 1644 -5.91 29.71 -4.15
C ALA A 1644 -6.65 30.21 -5.38
N LEU A 1645 -5.92 30.49 -6.45
CA LEU A 1645 -6.55 30.95 -7.69
C LEU A 1645 -7.46 29.88 -8.27
N ARG A 1646 -7.02 28.63 -8.27
CA ARG A 1646 -7.84 27.55 -8.78
C ARG A 1646 -9.12 27.39 -7.97
N GLU A 1647 -9.00 27.40 -6.64
CA GLU A 1647 -10.20 27.35 -5.82
C GLU A 1647 -11.05 28.56 -6.08
N ALA A 1648 -10.42 29.71 -6.31
CA ALA A 1648 -11.19 30.92 -6.57
C ALA A 1648 -12.04 30.75 -7.83
N ILE A 1649 -11.41 30.27 -8.90
CA ILE A 1649 -12.12 30.05 -10.16
C ILE A 1649 -13.21 29.04 -9.99
N GLU A 1650 -12.92 27.96 -9.28
CA GLU A 1650 -13.94 26.96 -9.03
C GLU A 1650 -15.09 27.56 -8.25
N LEU A 1651 -14.78 28.34 -7.24
CA LEU A 1651 -15.81 28.92 -6.42
C LEU A 1651 -16.67 29.83 -7.25
N ALA A 1652 -16.04 30.62 -8.09
CA ALA A 1652 -16.78 31.52 -8.96
C ALA A 1652 -17.63 30.74 -9.94
N SER A 1653 -17.09 29.65 -10.49
CA SER A 1653 -17.85 28.88 -11.46
C SER A 1653 -19.09 28.30 -10.83
N ARG A 1654 -18.95 27.77 -9.64
CA ARG A 1654 -20.11 27.22 -8.94
C ARG A 1654 -21.12 28.30 -8.65
N LEU A 1655 -20.66 29.42 -8.12
CA LEU A 1655 -21.59 30.46 -7.76
C LEU A 1655 -22.33 30.96 -8.98
N THR A 1656 -21.64 31.16 -10.09
CA THR A 1656 -22.35 31.64 -11.26
C THR A 1656 -23.36 30.61 -11.70
N TRP A 1657 -22.95 29.34 -11.77
CA TRP A 1657 -23.84 28.34 -12.33
C TRP A 1657 -25.09 28.18 -11.49
N VAL A 1658 -24.93 28.19 -10.16
CA VAL A 1658 -26.07 27.96 -9.28
C VAL A 1658 -26.99 29.17 -9.29
N THR A 1659 -26.41 30.36 -9.27
CA THR A 1659 -27.20 31.58 -9.18
C THR A 1659 -27.40 32.17 -10.55
N GLN A 1660 -27.58 31.32 -11.55
CA GLN A 1660 -27.68 31.82 -12.92
C GLN A 1660 -28.95 32.65 -13.11
N GLY A 1661 -30.05 32.27 -12.44
CA GLY A 1661 -31.31 32.97 -12.62
C GLY A 1661 -31.27 34.41 -12.15
N SER A 1662 -30.66 34.65 -10.99
CA SER A 1662 -30.57 36.00 -10.44
C SER A 1662 -29.56 36.85 -11.22
N SER A 1663 -29.83 38.16 -11.27
CA SER A 1663 -28.96 39.09 -11.98
C SER A 1663 -27.87 39.68 -11.09
N ASN A 1664 -27.90 39.41 -9.80
CA ASN A 1664 -26.89 39.94 -8.90
C ASN A 1664 -25.79 38.94 -8.64
N SER A 1665 -25.57 38.01 -9.57
CA SER A 1665 -24.62 36.94 -9.31
C SER A 1665 -23.28 37.50 -8.87
N ASP A 1666 -22.81 38.53 -9.56
CA ASP A 1666 -21.51 39.07 -9.21
C ASP A 1666 -21.51 39.58 -7.79
N LEU A 1667 -22.56 40.27 -7.40
CA LEU A 1667 -22.60 40.78 -6.04
C LEU A 1667 -22.54 39.65 -5.01
N LEU A 1668 -22.94 38.42 -5.37
CA LEU A 1668 -22.83 37.29 -4.43
C LEU A 1668 -21.40 36.77 -4.36
N ILE A 1669 -20.71 36.76 -5.50
CA ILE A 1669 -19.39 36.17 -5.56
C ILE A 1669 -18.40 37.05 -4.85
N LYS A 1670 -18.63 38.34 -4.86
CA LYS A 1670 -17.57 39.26 -4.50
C LYS A 1670 -16.90 38.93 -3.18
N PRO A 1671 -17.60 38.62 -2.10
CA PRO A 1671 -16.87 38.53 -0.83
C PRO A 1671 -15.91 37.38 -0.81
N PHE A 1672 -16.31 36.23 -1.37
CA PHE A 1672 -15.44 35.06 -1.31
C PHE A 1672 -14.14 35.28 -2.06
N LEU A 1673 -14.22 35.71 -3.33
CA LEU A 1673 -13.00 35.98 -4.06
C LEU A 1673 -12.16 37.05 -3.38
N GLU A 1674 -12.76 37.87 -2.54
CA GLU A 1674 -11.95 38.90 -1.92
C GLU A 1674 -11.07 38.34 -0.82
N ALA A 1675 -11.37 37.14 -0.32
CA ALA A 1675 -10.50 36.51 0.65
C ALA A 1675 -9.51 35.56 0.00
N ARG A 1676 -9.54 35.43 -1.31
CA ARG A 1676 -8.77 34.38 -1.96
C ARG A 1676 -7.82 34.89 -3.03
N VAL A 1677 -8.22 35.85 -3.84
CA VAL A 1677 -7.38 36.32 -4.93
C VAL A 1677 -7.40 37.84 -4.99
N ASN A 1678 -6.36 38.38 -5.60
CA ASN A 1678 -6.33 39.79 -5.88
C ASN A 1678 -6.78 39.97 -7.32
N LEU A 1679 -8.02 39.66 -7.53
CA LEU A 1679 -8.58 39.87 -8.82
C LEU A 1679 -9.91 40.56 -8.63
N SER A 1680 -10.25 41.40 -9.58
CA SER A 1680 -11.63 41.83 -9.66
C SER A 1680 -12.49 40.69 -10.15
N VAL A 1681 -13.76 40.72 -9.71
CA VAL A 1681 -14.71 39.69 -10.09
C VAL A 1681 -14.75 39.53 -11.60
N GLN A 1682 -14.70 40.63 -12.34
CA GLN A 1682 -14.73 40.52 -13.80
C GLN A 1682 -13.53 39.76 -14.32
N GLU A 1683 -12.37 39.94 -13.69
CA GLU A 1683 -11.22 39.18 -14.15
C GLU A 1683 -11.41 37.69 -13.94
N ILE A 1684 -11.88 37.31 -12.76
CA ILE A 1684 -12.10 35.89 -12.51
C ILE A 1684 -13.16 35.35 -13.46
N LEU A 1685 -14.27 36.08 -13.62
CA LEU A 1685 -15.30 35.66 -14.54
C LEU A 1685 -14.76 35.43 -15.94
N GLN A 1686 -13.75 36.21 -16.34
CA GLN A 1686 -13.10 35.91 -17.61
C GLN A 1686 -12.30 34.61 -17.52
N MET A 1687 -11.69 34.34 -16.36
CA MET A 1687 -10.94 33.10 -16.20
C MET A 1687 -11.81 31.86 -15.92
N THR A 1688 -13.14 32.06 -15.62
CA THR A 1688 -14.05 30.94 -15.30
C THR A 1688 -14.41 30.19 -16.57
N PRO A 1689 -14.54 28.90 -16.50
CA PRO A 1689 -15.04 28.14 -17.64
C PRO A 1689 -16.57 28.13 -17.65
N SER A 1690 -17.16 29.04 -16.88
CA SER A 1690 -18.59 29.01 -16.64
C SER A 1690 -19.36 29.42 -17.89
N HIS A 1691 -19.41 28.53 -18.89
CA HIS A 1691 -20.24 28.74 -20.07
C HIS A 1691 -21.36 27.70 -20.23
N TYR A 1692 -21.30 26.59 -19.50
CA TYR A 1692 -22.29 25.53 -19.63
C TYR A 1692 -23.48 25.77 -18.71
N SER A 1693 -24.62 25.17 -19.08
CA SER A 1693 -25.86 25.28 -18.32
C SER A 1693 -26.65 23.98 -18.45
N GLY A 1694 -27.58 23.77 -17.51
CA GLY A 1694 -28.37 22.56 -17.47
C GLY A 1694 -29.14 22.49 -16.16
N ASN A 1695 -29.69 21.30 -15.89
CA ASN A 1695 -30.40 21.07 -14.63
C ASN A 1695 -29.39 21.03 -13.48
N ILE A 1696 -29.53 21.96 -12.52
CA ILE A 1696 -28.55 22.07 -11.44
C ILE A 1696 -28.48 20.78 -10.63
N VAL A 1697 -29.63 20.26 -10.21
CA VAL A 1697 -29.61 19.15 -9.27
C VAL A 1697 -29.01 17.90 -9.91
N HIS A 1698 -29.52 17.50 -11.09
CA HIS A 1698 -29.10 16.23 -11.67
C HIS A 1698 -27.62 16.27 -12.00
N ARG A 1699 -27.17 17.33 -12.67
CA ARG A 1699 -25.76 17.46 -13.04
C ARG A 1699 -24.91 17.73 -11.82
N TYR A 1700 -25.54 17.96 -10.68
CA TYR A 1700 -24.81 18.04 -9.43
C TYR A 1700 -24.48 16.66 -8.88
N ASN A 1701 -25.32 15.65 -9.16
CA ASN A 1701 -25.16 14.29 -8.61
C ASN A 1701 -24.24 13.40 -9.47
N ASP A 1702 -24.30 13.51 -10.80
CA ASP A 1702 -23.52 12.63 -11.68
C ASP A 1702 -22.02 13.01 -11.68
N GLN A 1703 -21.72 14.32 -11.80
CA GLN A 1703 -20.34 14.80 -11.98
C GLN A 1703 -19.81 15.70 -10.86
N TYR A 1704 -20.70 16.41 -10.13
CA TYR A 1704 -20.28 17.31 -9.04
C TYR A 1704 -20.34 16.67 -7.65
N SER A 1705 -21.09 15.57 -7.48
CA SER A 1705 -21.10 14.88 -6.20
C SER A 1705 -19.73 14.28 -5.91
N PRO A 1706 -19.26 14.30 -4.65
CA PRO A 1706 -17.95 13.71 -4.35
C PRO A 1706 -17.83 12.22 -4.65
N HIS A 1707 -18.91 11.43 -4.47
CA HIS A 1707 -18.89 9.98 -4.66
C HIS A 1707 -18.94 9.63 -6.15
N SER A 1708 -18.07 8.72 -6.58
CA SER A 1708 -18.02 8.31 -7.98
C SER A 1708 -19.00 7.19 -8.32
N PHE A 1709 -19.71 6.65 -7.33
CA PHE A 1709 -20.76 5.64 -7.52
C PHE A 1709 -20.24 4.33 -8.13
N MET A 1710 -19.20 3.79 -7.50
CA MET A 1710 -18.63 2.51 -7.87
C MET A 1710 -19.56 1.36 -7.45
N ALA A 1711 -19.40 0.21 -8.09
CA ALA A 1711 -20.20 -0.97 -7.76
C ALA A 1711 -19.50 -1.73 -6.65
N ASN A 1712 -20.25 -2.48 -5.86
CA ASN A 1712 -19.66 -3.22 -4.75
C ASN A 1712 -19.48 -4.70 -5.09
N ARG A 1713 -19.75 -5.03 -6.34
CA ARG A 1713 -19.63 -6.40 -6.80
C ARG A 1713 -18.58 -6.52 -7.89
N MET A 1714 -17.76 -7.57 -7.81
CA MET A 1714 -16.69 -7.87 -8.76
C MET A 1714 -17.02 -7.60 -10.23
N SER A 1715 -16.07 -7.02 -10.94
CA SER A 1715 -16.26 -6.67 -12.34
C SER A 1715 -16.41 -7.86 -13.26
N ASN A 1716 -16.29 -9.09 -12.77
CA ASN A 1716 -16.30 -10.20 -13.71
C ASN A 1716 -17.67 -10.36 -14.28
N SER A 1717 -18.70 -10.09 -13.51
CA SER A 1717 -20.02 -10.31 -14.05
C SER A 1717 -20.53 -9.12 -14.86
N ALA A 1718 -19.97 -7.93 -14.67
CA ALA A 1718 -20.42 -6.78 -15.46
C ALA A 1718 -20.10 -6.96 -16.94
N THR A 1719 -18.94 -7.54 -17.25
CA THR A 1719 -18.60 -7.78 -18.65
C THR A 1719 -19.48 -8.83 -19.27
N ARG A 1720 -20.08 -9.67 -18.48
CA ARG A 1720 -20.95 -10.63 -19.10
C ARG A 1720 -22.34 -10.10 -19.38
N LEU A 1721 -22.63 -8.82 -19.16
CA LEU A 1721 -24.00 -8.37 -19.32
C LEU A 1721 -24.08 -7.12 -20.17
N ILE A 1722 -25.22 -6.98 -20.87
CA ILE A 1722 -25.57 -5.74 -21.54
C ILE A 1722 -26.72 -5.11 -20.79
N VAL A 1723 -26.57 -3.83 -20.45
CA VAL A 1723 -27.52 -3.09 -19.62
C VAL A 1723 -27.96 -1.87 -20.40
N SER A 1724 -29.14 -1.95 -20.98
CA SER A 1724 -29.66 -0.90 -21.84
C SER A 1724 -30.65 -0.06 -21.06
N THR A 1725 -30.39 1.23 -20.98
CA THR A 1725 -31.32 2.15 -20.35
C THR A 1725 -32.18 2.88 -21.36
N ASN A 1726 -32.05 2.59 -22.64
CA ASN A 1726 -32.90 3.27 -23.60
C ASN A 1726 -34.36 2.87 -23.44
N THR A 1727 -34.66 1.73 -22.82
CA THR A 1727 -36.05 1.33 -22.73
C THR A 1727 -36.78 2.04 -21.61
N LEU A 1728 -36.10 2.93 -20.89
CA LEU A 1728 -36.76 3.72 -19.87
C LEU A 1728 -37.76 4.72 -20.46
N GLY A 1729 -37.86 4.82 -21.79
CA GLY A 1729 -38.78 5.78 -22.38
C GLY A 1729 -38.32 7.21 -22.10
N GLU A 1730 -39.26 8.04 -21.63
CA GLU A 1730 -38.93 9.44 -21.42
C GLU A 1730 -37.78 9.58 -20.43
N PHE A 1731 -37.76 8.74 -19.40
CA PHE A 1731 -36.76 8.92 -18.37
C PHE A 1731 -35.37 8.63 -18.90
N SER A 1732 -35.27 7.98 -20.03
CA SER A 1732 -33.96 7.75 -20.63
C SER A 1732 -33.33 9.07 -21.07
N GLY A 1733 -32.02 9.15 -20.95
CA GLY A 1733 -31.29 10.32 -21.39
C GLY A 1733 -31.39 10.50 -22.88
N ALA A 1738 -33.68 14.26 -23.72
CA ALA A 1738 -33.55 15.47 -22.91
C ALA A 1738 -34.54 15.47 -21.74
N ARG A 1739 -34.19 14.76 -20.65
CA ARG A 1739 -35.05 14.59 -19.48
C ARG A 1739 -34.21 14.62 -18.21
N ASP A 1740 -34.82 15.08 -17.12
CA ASP A 1740 -34.19 15.14 -15.81
C ASP A 1740 -35.03 14.35 -14.81
N SER A 1741 -34.37 13.56 -13.96
CA SER A 1741 -35.08 12.74 -13.00
C SER A 1741 -34.19 12.43 -11.81
N ASN A 1742 -34.83 12.01 -10.73
CA ASN A 1742 -34.06 11.57 -9.60
C ASN A 1742 -33.39 10.24 -9.83
N ILE A 1743 -33.64 9.58 -10.96
CA ILE A 1743 -33.00 8.28 -11.22
C ILE A 1743 -31.50 8.47 -11.32
N ILE A 1744 -30.75 7.68 -10.58
CA ILE A 1744 -29.31 7.75 -10.60
C ILE A 1744 -28.79 6.68 -11.55
N PHE A 1745 -28.53 7.05 -12.80
CA PHE A 1745 -28.31 6.04 -13.81
C PHE A 1745 -27.11 5.19 -13.49
N GLN A 1746 -26.06 5.78 -13.00
CA GLN A 1746 -24.90 4.95 -12.80
C GLN A 1746 -25.16 3.90 -11.74
N ASN A 1747 -25.91 4.25 -10.68
CA ASN A 1747 -26.26 3.17 -9.75
C ASN A 1747 -27.35 2.26 -10.25
N VAL A 1748 -28.18 2.67 -11.20
CA VAL A 1748 -29.08 1.67 -11.77
C VAL A 1748 -28.27 0.61 -12.48
N ILE A 1749 -27.22 1.02 -13.19
CA ILE A 1749 -26.38 0.01 -13.85
C ILE A 1749 -25.64 -0.83 -12.81
N ASN A 1750 -25.05 -0.19 -11.79
CA ASN A 1750 -24.40 -0.99 -10.75
C ASN A 1750 -25.39 -1.93 -10.09
N TYR A 1751 -26.63 -1.49 -9.89
CA TYR A 1751 -27.63 -2.33 -9.24
C TYR A 1751 -28.08 -3.47 -10.13
N ALA A 1752 -28.30 -3.22 -11.42
CA ALA A 1752 -28.71 -4.29 -12.31
C ALA A 1752 -27.64 -5.34 -12.42
N VAL A 1753 -26.40 -4.91 -12.67
CA VAL A 1753 -25.31 -5.89 -12.76
C VAL A 1753 -25.18 -6.64 -11.46
N ALA A 1754 -25.13 -5.92 -10.34
CA ALA A 1754 -24.85 -6.57 -9.07
C ALA A 1754 -25.98 -7.53 -8.71
N LEU A 1755 -27.21 -7.16 -9.01
CA LEU A 1755 -28.32 -8.06 -8.73
C LEU A 1755 -28.25 -9.32 -9.56
N PHE A 1756 -27.92 -9.19 -10.83
CA PHE A 1756 -27.78 -10.39 -11.63
C PHE A 1756 -26.65 -11.26 -11.11
N ASP A 1757 -25.55 -10.64 -10.67
CA ASP A 1757 -24.45 -11.41 -10.09
C ASP A 1757 -24.90 -12.13 -8.83
N ILE A 1758 -25.66 -11.45 -7.98
CA ILE A 1758 -26.03 -12.04 -6.72
C ILE A 1758 -26.94 -13.22 -6.95
N LYS A 1759 -27.84 -13.13 -7.89
CA LYS A 1759 -28.80 -14.21 -7.93
C LYS A 1759 -28.13 -15.48 -8.41
N PHE A 1760 -27.07 -15.36 -9.17
CA PHE A 1760 -26.47 -16.53 -9.78
C PHE A 1760 -25.04 -16.71 -9.35
N ARG A 1761 -24.70 -16.30 -8.14
CA ARG A 1761 -23.30 -16.33 -7.79
C ARG A 1761 -22.83 -17.74 -7.55
N ASN A 1762 -23.74 -18.64 -7.20
CA ASN A 1762 -23.31 -20.01 -6.97
C ASN A 1762 -23.86 -20.97 -7.99
N THR A 1763 -24.87 -20.58 -8.74
CA THR A 1763 -25.43 -21.55 -9.64
C THR A 1763 -24.50 -21.73 -10.83
N GLU A 1764 -24.52 -22.93 -11.39
CA GLU A 1764 -23.73 -23.24 -12.57
C GLU A 1764 -24.23 -22.41 -13.74
N ALA A 1765 -23.30 -21.95 -14.57
CA ALA A 1765 -23.67 -21.04 -15.64
C ALA A 1765 -24.63 -21.70 -16.62
N THR A 1766 -24.36 -22.93 -17.00
CA THR A 1766 -25.24 -23.55 -17.98
C THR A 1766 -26.62 -23.83 -17.42
N ASP A 1767 -26.81 -23.74 -16.11
CA ASP A 1767 -28.09 -24.05 -15.47
C ASP A 1767 -28.94 -22.81 -15.19
N ILE A 1768 -28.42 -21.60 -15.47
CA ILE A 1768 -29.19 -20.37 -15.30
C ILE A 1768 -30.39 -20.39 -16.24
N GLN A 1769 -31.58 -20.44 -15.68
CA GLN A 1769 -32.78 -20.59 -16.49
C GLN A 1769 -33.33 -19.24 -16.97
N TYR A 1770 -32.63 -18.15 -16.66
CA TYR A 1770 -33.01 -16.79 -17.07
C TYR A 1770 -31.93 -16.18 -17.96
N ASN A 1771 -32.37 -15.49 -19.01
CA ASN A 1771 -31.45 -14.77 -19.90
C ASN A 1771 -31.68 -13.27 -19.93
N ARG A 1772 -32.84 -12.79 -19.49
CA ARG A 1772 -33.15 -11.38 -19.56
C ARG A 1772 -33.79 -10.91 -18.26
N ALA A 1773 -33.52 -9.66 -17.91
CA ALA A 1773 -34.05 -9.05 -16.70
C ALA A 1773 -34.59 -7.66 -17.03
N HIS A 1774 -35.72 -7.33 -16.45
CA HIS A 1774 -36.24 -5.99 -16.55
C HIS A 1774 -36.23 -5.40 -15.16
N LEU A 1775 -35.63 -4.24 -14.99
CA LEU A 1775 -35.77 -3.51 -13.74
C LEU A 1775 -36.84 -2.45 -14.00
N HIS A 1776 -38.09 -2.75 -13.67
CA HIS A 1776 -39.17 -1.82 -13.96
C HIS A 1776 -39.28 -0.75 -12.89
N LEU A 1777 -39.78 0.42 -13.29
CA LEU A 1777 -39.98 1.56 -12.39
C LEU A 1777 -41.23 1.40 -11.55
N THR A 1778 -41.05 1.45 -10.24
CA THR A 1778 -42.17 1.52 -9.32
C THR A 1778 -42.69 2.94 -9.33
N LYS A 1779 -43.98 3.10 -9.64
CA LYS A 1779 -44.52 4.45 -9.87
C LYS A 1779 -44.37 5.32 -8.64
N CYS A 1780 -44.72 4.79 -7.48
CA CYS A 1780 -44.85 5.63 -6.32
C CYS A 1780 -43.54 6.30 -5.95
N CYS A 1781 -42.42 5.67 -6.24
CA CYS A 1781 -41.25 6.12 -5.53
C CYS A 1781 -40.26 6.84 -6.42
N THR A 1782 -40.70 7.36 -7.54
CA THR A 1782 -39.83 8.22 -8.33
C THR A 1782 -40.62 9.33 -8.97
N ARG A 1783 -39.97 10.47 -9.16
CA ARG A 1783 -40.67 11.60 -9.74
C ARG A 1783 -39.67 12.60 -10.27
N GLU A 1784 -40.09 13.29 -11.33
CA GLU A 1784 -39.25 14.23 -12.04
C GLU A 1784 -38.92 15.41 -11.14
N VAL A 1785 -37.65 15.77 -11.10
CA VAL A 1785 -37.18 16.86 -10.26
C VAL A 1785 -37.16 18.15 -11.09
N PRO A 1786 -37.97 19.14 -10.73
CA PRO A 1786 -37.98 20.35 -11.54
C PRO A 1786 -36.63 21.02 -11.49
N ALA A 1787 -36.21 21.60 -12.62
CA ALA A 1787 -35.00 22.40 -12.61
C ALA A 1787 -35.29 23.72 -11.90
N GLN A 1788 -34.44 24.06 -10.94
CA GLN A 1788 -34.60 25.30 -10.20
C GLN A 1788 -33.27 26.02 -10.17
N TYR A 1789 -33.24 27.17 -9.51
CA TYR A 1789 -31.99 27.86 -9.30
C TYR A 1789 -32.00 28.57 -7.96
N LEU A 1790 -30.82 28.77 -7.40
CA LEU A 1790 -30.75 29.41 -6.10
C LEU A 1790 -30.87 30.92 -6.25
N THR A 1791 -31.62 31.54 -5.34
CA THR A 1791 -31.86 32.98 -5.37
C THR A 1791 -31.58 33.57 -3.99
N TYR A 1792 -30.34 33.98 -3.80
CA TYR A 1792 -29.97 34.67 -2.58
C TYR A 1792 -30.56 36.08 -2.59
N THR A 1793 -31.26 36.43 -1.53
CA THR A 1793 -31.86 37.75 -1.42
C THR A 1793 -31.00 38.73 -0.64
N SER A 1794 -29.78 38.35 -0.28
CA SER A 1794 -28.93 39.23 0.50
C SER A 1794 -27.49 38.77 0.32
N THR A 1795 -26.55 39.58 0.78
CA THR A 1795 -25.15 39.26 0.59
C THR A 1795 -24.45 39.11 1.93
N LEU A 1796 -23.44 38.25 1.94
CA LEU A 1796 -22.61 38.07 3.12
C LEU A 1796 -22.01 39.41 3.48
N ASP A 1797 -22.31 39.89 4.69
CA ASP A 1797 -21.89 41.21 5.13
C ASP A 1797 -20.53 41.22 5.81
N LEU A 1798 -19.97 40.05 6.12
CA LEU A 1798 -18.65 39.98 6.71
C LEU A 1798 -17.58 40.47 5.76
N ASP A 1799 -16.53 41.07 6.32
CA ASP A 1799 -15.41 41.61 5.54
C ASP A 1799 -14.31 40.55 5.54
N LEU A 1800 -14.41 39.61 4.62
CA LEU A 1800 -13.41 38.55 4.54
C LEU A 1800 -12.03 39.06 4.15
N THR A 1801 -11.86 40.36 3.94
CA THR A 1801 -10.56 40.87 3.55
C THR A 1801 -9.51 40.68 4.62
N ARG A 1802 -9.89 40.25 5.83
CA ARG A 1802 -8.89 40.05 6.87
C ARG A 1802 -7.82 39.08 6.42
N TYR A 1803 -8.16 38.16 5.56
CA TYR A 1803 -7.19 37.14 5.20
C TYR A 1803 -6.18 37.64 4.19
N ARG A 1804 -5.96 38.95 4.09
CA ARG A 1804 -5.04 39.42 3.06
C ARG A 1804 -3.63 39.00 3.35
N GLU A 1805 -3.22 39.06 4.59
CA GLU A 1805 -1.87 38.71 4.96
C GLU A 1805 -1.68 37.19 4.99
N ASN A 1806 -2.74 36.44 5.26
CA ASN A 1806 -2.67 34.99 5.45
C ASN A 1806 -2.40 34.30 4.13
N GLU A 1807 -1.14 33.94 3.85
CA GLU A 1807 -0.83 33.44 2.53
C GLU A 1807 -1.32 32.00 2.34
N LEU A 1808 -1.62 31.29 3.43
CA LEU A 1808 -2.30 30.02 3.29
C LEU A 1808 -3.63 30.23 2.61
N ILE A 1809 -4.28 31.35 2.88
CA ILE A 1809 -5.60 31.57 2.33
C ILE A 1809 -5.54 32.47 1.13
N TYR A 1810 -4.57 33.37 1.02
CA TYR A 1810 -4.88 34.46 0.13
C TYR A 1810 -4.32 33.91 -1.20
N ASP A 1811 -4.11 34.80 -2.18
CA ASP A 1811 -3.15 34.65 -3.28
C ASP A 1811 -2.83 36.05 -3.80
N SER A 1812 -1.70 36.60 -3.38
CA SER A 1812 -1.46 38.00 -3.61
C SER A 1812 -1.36 38.30 -5.09
N ASN A 1813 -0.53 37.54 -5.81
CA ASN A 1813 -0.22 37.82 -7.21
C ASN A 1813 -0.57 36.61 -8.05
N PRO A 1814 -1.86 36.39 -8.29
CA PRO A 1814 -2.28 35.15 -8.95
C PRO A 1814 -1.78 35.00 -10.37
N LEU A 1815 -1.49 36.10 -11.06
CA LEU A 1815 -0.99 36.05 -12.42
C LEU A 1815 0.50 36.32 -12.37
N LYS A 1816 1.26 35.28 -12.05
CA LYS A 1816 2.72 35.35 -12.02
C LYS A 1816 3.35 34.37 -12.99
N GLY A 1817 2.78 33.18 -13.13
CA GLY A 1817 3.30 32.15 -14.01
C GLY A 1817 2.96 32.33 -15.46
N GLY A 1818 2.25 33.40 -15.82
CA GLY A 1818 1.87 33.66 -17.18
C GLY A 1818 0.47 33.16 -17.51
N LEU A 1819 0.02 33.52 -18.71
CA LEU A 1819 -1.31 33.17 -19.19
C LEU A 1819 -1.20 32.69 -20.65
N ASN A 1820 -2.21 31.91 -21.08
CA ASN A 1820 -2.28 31.40 -22.45
C ASN A 1820 -3.63 31.78 -23.08
N CYS A 1821 -3.72 31.66 -24.40
CA CYS A 1821 -4.96 31.91 -25.12
C CYS A 1821 -5.85 30.67 -25.11
N ASN A 1822 -7.07 30.83 -25.66
CA ASN A 1822 -8.13 29.79 -25.75
C ASN A 1822 -8.04 28.62 -24.76
N ASP B 440 31.40 27.71 -49.11
CA ASP B 440 30.29 26.76 -48.96
C ASP B 440 30.58 25.66 -47.93
N MET B 441 30.29 25.96 -46.66
CA MET B 441 30.50 25.01 -45.56
C MET B 441 29.20 24.71 -44.82
N ALA B 442 28.06 24.97 -45.44
CA ALA B 442 26.78 24.86 -44.74
C ALA B 442 26.51 23.43 -44.29
N LYS B 443 26.70 22.46 -45.19
CA LYS B 443 26.49 21.07 -44.82
C LYS B 443 27.52 20.59 -43.80
N THR B 444 28.79 20.96 -44.00
CA THR B 444 29.86 20.53 -43.10
C THR B 444 29.68 21.13 -41.72
N ILE B 445 29.28 22.40 -41.65
CA ILE B 445 29.06 23.00 -40.35
C ILE B 445 27.79 22.46 -39.70
N SER B 446 26.78 22.05 -40.48
CA SER B 446 25.60 21.43 -39.87
C SER B 446 25.94 20.09 -39.24
N SER B 447 26.71 19.26 -39.93
CA SER B 447 27.14 17.99 -39.33
C SER B 447 27.99 18.24 -38.10
N LEU B 448 28.90 19.22 -38.17
CA LEU B 448 29.71 19.56 -37.02
C LEU B 448 28.84 20.01 -35.86
N ASN B 449 27.77 20.75 -36.16
CA ASN B 449 26.88 21.20 -35.11
C ASN B 449 26.16 20.03 -34.46
N ARG B 450 25.70 19.06 -35.26
CA ARG B 450 25.00 17.91 -34.69
C ARG B 450 25.92 17.09 -33.78
N VAL B 451 27.11 16.73 -34.27
CA VAL B 451 28.00 15.93 -33.45
C VAL B 451 28.49 16.71 -32.23
N CYS B 452 28.85 17.98 -32.40
CA CYS B 452 29.36 18.76 -31.30
C CYS B 452 28.29 19.02 -30.25
N ALA B 453 27.07 19.31 -30.68
CA ALA B 453 26.01 19.50 -29.70
C ALA B 453 25.76 18.21 -28.93
N GLU B 454 25.78 17.07 -29.62
CA GLU B 454 25.64 15.82 -28.89
C GLU B 454 26.76 15.63 -27.90
N MET B 455 27.98 15.97 -28.30
CA MET B 455 29.11 15.74 -27.41
C MET B 455 29.03 16.64 -26.21
N VAL B 456 28.61 17.90 -26.41
CA VAL B 456 28.47 18.83 -25.30
C VAL B 456 27.37 18.38 -24.36
N ALA B 457 26.21 17.95 -24.90
CA ALA B 457 25.15 17.47 -24.03
C ALA B 457 25.64 16.32 -23.18
N LYS B 458 26.22 15.30 -23.82
CA LYS B 458 26.64 14.13 -23.07
C LYS B 458 27.68 14.50 -22.02
N TYR B 459 28.69 15.28 -22.40
CA TYR B 459 29.72 15.54 -21.42
C TYR B 459 29.29 16.55 -20.35
N ASP B 460 28.27 17.35 -20.62
CA ASP B 460 27.77 18.23 -19.59
C ASP B 460 26.96 17.44 -18.57
N LEU B 461 26.21 16.43 -19.02
CA LEU B 461 25.55 15.56 -18.05
C LEU B 461 26.57 14.79 -17.23
N LEU B 462 27.65 14.36 -17.87
CA LEU B 462 28.69 13.69 -17.10
C LEU B 462 29.27 14.61 -16.03
N VAL B 463 29.44 15.90 -16.35
CA VAL B 463 29.94 16.83 -15.34
C VAL B 463 28.95 16.99 -14.22
N MET B 464 27.67 17.14 -14.56
CA MET B 464 26.63 17.33 -13.55
C MET B 464 26.53 16.14 -12.61
N THR B 465 26.63 14.91 -13.14
CA THR B 465 26.50 13.73 -12.28
C THR B 465 27.69 13.59 -11.34
N THR B 466 28.90 13.56 -11.90
CA THR B 466 30.09 13.44 -11.07
C THR B 466 30.42 14.82 -10.54
N GLY B 467 30.19 15.03 -9.24
CA GLY B 467 30.31 16.38 -8.70
C GLY B 467 31.71 16.91 -8.70
N ARG B 468 31.95 17.93 -7.88
CA ARG B 468 33.24 18.59 -7.90
C ARG B 468 34.35 17.72 -7.36
N ALA B 469 34.05 16.59 -6.75
CA ALA B 469 35.09 15.76 -6.16
C ALA B 469 35.39 14.52 -6.99
N THR B 470 35.23 14.60 -8.31
CA THR B 470 35.59 13.46 -9.16
C THR B 470 37.06 13.17 -9.08
N ALA B 471 37.41 11.91 -8.92
CA ALA B 471 38.81 11.52 -8.86
C ALA B 471 39.31 11.28 -10.28
N THR B 472 40.51 11.79 -10.56
CA THR B 472 41.09 11.62 -11.88
C THR B 472 41.59 10.18 -12.04
N ALA B 473 41.90 9.80 -13.28
CA ALA B 473 42.45 8.48 -13.50
C ALA B 473 43.68 8.26 -12.62
N ALA B 474 44.61 9.21 -12.64
CA ALA B 474 45.81 9.06 -11.83
C ALA B 474 45.45 9.05 -10.36
N ALA B 475 44.57 9.93 -9.94
CA ALA B 475 44.22 9.96 -8.53
C ALA B 475 43.55 8.66 -8.11
N THR B 476 42.63 8.14 -8.95
CA THR B 476 41.99 6.87 -8.63
C THR B 476 42.99 5.78 -8.40
N GLU B 477 43.94 5.64 -9.31
CA GLU B 477 44.76 4.46 -9.15
C GLU B 477 45.82 4.68 -8.04
N ALA B 478 46.25 5.90 -7.79
CA ALA B 478 47.01 6.15 -6.58
C ALA B 478 46.22 5.67 -5.36
N TYR B 479 44.97 6.10 -5.25
CA TYR B 479 44.18 5.74 -4.07
C TYR B 479 43.96 4.24 -3.98
N TRP B 480 43.80 3.56 -5.10
CA TRP B 480 43.81 2.12 -5.06
C TRP B 480 45.10 1.61 -4.43
N ALA B 481 46.21 2.21 -4.82
CA ALA B 481 47.50 1.69 -4.41
C ALA B 481 47.70 1.84 -2.91
N GLU B 482 47.60 3.05 -2.41
CA GLU B 482 48.00 3.32 -1.04
C GLU B 482 46.89 3.06 -0.05
N HIS B 483 45.70 2.72 -0.51
CA HIS B 483 44.60 2.36 0.36
C HIS B 483 43.80 1.28 -0.33
N GLY B 484 43.18 0.42 0.46
CA GLY B 484 42.40 -0.63 -0.16
C GLY B 484 41.26 -0.11 -1.01
N GLN B 485 40.53 0.87 -0.50
CA GLN B 485 39.20 1.22 -1.01
C GLN B 485 39.29 2.17 -2.19
N PRO B 486 38.17 2.43 -2.88
CA PRO B 486 38.14 3.45 -3.92
C PRO B 486 38.31 4.84 -3.33
N PRO B 487 38.73 5.82 -4.13
CA PRO B 487 38.90 7.19 -3.63
C PRO B 487 37.56 7.84 -3.36
N PRO B 488 37.52 8.84 -2.51
CA PRO B 488 36.25 9.40 -2.03
C PRO B 488 35.65 10.33 -3.05
N GLY B 489 35.09 9.76 -4.08
CA GLY B 489 34.48 10.55 -5.10
C GLY B 489 34.43 9.74 -6.35
N PRO B 490 33.46 10.06 -7.20
CA PRO B 490 33.27 9.26 -8.40
C PRO B 490 34.56 9.22 -9.18
N SER B 491 34.84 8.07 -9.78
CA SER B 491 35.96 7.94 -10.68
C SER B 491 35.43 7.42 -12.01
N LEU B 492 36.05 7.82 -13.10
CA LEU B 492 35.59 7.42 -14.42
C LEU B 492 36.54 6.39 -15.02
N TYR B 493 36.01 5.29 -15.56
CA TYR B 493 36.83 4.29 -16.23
C TYR B 493 36.26 3.97 -17.59
N GLU B 494 37.11 3.58 -18.51
CA GLU B 494 36.58 2.95 -19.69
C GLU B 494 36.13 1.53 -19.35
N GLU B 495 35.16 1.04 -20.10
CA GLU B 495 34.70 -0.32 -19.89
C GLU B 495 35.86 -1.27 -19.92
N SER B 496 36.66 -1.19 -20.98
CA SER B 496 37.76 -2.12 -21.14
C SER B 496 38.88 -1.83 -20.17
N ALA B 497 39.02 -0.59 -19.74
CA ALA B 497 40.12 -0.28 -18.85
C ALA B 497 40.01 -1.09 -17.58
N ILE B 498 38.81 -1.13 -17.01
CA ILE B 498 38.61 -1.91 -15.80
C ILE B 498 38.18 -3.34 -16.08
N ARG B 499 37.68 -3.64 -17.27
CA ARG B 499 37.64 -5.03 -17.68
C ARG B 499 39.00 -5.63 -17.47
N GLY B 500 40.03 -4.98 -17.99
CA GLY B 500 41.38 -5.32 -17.64
C GLY B 500 41.64 -4.97 -16.20
N LYS B 501 42.70 -5.55 -15.66
CA LYS B 501 43.05 -5.41 -14.26
C LYS B 501 41.91 -5.84 -13.35
N ILE B 502 40.83 -6.35 -13.91
CA ILE B 502 39.90 -7.19 -13.18
C ILE B 502 39.95 -8.63 -13.67
N GLU B 503 40.02 -8.83 -14.97
CA GLU B 503 40.30 -10.15 -15.50
C GLU B 503 41.73 -10.60 -15.20
N SER B 504 42.65 -9.66 -14.95
CA SER B 504 44.02 -10.01 -14.62
C SER B 504 44.24 -9.94 -13.12
N ARG B 505 44.88 -10.96 -12.56
CA ARG B 505 45.10 -11.02 -11.12
C ARG B 505 45.97 -9.85 -10.69
N ASP B 506 45.36 -8.87 -10.03
CA ASP B 506 46.08 -7.68 -9.60
C ASP B 506 45.42 -7.09 -8.37
N GLU B 507 46.24 -6.49 -7.51
CA GLU B 507 45.80 -6.00 -6.21
C GLU B 507 45.33 -4.55 -6.23
N THR B 508 45.36 -3.88 -7.38
CA THR B 508 44.97 -2.48 -7.40
C THR B 508 43.46 -2.31 -7.20
N VAL B 509 42.64 -3.08 -7.91
CA VAL B 509 41.20 -2.87 -7.75
C VAL B 509 40.79 -3.24 -6.33
N PRO B 510 40.08 -2.37 -5.63
CA PRO B 510 39.49 -2.73 -4.34
C PRO B 510 38.44 -3.80 -4.53
N GLN B 511 38.16 -4.53 -3.46
CA GLN B 511 37.13 -5.55 -3.57
C GLN B 511 35.79 -4.93 -3.94
N SER B 512 35.49 -3.75 -3.40
CA SER B 512 34.20 -3.13 -3.69
C SER B 512 34.08 -2.78 -5.16
N VAL B 513 35.17 -2.29 -5.76
CA VAL B 513 35.12 -1.94 -7.18
C VAL B 513 34.96 -3.18 -8.04
N ARG B 514 35.66 -4.27 -7.71
CA ARG B 514 35.47 -5.52 -8.46
C ARG B 514 34.05 -6.04 -8.32
N GLU B 515 33.49 -6.00 -7.12
CA GLU B 515 32.13 -6.45 -6.93
C GLU B 515 31.15 -5.57 -7.70
N ALA B 516 31.34 -4.25 -7.66
CA ALA B 516 30.48 -3.32 -8.37
C ALA B 516 30.50 -3.62 -9.86
N PHE B 517 31.69 -3.74 -10.41
CA PHE B 517 31.78 -3.96 -11.83
C PHE B 517 31.20 -5.30 -12.22
N ASN B 518 31.42 -6.35 -11.42
CA ASN B 518 30.83 -7.63 -11.75
C ASN B 518 29.31 -7.56 -11.74
N ASN B 519 28.74 -6.86 -10.77
CA ASN B 519 27.29 -6.73 -10.77
C ASN B 519 26.82 -6.04 -12.04
N LEU B 520 27.47 -4.95 -12.41
CA LEU B 520 27.06 -4.15 -13.57
C LEU B 520 27.17 -4.95 -14.85
N ASN B 521 28.21 -5.76 -14.99
CA ASN B 521 28.40 -6.58 -16.17
C ASN B 521 27.63 -7.89 -16.11
N SER B 522 27.10 -8.25 -14.96
CA SER B 522 26.27 -9.43 -14.91
C SER B 522 25.02 -9.24 -15.73
N THR B 523 24.50 -8.02 -15.79
CA THR B 523 23.28 -7.79 -16.56
C THR B 523 23.51 -7.77 -18.07
N THR B 524 24.76 -7.67 -18.54
CA THR B 524 25.00 -7.70 -19.98
C THR B 524 24.63 -9.06 -20.58
N SER B 525 24.87 -10.14 -19.84
CA SER B 525 24.57 -11.48 -20.36
C SER B 525 23.08 -11.74 -20.53
N LEU B 526 22.23 -11.00 -19.84
CA LEU B 526 20.80 -11.27 -19.85
C LEU B 526 20.21 -11.06 -21.23
N THR B 527 19.51 -12.05 -21.74
CA THR B 527 18.77 -11.85 -22.98
C THR B 527 17.33 -12.22 -22.73
N GLU B 528 16.54 -12.43 -23.79
CA GLU B 528 15.18 -12.90 -23.53
C GLU B 528 15.17 -14.36 -23.13
N GLU B 529 16.08 -15.16 -23.67
CA GLU B 529 16.11 -16.56 -23.27
C GLU B 529 16.70 -16.71 -21.88
N ASN B 530 17.71 -15.94 -21.57
CA ASN B 530 18.36 -16.18 -20.33
C ASN B 530 17.59 -15.65 -19.15
N PHE B 531 16.70 -14.69 -19.36
CA PHE B 531 16.05 -13.99 -18.25
C PHE B 531 14.96 -14.85 -17.62
N GLY B 532 15.10 -15.12 -16.31
CA GLY B 532 14.14 -15.90 -15.54
C GLY B 532 14.38 -17.39 -15.49
N LYS B 533 15.41 -17.92 -16.17
CA LYS B 533 15.67 -19.35 -16.17
C LYS B 533 16.44 -19.72 -14.91
N PRO B 534 15.89 -20.59 -14.08
CA PRO B 534 16.60 -20.96 -12.83
C PRO B 534 17.79 -21.85 -13.12
N ASP B 535 18.78 -21.80 -12.21
CA ASP B 535 19.94 -22.69 -12.25
C ASP B 535 19.64 -23.88 -11.33
N ILE B 536 19.28 -25.02 -11.94
CA ILE B 536 18.79 -26.17 -11.19
C ILE B 536 19.89 -27.22 -11.13
N SER B 537 20.44 -27.41 -9.93
CA SER B 537 21.51 -28.37 -9.69
C SER B 537 20.90 -29.73 -9.37
N ALA B 538 21.77 -30.74 -9.18
CA ALA B 538 21.25 -32.06 -8.88
C ALA B 538 20.60 -32.10 -7.50
N LYS B 539 21.24 -31.48 -6.51
CA LYS B 539 20.67 -31.47 -5.16
C LYS B 539 19.33 -30.74 -5.12
N ASP B 540 19.26 -29.57 -5.76
CA ASP B 540 18.01 -28.84 -5.78
C ASP B 540 16.97 -29.59 -6.55
N LEU B 541 17.36 -30.29 -7.58
CA LEU B 541 16.36 -31.04 -8.30
C LEU B 541 15.80 -32.15 -7.42
N ARG B 542 16.67 -32.82 -6.63
CA ARG B 542 16.18 -33.84 -5.71
C ARG B 542 15.21 -33.27 -4.69
N ASN B 543 15.54 -32.12 -4.09
CA ASN B 543 14.65 -31.52 -3.09
C ASN B 543 13.33 -31.11 -3.71
N ILE B 544 13.36 -30.58 -4.93
CA ILE B 544 12.13 -30.19 -5.59
C ILE B 544 11.29 -31.41 -5.87
N MET B 545 11.90 -32.51 -6.31
CA MET B 545 11.08 -33.66 -6.64
C MET B 545 10.62 -34.43 -5.40
N TYR B 546 11.41 -34.43 -4.33
CA TYR B 546 10.94 -35.06 -3.10
C TYR B 546 9.62 -34.45 -2.69
N ASP B 547 9.60 -33.12 -2.57
CA ASP B 547 8.46 -32.46 -1.95
C ASP B 547 7.18 -32.85 -2.61
N HIS B 548 7.21 -33.18 -3.88
CA HIS B 548 5.96 -33.62 -4.43
C HIS B 548 5.58 -35.04 -4.01
N LEU B 549 6.55 -35.90 -3.72
CA LEU B 549 6.24 -37.32 -3.45
C LEU B 549 5.64 -37.50 -2.05
N PRO B 550 4.54 -38.24 -1.92
CA PRO B 550 3.98 -38.50 -0.59
C PRO B 550 4.78 -39.53 0.18
N GLY B 551 4.76 -39.40 1.49
CA GLY B 551 5.49 -40.29 2.37
C GLY B 551 6.97 -39.98 2.42
N PHE B 552 7.68 -40.82 3.15
CA PHE B 552 9.12 -40.73 3.23
C PHE B 552 9.75 -42.08 2.89
N GLY B 553 10.84 -42.04 2.12
CA GLY B 553 11.60 -43.23 1.81
C GLY B 553 10.96 -44.19 0.84
N THR B 554 9.96 -43.75 0.08
CA THR B 554 9.27 -44.66 -0.85
C THR B 554 10.21 -45.07 -1.98
N ALA B 555 9.77 -46.04 -2.79
CA ALA B 555 10.58 -46.38 -3.95
C ALA B 555 10.77 -45.18 -4.84
N PHE B 556 9.77 -44.31 -4.92
CA PHE B 556 9.90 -43.14 -5.76
C PHE B 556 11.04 -42.25 -5.31
N HIS B 557 11.28 -42.15 -4.00
CA HIS B 557 12.42 -41.34 -3.57
C HIS B 557 13.72 -41.90 -4.13
N GLN B 558 13.88 -43.22 -4.13
CA GLN B 558 15.10 -43.78 -4.69
C GLN B 558 15.15 -43.56 -6.19
N LEU B 559 14.00 -43.68 -6.85
CA LEU B 559 13.96 -43.38 -8.27
C LEU B 559 14.45 -41.98 -8.53
N VAL B 560 14.05 -41.04 -7.69
CA VAL B 560 14.40 -39.64 -7.89
C VAL B 560 15.89 -39.45 -7.72
N GLN B 561 16.47 -39.99 -6.66
CA GLN B 561 17.89 -39.75 -6.48
C GLN B 561 18.75 -40.53 -7.47
N VAL B 562 18.17 -41.53 -8.14
CA VAL B 562 18.85 -42.15 -9.29
C VAL B 562 18.74 -41.23 -10.50
N ILE B 563 17.55 -40.70 -10.76
CA ILE B 563 17.32 -39.87 -11.95
C ILE B 563 18.21 -38.64 -11.91
N CYS B 564 18.29 -38.01 -10.75
CA CYS B 564 19.17 -36.86 -10.63
C CYS B 564 20.63 -37.26 -10.76
N LYS B 565 20.95 -38.55 -10.59
CA LYS B 565 22.35 -38.95 -10.78
C LYS B 565 22.65 -39.14 -12.26
N LEU B 566 21.76 -39.81 -13.00
CA LEU B 566 21.96 -39.95 -14.44
C LEU B 566 21.87 -38.61 -15.14
N GLY B 567 20.96 -37.75 -14.69
CA GLY B 567 20.84 -36.43 -15.29
C GLY B 567 22.09 -35.60 -15.12
N LYS B 568 22.66 -35.57 -13.92
CA LYS B 568 23.82 -34.71 -13.68
C LYS B 568 24.99 -35.13 -14.54
N ASP B 569 25.21 -36.42 -14.69
CA ASP B 569 26.30 -36.89 -15.54
C ASP B 569 26.06 -36.53 -17.00
N SER B 570 24.83 -36.72 -17.49
CA SER B 570 24.50 -36.46 -18.89
C SER B 570 24.17 -35.00 -19.15
N ASN B 571 24.29 -34.14 -18.14
CA ASN B 571 24.00 -32.72 -18.25
C ASN B 571 22.63 -32.50 -18.89
N SER B 572 21.65 -33.24 -18.42
CA SER B 572 20.29 -33.17 -18.92
C SER B 572 19.27 -32.86 -17.82
N LEU B 573 19.70 -32.15 -16.75
CA LEU B 573 18.80 -31.78 -15.65
C LEU B 573 17.65 -30.89 -16.11
N ASP B 574 17.96 -29.90 -16.95
CA ASP B 574 16.93 -28.97 -17.37
C ASP B 574 15.84 -29.71 -18.13
N ILE B 575 16.22 -30.65 -18.99
CA ILE B 575 15.21 -31.39 -19.73
C ILE B 575 14.37 -32.22 -18.80
N ILE B 576 15.01 -32.86 -17.83
CA ILE B 576 14.28 -33.66 -16.85
C ILE B 576 13.25 -32.80 -16.14
N HIS B 577 13.69 -31.67 -15.58
CA HIS B 577 12.76 -30.83 -14.82
C HIS B 577 11.68 -30.26 -15.69
N ALA B 578 12.01 -29.86 -16.90
CA ALA B 578 10.98 -29.41 -17.79
C ALA B 578 9.96 -30.52 -17.96
N GLU B 579 10.43 -31.75 -18.10
CA GLU B 579 9.51 -32.85 -18.29
C GLU B 579 8.64 -33.06 -17.06
N PHE B 580 9.25 -32.97 -15.88
CA PHE B 580 8.52 -33.17 -14.64
C PHE B 580 7.43 -32.11 -14.46
N GLN B 581 7.80 -30.84 -14.61
CA GLN B 581 6.82 -29.76 -14.47
C GLN B 581 5.71 -29.91 -15.48
N ALA B 582 6.04 -30.22 -16.73
CA ALA B 582 4.99 -30.38 -17.71
C ALA B 582 4.07 -31.51 -17.31
N SER B 583 4.63 -32.58 -16.76
CA SER B 583 3.77 -33.68 -16.36
C SER B 583 2.87 -33.27 -15.21
N LEU B 584 3.40 -32.52 -14.25
CA LEU B 584 2.56 -32.04 -13.14
C LEU B 584 1.43 -31.21 -13.65
N ALA B 585 1.73 -30.28 -14.55
CA ALA B 585 0.70 -29.39 -15.08
C ALA B 585 -0.36 -30.19 -15.81
N GLU B 586 0.03 -31.20 -16.57
CA GLU B 586 -0.96 -31.90 -17.37
C GLU B 586 -1.73 -32.93 -16.55
N GLY B 587 -2.27 -32.51 -15.39
CA GLY B 587 -3.18 -33.32 -14.60
C GLY B 587 -2.66 -34.68 -14.19
N ASP B 588 -1.41 -34.75 -13.74
CA ASP B 588 -0.80 -36.00 -13.37
C ASP B 588 -0.24 -35.91 -11.97
N SER B 589 -0.28 -37.02 -11.26
CA SER B 589 0.33 -37.11 -9.95
C SER B 589 1.85 -37.22 -10.08
N PRO B 590 2.59 -36.93 -9.00
CA PRO B 590 4.06 -37.07 -9.06
C PRO B 590 4.56 -38.46 -9.38
N GLN B 591 3.83 -39.52 -9.02
CA GLN B 591 4.24 -40.85 -9.47
C GLN B 591 4.18 -40.97 -10.99
N CYS B 592 3.09 -40.50 -11.59
CA CYS B 592 3.01 -40.51 -13.05
C CYS B 592 4.12 -39.66 -13.64
N ALA B 593 4.46 -38.55 -12.98
CA ALA B 593 5.49 -37.65 -13.48
C ALA B 593 6.86 -38.34 -13.49
N LEU B 594 7.18 -39.07 -12.43
CA LEU B 594 8.44 -39.81 -12.43
C LEU B 594 8.47 -40.91 -13.49
N ILE B 595 7.39 -41.71 -13.61
CA ILE B 595 7.50 -42.80 -14.59
C ILE B 595 7.60 -42.23 -16.01
N GLN B 596 6.87 -41.16 -16.30
CA GLN B 596 7.01 -40.58 -17.63
C GLN B 596 8.35 -39.88 -17.81
N ILE B 597 8.95 -39.40 -16.72
CA ILE B 597 10.23 -38.71 -16.85
C ILE B 597 11.32 -39.74 -17.08
N THR B 598 11.04 -40.99 -16.74
CA THR B 598 11.98 -42.04 -17.03
C THR B 598 11.78 -42.57 -18.45
N LYS B 599 10.52 -42.70 -18.90
CA LYS B 599 10.25 -43.02 -20.31
C LYS B 599 10.84 -41.98 -21.27
N ARG B 600 10.35 -40.75 -21.19
CA ARG B 600 10.53 -39.82 -22.31
C ARG B 600 11.92 -39.23 -22.40
N VAL B 601 12.59 -39.00 -21.27
CA VAL B 601 13.92 -38.39 -21.35
C VAL B 601 14.88 -39.36 -22.05
N PRO B 602 15.61 -38.91 -23.07
CA PRO B 602 16.41 -39.85 -23.87
C PRO B 602 17.60 -40.46 -23.13
N ILE B 603 18.14 -39.81 -22.11
CA ILE B 603 19.28 -40.38 -21.37
C ILE B 603 18.88 -41.70 -20.74
N PHE B 604 17.59 -41.89 -20.52
CA PHE B 604 17.07 -43.12 -19.95
C PHE B 604 16.59 -44.09 -21.02
N GLN B 605 17.18 -44.04 -22.22
CA GLN B 605 16.73 -44.90 -23.31
C GLN B 605 16.85 -46.38 -22.94
N ASP B 606 18.05 -46.83 -22.57
CA ASP B 606 18.29 -48.23 -22.25
C ASP B 606 19.26 -48.40 -21.09
N ALA B 607 19.61 -47.32 -20.38
CA ALA B 607 20.60 -47.42 -19.30
C ALA B 607 20.15 -48.42 -18.25
N ALA B 608 21.09 -49.22 -17.80
CA ALA B 608 20.79 -50.19 -16.76
C ALA B 608 20.69 -49.49 -15.40
N PRO B 609 19.96 -50.09 -14.45
CA PRO B 609 19.89 -49.50 -13.11
C PRO B 609 21.25 -49.47 -12.47
N PRO B 610 21.58 -48.41 -11.76
CA PRO B 610 22.83 -48.40 -11.00
C PRO B 610 22.74 -49.35 -9.82
N VAL B 611 23.91 -49.85 -9.40
CA VAL B 611 24.03 -50.72 -8.25
C VAL B 611 24.39 -49.87 -7.04
N ILE B 612 23.77 -50.16 -5.91
CA ILE B 612 24.05 -49.46 -4.66
C ILE B 612 24.47 -50.50 -3.63
N HIS B 613 25.71 -50.38 -3.14
CA HIS B 613 26.22 -51.30 -2.14
C HIS B 613 25.62 -50.95 -0.77
N ILE B 614 25.09 -51.96 -0.08
CA ILE B 614 24.57 -51.80 1.27
C ILE B 614 25.08 -52.96 2.12
N ARG B 615 25.48 -52.64 3.36
CA ARG B 615 26.03 -53.67 4.24
C ARG B 615 25.00 -54.74 4.59
N SER B 616 23.71 -54.38 4.59
CA SER B 616 22.66 -55.33 4.96
C SER B 616 21.37 -54.96 4.24
N ARG B 617 20.43 -55.91 4.24
CA ARG B 617 19.13 -55.68 3.62
C ARG B 617 18.25 -54.74 4.43
N GLY B 618 18.61 -54.44 5.68
CA GLY B 618 17.86 -53.50 6.50
C GLY B 618 18.18 -52.03 6.28
N ASP B 619 19.13 -51.70 5.39
CA ASP B 619 19.49 -50.30 5.14
C ASP B 619 18.39 -49.56 4.37
N ILE B 620 17.66 -50.25 3.51
CA ILE B 620 16.55 -49.67 2.76
C ILE B 620 15.45 -49.28 3.76
N PRO B 621 14.75 -48.19 3.55
CA PRO B 621 13.72 -47.79 4.52
C PRO B 621 12.55 -48.75 4.50
N ARG B 622 11.75 -48.66 5.56
CA ARG B 622 10.60 -49.54 5.71
C ARG B 622 9.61 -49.36 4.56
N ALA B 623 9.42 -48.13 4.08
CA ALA B 623 8.52 -47.91 2.96
C ALA B 623 9.06 -48.56 1.68
N CYS B 624 10.36 -48.85 1.64
CA CYS B 624 10.99 -49.49 0.49
C CYS B 624 10.89 -51.02 0.52
N GLN B 625 10.44 -51.60 1.64
CA GLN B 625 10.43 -53.05 1.78
C GLN B 625 9.32 -53.70 0.95
N LYS B 626 8.34 -52.93 0.48
CA LYS B 626 7.14 -53.52 -0.09
C LYS B 626 7.44 -54.18 -1.43
N SER B 627 7.91 -53.41 -2.39
CA SER B 627 8.05 -53.89 -3.75
C SER B 627 9.53 -54.01 -4.06
N LEU B 628 10.05 -55.24 -4.03
CA LEU B 628 11.41 -55.55 -4.44
C LEU B 628 11.53 -57.03 -4.72
N ARG B 629 12.24 -57.37 -5.78
CA ARG B 629 12.35 -58.75 -6.25
C ARG B 629 13.77 -59.01 -6.73
N PRO B 630 14.19 -60.27 -6.80
CA PRO B 630 15.56 -60.57 -7.25
C PRO B 630 15.82 -60.05 -8.66
N VAL B 631 17.03 -59.58 -8.90
CA VAL B 631 17.36 -58.88 -10.14
C VAL B 631 17.45 -59.83 -11.34
N PRO B 632 16.69 -59.60 -12.41
CA PRO B 632 16.86 -60.39 -13.65
C PRO B 632 18.01 -59.86 -14.47
N PRO B 633 18.59 -60.68 -15.35
CA PRO B 633 19.72 -60.21 -16.18
C PRO B 633 19.30 -59.13 -17.16
N SER B 634 20.26 -58.23 -17.45
CA SER B 634 20.14 -57.08 -18.35
C SER B 634 18.86 -56.28 -18.08
N PRO B 635 18.75 -55.57 -16.96
CA PRO B 635 17.55 -54.75 -16.71
C PRO B 635 17.72 -53.34 -17.25
N LYS B 636 16.58 -52.71 -17.50
CA LYS B 636 16.45 -51.29 -17.79
C LYS B 636 15.88 -50.56 -16.55
N ILE B 637 15.97 -49.23 -16.55
CA ILE B 637 15.54 -48.48 -15.38
C ILE B 637 14.03 -48.35 -15.28
N ASP B 638 13.30 -48.34 -16.39
CA ASP B 638 11.85 -48.38 -16.20
C ASP B 638 11.17 -49.53 -16.92
N ARG B 639 11.55 -49.80 -18.17
CA ARG B 639 11.07 -51.02 -18.80
C ARG B 639 11.51 -52.24 -17.99
N GLY B 640 12.60 -52.12 -17.25
CA GLY B 640 13.07 -53.15 -16.34
C GLY B 640 12.74 -52.85 -14.89
N TRP B 641 13.71 -52.35 -14.13
CA TRP B 641 13.53 -52.10 -12.70
C TRP B 641 14.21 -50.80 -12.29
N VAL B 642 13.63 -50.15 -11.27
CA VAL B 642 14.07 -48.83 -10.85
C VAL B 642 15.56 -48.83 -10.54
N CYS B 643 15.96 -49.67 -9.61
CA CYS B 643 17.35 -49.69 -9.20
C CYS B 643 17.63 -50.97 -8.42
N VAL B 644 18.89 -51.39 -8.39
CA VAL B 644 19.32 -52.63 -7.77
C VAL B 644 20.36 -52.34 -6.69
N PHE B 645 20.08 -52.82 -5.48
CA PHE B 645 21.00 -52.70 -4.33
C PHE B 645 21.74 -54.02 -4.19
N GLN B 646 23.01 -54.07 -4.60
CA GLN B 646 23.82 -55.27 -4.43
C GLN B 646 24.44 -55.28 -3.04
N LEU B 647 24.05 -56.24 -2.21
CA LEU B 647 24.63 -56.32 -0.88
C LEU B 647 26.06 -56.86 -0.97
N GLN B 648 26.85 -56.56 0.07
CA GLN B 648 28.23 -57.03 0.09
C GLN B 648 28.32 -58.55 0.15
N ASP B 649 27.30 -59.21 0.69
CA ASP B 649 27.22 -60.68 0.65
C ASP B 649 26.39 -61.18 -0.54
N GLY B 650 26.73 -60.68 -1.74
CA GLY B 650 26.22 -61.23 -2.97
C GLY B 650 24.81 -60.81 -3.32
N LYS B 651 23.96 -60.66 -2.30
CA LYS B 651 22.55 -60.46 -2.54
C LYS B 651 22.30 -59.16 -3.30
N THR B 652 21.30 -59.18 -4.17
N THR B 652 21.31 -59.19 -4.18
CA THR B 652 20.92 -58.02 -4.96
CA THR B 652 20.92 -58.02 -4.96
C THR B 652 19.41 -58.08 -5.21
C THR B 652 19.41 -58.08 -5.21
N LEU B 653 18.73 -56.98 -4.89
CA LEU B 653 17.28 -56.89 -5.03
C LEU B 653 16.96 -55.59 -5.77
N GLY B 654 16.07 -55.65 -6.76
CA GLY B 654 15.70 -54.50 -7.56
C GLY B 654 14.28 -54.04 -7.26
N LEU B 655 14.04 -52.74 -7.44
CA LEU B 655 12.77 -52.13 -7.11
C LEU B 655 11.89 -52.00 -8.35
N LYS B 656 10.59 -51.87 -8.12
CA LYS B 656 9.64 -51.69 -9.19
C LYS B 656 8.56 -50.72 -8.73
N ILE B 657 8.03 -49.95 -9.68
CA ILE B 657 6.97 -48.97 -9.41
C ILE B 657 5.67 -49.70 -9.04
N MET C 441 37.62 27.07 -43.91
CA MET C 441 38.59 26.02 -43.60
C MET C 441 37.88 24.69 -43.43
N ALA C 442 37.61 24.02 -44.56
CA ALA C 442 36.92 22.75 -44.54
C ALA C 442 37.75 21.65 -43.88
N LYS C 443 39.09 21.78 -43.89
CA LYS C 443 39.94 20.81 -43.23
C LYS C 443 39.80 20.87 -41.71
N THR C 444 39.72 22.08 -41.16
CA THR C 444 39.48 22.23 -39.73
C THR C 444 38.10 21.72 -39.33
N ILE C 445 37.08 21.94 -40.17
CA ILE C 445 35.72 21.45 -39.89
C ILE C 445 35.69 19.93 -39.87
N SER C 446 36.33 19.28 -40.85
CA SER C 446 36.36 17.82 -40.81
C SER C 446 37.15 17.31 -39.62
N SER C 447 38.26 17.96 -39.27
CA SER C 447 39.04 17.51 -38.12
C SER C 447 38.24 17.61 -36.82
N LEU C 448 37.50 18.71 -36.65
CA LEU C 448 36.69 18.86 -35.45
C LEU C 448 35.52 17.87 -35.44
N ASN C 449 34.85 17.67 -36.58
CA ASN C 449 33.88 16.59 -36.70
C ASN C 449 34.45 15.24 -36.28
N ARG C 450 35.64 14.89 -36.74
CA ARG C 450 36.19 13.58 -36.36
C ARG C 450 36.50 13.51 -34.86
N VAL C 451 37.10 14.56 -34.28
CA VAL C 451 37.41 14.52 -32.84
C VAL C 451 36.14 14.41 -32.01
N CYS C 452 35.10 15.16 -32.37
CA CYS C 452 33.83 15.05 -31.65
C CYS C 452 33.21 13.67 -31.82
N ALA C 453 33.26 13.09 -33.03
CA ALA C 453 32.67 11.78 -33.20
C ALA C 453 33.40 10.76 -32.36
N GLU C 454 34.72 10.88 -32.24
CA GLU C 454 35.45 9.96 -31.39
C GLU C 454 35.11 10.14 -29.91
N MET C 455 34.96 11.39 -29.45
CA MET C 455 34.56 11.60 -28.06
C MET C 455 33.19 11.00 -27.78
N VAL C 456 32.23 11.22 -28.67
CA VAL C 456 30.89 10.65 -28.45
C VAL C 456 30.96 9.15 -28.45
N ALA C 457 31.79 8.57 -29.31
CA ALA C 457 31.91 7.13 -29.27
C ALA C 457 32.48 6.68 -27.93
N LYS C 458 33.54 7.34 -27.47
CA LYS C 458 34.18 6.89 -26.24
C LYS C 458 33.31 7.09 -25.04
N TYR C 459 32.28 7.93 -25.17
CA TYR C 459 31.34 8.12 -24.08
C TYR C 459 30.51 6.88 -23.80
N ASP C 460 30.11 6.15 -24.84
CA ASP C 460 29.25 4.98 -24.66
C ASP C 460 29.96 3.85 -23.96
N LEU C 461 31.29 3.91 -23.91
CA LEU C 461 32.12 2.93 -23.22
C LEU C 461 32.65 3.48 -21.90
N LEU C 462 31.87 4.31 -21.23
CA LEU C 462 32.30 4.80 -19.93
C LEU C 462 31.56 4.06 -18.84
N VAL C 463 32.22 3.92 -17.71
CA VAL C 463 31.64 3.38 -16.48
C VAL C 463 32.20 4.19 -15.31
N MET C 464 31.33 4.61 -14.40
CA MET C 464 31.77 5.36 -13.24
C MET C 464 31.36 4.67 -11.96
N THR C 465 32.16 4.87 -10.92
CA THR C 465 31.89 4.32 -9.60
C THR C 465 31.46 5.45 -8.65
N THR C 466 30.24 5.35 -8.14
CA THR C 466 29.73 6.36 -7.23
C THR C 466 30.60 6.43 -6.00
N GLY C 467 30.86 7.66 -5.56
CA GLY C 467 31.80 7.89 -4.50
C GLY C 467 31.11 8.11 -3.18
N ARG C 468 31.93 8.25 -2.17
CA ARG C 468 31.44 8.54 -0.85
C ARG C 468 31.35 10.01 -0.60
N ALA C 469 31.73 10.85 -1.54
CA ALA C 469 31.74 12.27 -1.24
C ALA C 469 30.88 13.07 -2.20
N THR C 470 30.08 12.41 -3.03
CA THR C 470 29.36 13.19 -4.02
C THR C 470 28.33 14.07 -3.38
N ALA C 471 27.54 13.52 -2.46
CA ALA C 471 26.54 14.33 -1.80
C ALA C 471 27.19 15.49 -1.05
N THR C 472 28.25 15.22 -0.30
CA THR C 472 28.90 16.29 0.42
C THR C 472 29.57 17.29 -0.52
N ALA C 473 30.05 16.85 -1.68
CA ALA C 473 30.68 17.82 -2.57
C ALA C 473 29.65 18.72 -3.19
N ALA C 474 28.49 18.19 -3.55
CA ALA C 474 27.42 19.06 -4.02
C ALA C 474 26.88 19.95 -2.90
N ALA C 475 26.94 19.52 -1.62
CA ALA C 475 26.50 20.38 -0.52
C ALA C 475 27.47 21.53 -0.28
N THR C 476 28.76 21.24 -0.19
CA THR C 476 29.69 22.35 -0.11
C THR C 476 29.48 23.30 -1.28
N GLU C 477 29.26 22.75 -2.47
CA GLU C 477 29.07 23.62 -3.63
C GLU C 477 27.81 24.46 -3.51
N ALA C 478 26.71 23.88 -3.05
CA ALA C 478 25.47 24.64 -3.01
C ALA C 478 25.45 25.61 -1.85
N TYR C 479 26.21 25.33 -0.80
CA TYR C 479 26.29 26.24 0.34
C TYR C 479 27.26 27.39 0.08
N TRP C 480 28.36 27.15 -0.64
CA TRP C 480 29.24 28.27 -0.96
C TRP C 480 28.60 29.20 -1.94
N ALA C 481 27.81 28.67 -2.86
CA ALA C 481 27.18 29.56 -3.81
C ALA C 481 26.13 30.42 -3.12
N GLU C 482 25.37 29.83 -2.22
CA GLU C 482 24.21 30.54 -1.71
C GLU C 482 24.57 31.51 -0.60
N HIS C 483 25.41 31.09 0.34
CA HIS C 483 25.72 31.91 1.50
C HIS C 483 27.14 32.41 1.50
N GLY C 484 28.00 31.84 0.72
CA GLY C 484 29.34 32.33 0.69
C GLY C 484 30.19 31.87 1.84
N GLN C 485 29.69 31.00 2.70
CA GLN C 485 30.54 30.41 3.73
C GLN C 485 30.44 28.90 3.59
N PRO C 486 31.38 28.15 4.18
CA PRO C 486 31.22 26.70 4.21
C PRO C 486 30.06 26.32 5.03
N PRO C 487 29.44 25.15 4.80
CA PRO C 487 28.37 24.67 5.67
C PRO C 487 28.84 24.65 7.10
N PRO C 488 28.02 25.08 8.03
CA PRO C 488 28.49 25.36 9.38
C PRO C 488 28.52 24.06 10.17
N GLY C 489 28.89 24.19 11.45
CA GLY C 489 28.82 23.10 12.40
C GLY C 489 29.86 22.01 12.22
N PRO C 490 29.54 20.81 12.67
CA PRO C 490 30.52 19.73 12.58
C PRO C 490 30.79 19.44 11.12
N SER C 491 31.93 18.83 10.86
CA SER C 491 32.27 18.54 9.47
C SER C 491 31.17 17.71 8.82
N LEU C 492 31.01 17.87 7.52
CA LEU C 492 30.08 17.02 6.81
C LEU C 492 30.68 15.61 6.69
N TYR C 493 30.04 14.72 5.91
CA TYR C 493 30.37 13.30 5.93
C TYR C 493 31.74 13.01 5.33
N GLU C 494 32.04 13.52 4.16
CA GLU C 494 33.34 13.29 3.54
C GLU C 494 33.83 14.62 2.99
N GLU C 495 34.50 15.40 3.82
CA GLU C 495 35.03 16.67 3.36
C GLU C 495 36.42 16.46 2.77
N SER C 496 36.79 17.35 1.84
CA SER C 496 38.11 17.31 1.18
C SER C 496 39.22 17.79 2.12
N PRO D 437 32.27 39.12 -42.68
CA PRO D 437 32.82 38.66 -41.40
C PRO D 437 33.36 37.21 -41.39
N VAL D 438 33.98 36.80 -42.50
CA VAL D 438 34.61 35.47 -42.62
C VAL D 438 35.81 35.32 -41.68
N TYR D 439 36.55 36.41 -41.44
CA TYR D 439 37.64 36.36 -40.47
C TYR D 439 37.12 36.06 -39.07
N ASP D 440 35.90 36.53 -38.76
CA ASP D 440 35.26 36.16 -37.51
C ASP D 440 35.00 34.65 -37.43
N MET D 441 34.59 34.04 -38.56
CA MET D 441 34.38 32.59 -38.60
C MET D 441 35.69 31.85 -38.38
N ALA D 442 36.78 32.31 -38.98
CA ALA D 442 38.07 31.65 -38.78
C ALA D 442 38.51 31.76 -37.32
N LYS D 443 38.32 32.93 -36.71
CA LYS D 443 38.71 33.10 -35.31
C LYS D 443 37.88 32.21 -34.37
N THR D 444 36.56 32.18 -34.57
CA THR D 444 35.72 31.37 -33.69
C THR D 444 35.91 29.87 -33.94
N ILE D 445 36.17 29.44 -35.17
CA ILE D 445 36.48 28.04 -35.39
C ILE D 445 37.79 27.70 -34.72
N SER D 446 38.77 28.61 -34.76
CA SER D 446 40.02 28.35 -34.05
C SER D 446 39.77 28.23 -32.56
N SER D 447 38.93 29.10 -32.03
CA SER D 447 38.61 29.03 -30.60
C SER D 447 37.89 27.71 -30.26
N LEU D 448 36.95 27.30 -31.12
CA LEU D 448 36.16 26.09 -30.85
C LEU D 448 37.03 24.84 -30.92
N ASN D 449 37.91 24.77 -31.92
CA ASN D 449 38.84 23.67 -31.95
C ASN D 449 39.76 23.71 -30.74
N ARG D 450 40.17 24.90 -30.31
CA ARG D 450 41.04 24.97 -29.13
C ARG D 450 40.34 24.38 -27.91
N VAL D 451 39.06 24.74 -27.69
CA VAL D 451 38.36 24.26 -26.48
C VAL D 451 38.02 22.77 -26.59
N CYS D 452 37.73 22.25 -27.80
CA CYS D 452 37.52 20.80 -27.92
C CYS D 452 38.81 20.02 -27.68
N ALA D 453 39.95 20.54 -28.16
CA ALA D 453 41.22 19.89 -27.85
C ALA D 453 41.49 19.92 -26.34
N GLU D 454 41.15 21.03 -25.69
CA GLU D 454 41.34 21.08 -24.25
C GLU D 454 40.46 20.06 -23.55
N MET D 455 39.22 19.85 -24.03
CA MET D 455 38.33 18.87 -23.40
C MET D 455 38.82 17.45 -23.61
N VAL D 456 39.35 17.15 -24.79
CA VAL D 456 39.93 15.84 -25.00
C VAL D 456 41.11 15.64 -24.04
N ALA D 457 41.94 16.66 -23.88
CA ALA D 457 43.06 16.53 -22.98
C ALA D 457 42.61 16.29 -21.55
N LYS D 458 41.51 16.94 -21.15
CA LYS D 458 41.00 16.74 -19.78
C LYS D 458 40.32 15.38 -19.61
N TYR D 459 39.66 14.87 -20.66
CA TYR D 459 39.04 13.56 -20.61
C TYR D 459 40.05 12.48 -20.25
N ASP D 460 41.15 12.40 -20.99
CA ASP D 460 42.11 11.34 -20.73
C ASP D 460 42.76 11.52 -19.38
N LEU D 461 42.69 12.71 -18.79
CA LEU D 461 43.15 12.81 -17.43
C LEU D 461 42.11 12.29 -16.43
N LEU D 462 40.80 12.46 -16.70
CA LEU D 462 39.80 11.86 -15.83
C LEU D 462 39.70 10.37 -16.04
N VAL D 463 39.36 9.97 -17.23
CA VAL D 463 39.09 8.57 -17.52
C VAL D 463 40.37 7.76 -17.59
N MET D 464 40.37 6.59 -16.95
CA MET D 464 41.49 5.67 -17.11
C MET D 464 41.59 5.21 -18.56
N THR D 465 42.82 5.10 -19.05
CA THR D 465 43.00 4.83 -20.47
C THR D 465 42.82 3.35 -20.80
N THR D 466 43.67 2.50 -20.23
CA THR D 466 43.60 1.06 -20.45
C THR D 466 43.84 0.29 -19.15
N ASP E 440 24.70 32.22 -42.43
CA ASP E 440 24.16 32.22 -41.07
C ASP E 440 24.83 31.26 -40.08
N MET E 441 26.09 30.95 -40.35
CA MET E 441 26.83 29.99 -39.57
C MET E 441 27.33 30.59 -38.26
N ALA E 442 27.60 31.89 -38.25
CA ALA E 442 28.26 32.56 -37.14
C ALA E 442 27.63 32.19 -35.81
N LYS E 443 26.36 32.55 -35.65
CA LYS E 443 25.61 32.19 -34.45
C LYS E 443 25.88 30.74 -34.05
N THR E 444 25.63 29.80 -34.97
CA THR E 444 25.86 28.38 -34.67
C THR E 444 27.23 28.19 -34.06
N ILE E 445 28.27 28.53 -34.80
CA ILE E 445 29.60 28.29 -34.27
C ILE E 445 29.84 29.14 -33.04
N SER E 446 29.34 30.37 -33.03
CA SER E 446 29.46 31.13 -31.79
C SER E 446 28.73 30.41 -30.68
N SER E 447 27.55 29.89 -30.97
CA SER E 447 26.81 29.18 -29.95
C SER E 447 27.60 28.00 -29.40
N LEU E 448 28.37 27.33 -30.26
CA LEU E 448 29.18 26.24 -29.73
C LEU E 448 30.20 26.75 -28.76
N ASN E 449 30.83 27.88 -29.07
CA ASN E 449 31.76 28.46 -28.12
C ASN E 449 31.06 28.91 -26.86
N ARG E 450 29.77 29.22 -26.96
CA ARG E 450 28.99 29.58 -25.80
C ARG E 450 28.66 28.37 -24.93
N VAL E 451 28.94 27.14 -25.37
CA VAL E 451 28.69 26.00 -24.49
C VAL E 451 29.99 25.27 -24.16
N CYS E 452 30.71 24.82 -25.19
CA CYS E 452 31.89 24.01 -24.94
C CYS E 452 32.79 24.68 -23.93
N ALA E 453 33.13 25.94 -24.17
CA ALA E 453 34.02 26.64 -23.27
C ALA E 453 33.52 26.52 -21.85
N GLU E 454 32.25 26.81 -21.64
CA GLU E 454 31.68 26.77 -20.29
C GLU E 454 31.88 25.40 -19.66
N MET E 455 31.58 24.34 -20.40
CA MET E 455 31.71 23.01 -19.80
C MET E 455 33.16 22.62 -19.63
N VAL E 456 34.03 23.09 -20.52
CA VAL E 456 35.45 22.91 -20.26
C VAL E 456 35.81 23.58 -18.94
N ALA E 457 35.30 24.80 -18.71
CA ALA E 457 35.52 25.46 -17.43
C ALA E 457 35.05 24.58 -16.28
N LYS E 458 33.94 23.86 -16.48
CA LYS E 458 33.48 22.91 -15.45
C LYS E 458 34.54 21.86 -15.19
N TYR E 459 35.00 21.17 -16.23
CA TYR E 459 36.05 20.19 -16.01
C TYR E 459 37.28 20.86 -15.44
N ASP E 460 37.42 22.19 -15.64
CA ASP E 460 38.59 22.88 -15.13
C ASP E 460 38.58 22.88 -13.60
N LEU E 461 37.40 23.02 -12.99
CA LEU E 461 37.35 23.03 -11.52
C LEU E 461 37.80 21.70 -10.96
N LEU E 462 37.47 20.60 -11.64
CA LEU E 462 37.82 19.28 -11.14
C LEU E 462 39.34 19.12 -11.05
N VAL E 463 40.07 19.57 -12.07
CA VAL E 463 41.51 19.35 -12.10
C VAL E 463 42.27 20.61 -11.67
#